data_4KTP
#
_entry.id   4KTP
#
_cell.length_a   206.076
_cell.length_b   76.959
_cell.length_c   145.766
_cell.angle_alpha   90.00
_cell.angle_beta   128.39
_cell.angle_gamma   90.00
#
_symmetry.space_group_name_H-M   'C 1 2 1'
#
loop_
_entity.id
_entity.type
_entity.pdbx_description
1 polymer 'Glycoside hydrolase family 65 central catalytic'
2 non-polymer beta-D-glucopyranose
3 non-polymer 'PENTAETHYLENE GLYCOL'
4 non-polymer 'TETRAETHYLENE GLYCOL'
5 non-polymer 'CALCIUM ION'
6 water water
#
_entity_poly.entity_id   1
_entity_poly.type   'polypeptide(L)'
_entity_poly.pdbx_seq_one_letter_code
;MHEIGEHLTTNTGWDIIKNRYEAAQAITEGSNFMIGNGFMGYRGTFAEDGKDAYAACIVTDTWDKADGKWEELSTVPNAL
LTLLHVDGEPFIMSEEAASFERTLDLSQGVTSRKVSQRMKNGATITIHEEKFASYRKKHAVLMKYTVESDQDTDAVLDTG
IDYDVWSINGDHLQGHHYFSHPTGDGVTAKTVSYEDTVTVVETCSLDADASEEDYQNPDGSGRTFPLSLEAGKPVTLEKA
MIIYSSNDVDNPQDEALLEAKHMQSYEEEKAANRLEWDNLWSHYDVTIQNNIIDQVALRFNIYHAIIATPVHKSLPIGAR
GLSCQAYQGAAFWDQEIYNMPMYLYSNPEIARNILKYRHRTLDGARRKAKRLGYEGAYYAWISGKTGDELCPDFFFKDVL
SGRDIRNHFNDWQIHISPDIAYAVKKYHQVTGDDAFIRDYGAEMIFEIARFLASHAVYKPMRGRYEFMRVQGPDEYHENV
DNNAFTNHQAMFTLQAADELLQTLDEKTLSAVKEKIGLSDDEISLWRDMLANTYVPKPDKHGIIEQFDGYYDLETIIPAK
KVTERLIKEDEYYGYPNGVTVRTQCIKQADVIQLFVLHPHLYDRKTVELNYEFYEPRTLHFSSLSPSSYAIVAAQIDKVE
EAYRNFRKSVMIDLLNTNEAVSGGTFIGGIHTAANGASWQMVVNGFGGLSVHGDDIHLSPRLPDAWDGYTFKAIVKGQTL
EVDVTKEQITITNKSEDRKPLTLHIFGEKSVLDSERITKSRLEHHHHHH
;
_entity_poly.pdbx_strand_id   A,B
#
# COMPACT_ATOMS: atom_id res chain seq x y z
N MET A 1 -1.77 16.09 49.51
CA MET A 1 -3.02 15.43 49.15
C MET A 1 -3.81 16.34 48.23
N HIS A 2 -3.19 16.78 47.12
CA HIS A 2 -3.78 17.80 46.22
C HIS A 2 -3.39 17.68 44.71
N GLU A 3 -2.17 18.02 44.25
CA GLU A 3 -1.95 18.35 42.80
C GLU A 3 -1.76 17.18 41.79
N ILE A 4 -2.57 17.14 40.74
CA ILE A 4 -2.47 16.05 39.74
C ILE A 4 -1.73 16.60 38.52
N GLY A 5 -2.04 17.84 38.20
CA GLY A 5 -1.45 18.44 37.03
C GLY A 5 -1.99 19.82 36.89
N GLU A 6 -2.02 20.23 35.62
CA GLU A 6 -2.50 21.53 35.24
C GLU A 6 -2.84 22.29 36.50
N HIS A 7 -4.12 22.53 36.63
CA HIS A 7 -4.69 23.21 37.79
C HIS A 7 -5.73 22.19 38.23
N LEU A 8 -5.27 20.92 38.32
CA LEU A 8 -6.16 19.83 38.71
C LEU A 8 -5.75 19.26 40.03
N THR A 9 -6.70 19.09 40.92
CA THR A 9 -6.34 18.59 42.25
C THR A 9 -7.35 17.55 42.70
N THR A 10 -7.05 16.88 43.81
CA THR A 10 -8.07 16.07 44.52
C THR A 10 -7.95 16.49 45.95
N ASN A 11 -9.04 16.45 46.68
CA ASN A 11 -9.09 16.73 48.12
C ASN A 11 -9.12 15.42 48.91
N THR A 12 -9.98 14.48 48.51
CA THR A 12 -10.18 13.21 49.25
C THR A 12 -9.80 11.89 48.56
N GLY A 13 -9.29 11.95 47.32
CA GLY A 13 -9.04 10.76 46.49
C GLY A 13 -10.31 10.25 45.85
N TRP A 14 -11.46 10.93 46.05
CA TRP A 14 -12.72 10.50 45.40
C TRP A 14 -13.18 11.61 44.47
N ASP A 15 -12.41 12.67 44.36
CA ASP A 15 -12.91 13.82 43.55
C ASP A 15 -11.84 14.42 42.74
N ILE A 16 -12.16 15.01 41.57
CA ILE A 16 -11.11 15.64 40.80
C ILE A 16 -11.68 17.07 40.61
N ILE A 17 -10.83 18.07 40.76
CA ILE A 17 -11.30 19.52 40.79
C ILE A 17 -10.36 20.26 39.89
N LYS A 18 -10.93 21.11 39.04
CA LYS A 18 -10.12 21.99 38.21
C LYS A 18 -10.49 23.41 38.59
N ASN A 19 -9.50 24.21 38.98
CA ASN A 19 -9.91 25.48 39.51
C ASN A 19 -9.53 26.64 38.58
N ARG A 20 -9.39 26.40 37.28
CA ARG A 20 -9.27 27.44 36.30
C ARG A 20 -10.07 27.14 35.12
N TYR A 21 -10.76 28.17 34.59
CA TYR A 21 -11.54 27.96 33.42
C TYR A 21 -10.66 28.22 32.19
N GLU A 22 -10.57 27.29 31.24
CA GLU A 22 -9.80 27.54 30.04
C GLU A 22 -10.67 27.19 28.84
N ALA A 23 -11.05 28.18 28.00
CA ALA A 23 -12.00 27.83 26.95
C ALA A 23 -11.39 26.81 25.93
N ALA A 24 -10.08 26.85 25.78
CA ALA A 24 -9.42 25.93 24.81
C ALA A 24 -9.52 24.45 25.26
N GLN A 25 -9.66 24.20 26.57
CA GLN A 25 -9.73 22.79 27.12
C GLN A 25 -11.12 22.11 27.00
N ALA A 26 -12.07 22.72 26.30
CA ALA A 26 -13.44 22.24 26.41
C ALA A 26 -13.64 20.81 25.93
N ILE A 27 -13.02 20.41 24.79
CA ILE A 27 -13.26 19.05 24.39
C ILE A 27 -12.73 18.08 25.53
N THR A 28 -11.54 18.33 26.05
CA THR A 28 -10.95 17.48 27.10
C THR A 28 -11.74 17.55 28.37
N GLU A 29 -11.98 18.75 28.86
CA GLU A 29 -12.80 18.91 30.08
C GLU A 29 -14.18 18.27 30.00
N GLY A 30 -14.89 18.47 28.89
CA GLY A 30 -16.25 17.88 28.78
C GLY A 30 -16.21 16.33 28.76
N SER A 31 -15.10 15.72 28.27
CA SER A 31 -14.98 14.23 28.32
C SER A 31 -14.65 13.86 29.76
N ASN A 32 -13.62 14.47 30.34
CA ASN A 32 -13.13 14.02 31.65
C ASN A 32 -14.14 14.17 32.71
N PHE A 33 -14.96 15.24 32.60
CA PHE A 33 -15.87 15.57 33.72
C PHE A 33 -17.26 15.10 33.42
N MET A 34 -17.38 14.19 32.45
CA MET A 34 -18.74 13.72 32.07
C MET A 34 -19.43 12.84 33.15
N ILE A 35 -20.73 12.64 32.95
CA ILE A 35 -21.59 11.72 33.70
C ILE A 35 -22.24 10.68 32.81
N GLY A 36 -22.68 9.54 33.36
CA GLY A 36 -23.27 8.58 32.44
C GLY A 36 -23.64 7.35 33.25
N ASN A 37 -24.22 6.35 32.58
CA ASN A 37 -24.79 5.24 33.31
C ASN A 37 -24.88 3.99 32.43
N GLY A 38 -24.14 3.97 31.33
CA GLY A 38 -24.14 2.79 30.38
C GLY A 38 -25.26 2.92 29.32
N PHE A 39 -26.29 3.70 29.66
CA PHE A 39 -27.38 3.96 28.69
C PHE A 39 -27.09 5.28 27.96
N MET A 40 -26.61 6.32 28.66
CA MET A 40 -26.21 7.49 27.95
C MET A 40 -24.96 8.02 28.52
N GLY A 41 -24.40 8.98 27.79
CA GLY A 41 -23.24 9.78 28.26
C GLY A 41 -23.68 11.21 28.12
N TYR A 42 -23.40 12.06 29.13
CA TYR A 42 -23.80 13.46 29.04
C TYR A 42 -22.49 14.21 29.35
N ARG A 43 -21.96 14.93 28.33
CA ARG A 43 -20.67 15.62 28.53
C ARG A 43 -20.66 16.61 29.68
N GLY A 44 -19.49 16.79 30.34
CA GLY A 44 -19.46 17.63 31.56
C GLY A 44 -19.38 19.15 31.18
N THR A 45 -20.33 19.61 30.38
CA THR A 45 -20.42 21.05 30.08
C THR A 45 -21.23 21.73 31.18
N PHE A 46 -21.37 23.06 31.09
CA PHE A 46 -22.17 23.81 32.05
C PHE A 46 -23.54 24.14 31.35
N ALA A 47 -24.50 24.57 32.14
CA ALA A 47 -25.94 24.49 31.77
C ALA A 47 -26.13 25.50 30.61
N GLU A 48 -25.29 26.53 30.50
CA GLU A 48 -25.47 27.49 29.33
C GLU A 48 -24.81 27.03 28.02
N ASP A 49 -24.11 25.87 28.01
CA ASP A 49 -23.32 25.49 26.85
C ASP A 49 -24.11 24.86 25.71
N GLY A 50 -23.71 25.11 24.50
CA GLY A 50 -24.32 24.33 23.39
C GLY A 50 -23.26 23.79 22.45
N LYS A 51 -23.53 23.94 21.17
CA LYS A 51 -22.78 23.34 20.09
C LYS A 51 -21.33 23.85 20.08
N ASP A 52 -21.16 25.14 20.39
CA ASP A 52 -19.82 25.77 20.35
C ASP A 52 -18.94 25.28 21.47
N ALA A 53 -19.53 24.80 22.57
CA ALA A 53 -18.73 24.23 23.67
C ALA A 53 -18.68 22.68 23.65
N TYR A 54 -19.13 22.12 22.54
CA TYR A 54 -19.16 20.65 22.34
C TYR A 54 -20.00 19.93 23.46
N ALA A 55 -21.11 20.56 23.89
CA ALA A 55 -22.12 19.86 24.75
C ALA A 55 -22.64 18.63 23.98
N ALA A 56 -22.89 17.51 24.68
CA ALA A 56 -23.61 16.42 24.02
C ALA A 56 -24.15 15.42 25.01
N CYS A 57 -25.31 14.90 24.67
CA CYS A 57 -25.89 13.72 25.28
C CYS A 57 -25.95 12.66 24.21
N ILE A 58 -25.19 11.60 24.46
CA ILE A 58 -25.01 10.49 23.46
C ILE A 58 -25.79 9.31 24.01
N VAL A 59 -26.71 8.74 23.22
CA VAL A 59 -27.63 7.72 23.69
C VAL A 59 -27.39 6.38 23.00
N THR A 60 -27.23 5.33 23.79
CA THR A 60 -27.07 3.98 23.23
C THR A 60 -28.23 3.53 22.31
N ASP A 61 -27.86 2.77 21.29
CA ASP A 61 -28.85 2.09 20.42
C ASP A 61 -29.66 3.17 19.64
N THR A 62 -28.98 4.24 19.21
CA THR A 62 -29.60 5.20 18.29
C THR A 62 -28.63 5.35 17.08
N TRP A 63 -28.00 4.24 16.69
CA TRP A 63 -27.08 4.30 15.52
C TRP A 63 -27.72 4.89 14.25
N ASP A 64 -26.97 5.75 13.54
CA ASP A 64 -27.53 6.34 12.35
C ASP A 64 -26.40 6.58 11.40
N LYS A 65 -26.67 6.53 10.08
CA LYS A 65 -25.60 6.75 9.10
C LYS A 65 -26.08 7.78 8.09
N ALA A 66 -26.53 8.91 8.61
CA ALA A 66 -26.95 10.08 7.81
C ALA A 66 -25.95 10.48 6.72
N ASP A 67 -24.64 10.54 6.99
CA ASP A 67 -23.72 10.94 5.96
C ASP A 67 -23.37 9.85 4.95
N GLY A 68 -23.97 8.66 5.03
CA GLY A 68 -23.68 7.57 4.10
C GLY A 68 -22.36 6.84 4.33
N LYS A 69 -21.57 7.26 5.30
CA LYS A 69 -20.31 6.61 5.66
C LYS A 69 -20.13 6.17 7.13
N TRP A 70 -20.26 7.10 8.07
CA TRP A 70 -20.03 6.77 9.48
C TRP A 70 -21.33 6.49 10.16
N GLU A 71 -21.56 5.22 10.52
CA GLU A 71 -22.67 4.88 11.33
C GLU A 71 -22.22 5.10 12.85
N GLU A 72 -22.86 6.04 13.54
CA GLU A 72 -22.47 6.47 14.93
C GLU A 72 -23.76 6.68 15.73
N LEU A 73 -23.64 6.78 17.07
CA LEU A 73 -24.79 7.00 17.88
C LEU A 73 -25.28 8.44 17.64
N SER A 74 -26.53 8.66 17.97
CA SER A 74 -27.09 10.03 17.85
C SER A 74 -26.81 10.86 19.11
N THR A 75 -26.60 12.16 18.89
CA THR A 75 -26.63 13.13 19.98
C THR A 75 -28.04 13.70 19.96
N VAL A 76 -28.61 13.89 21.12
CA VAL A 76 -30.06 14.14 21.20
C VAL A 76 -30.29 15.58 21.73
N PRO A 77 -31.54 16.08 21.63
CA PRO A 77 -31.84 17.44 22.12
C PRO A 77 -31.50 17.56 23.61
N ASN A 78 -30.92 18.70 24.03
CA ASN A 78 -30.48 18.91 25.40
C ASN A 78 -31.51 19.65 26.27
N ALA A 79 -32.20 18.93 27.18
CA ALA A 79 -33.30 19.42 27.99
C ALA A 79 -32.76 20.12 29.27
N LEU A 80 -31.42 20.23 29.41
CA LEU A 80 -30.82 20.93 30.52
C LEU A 80 -30.32 22.37 30.17
N LEU A 81 -30.53 22.87 28.94
CA LEU A 81 -30.02 24.17 28.56
C LEU A 81 -30.60 25.22 29.52
N THR A 82 -29.74 26.07 30.11
CA THR A 82 -30.20 27.04 31.09
C THR A 82 -29.28 28.26 30.91
N LEU A 83 -29.84 29.45 30.57
CA LEU A 83 -29.04 30.64 30.25
C LEU A 83 -29.48 31.73 31.20
N LEU A 84 -28.51 32.45 31.76
CA LEU A 84 -28.78 33.51 32.75
C LEU A 84 -28.32 34.84 32.17
N HIS A 85 -29.16 35.87 32.36
CA HIS A 85 -28.74 37.26 32.10
C HIS A 85 -28.94 37.96 33.41
N VAL A 86 -28.11 38.98 33.66
CA VAL A 86 -28.19 39.76 34.88
C VAL A 86 -28.21 41.25 34.42
N ASP A 87 -29.33 41.87 34.72
CA ASP A 87 -29.63 43.24 34.15
C ASP A 87 -29.33 43.33 32.63
N GLY A 88 -29.77 42.30 31.92
CA GLY A 88 -29.65 42.20 30.47
C GLY A 88 -28.33 41.73 30.02
N GLU A 89 -27.38 41.43 30.94
CA GLU A 89 -26.04 41.02 30.50
C GLU A 89 -25.89 39.49 30.66
N PRO A 90 -25.44 38.82 29.62
CA PRO A 90 -25.42 37.36 29.66
C PRO A 90 -24.28 36.92 30.58
N PHE A 91 -24.48 35.81 31.28
CA PHE A 91 -23.43 35.25 32.17
C PHE A 91 -22.56 34.36 31.24
N ILE A 92 -21.35 34.80 30.96
CA ILE A 92 -20.45 34.05 30.11
C ILE A 92 -19.16 33.74 30.97
N MET A 93 -18.73 32.48 31.00
CA MET A 93 -17.59 32.11 31.85
C MET A 93 -16.44 33.03 31.45
N SER A 94 -15.72 33.62 32.40
CA SER A 94 -14.47 34.31 32.05
C SER A 94 -13.26 33.51 32.55
N GLU A 95 -12.21 33.44 31.76
CA GLU A 95 -10.96 32.81 32.24
C GLU A 95 -10.38 33.52 33.46
N GLU A 96 -10.97 34.63 33.84
CA GLU A 96 -10.50 35.34 35.01
C GLU A 96 -11.58 35.53 36.02
N ALA A 97 -12.49 34.56 36.16
CA ALA A 97 -13.63 34.69 37.08
C ALA A 97 -13.15 34.92 38.49
N ALA A 98 -13.91 35.67 39.29
CA ALA A 98 -13.59 35.89 40.71
C ALA A 98 -13.24 34.60 41.44
N SER A 99 -14.08 33.59 41.24
CA SER A 99 -13.83 32.26 41.76
C SER A 99 -14.42 31.21 40.79
N PHE A 100 -13.70 30.09 40.54
CA PHE A 100 -14.26 29.04 39.67
C PHE A 100 -13.71 27.71 40.14
N GLU A 101 -14.59 26.74 40.26
CA GLU A 101 -14.08 25.37 40.18
C GLU A 101 -15.12 24.51 39.48
N ARG A 102 -14.63 23.48 38.75
CA ARG A 102 -15.52 22.34 38.34
C ARG A 102 -14.99 21.09 39.17
N THR A 103 -15.90 20.19 39.54
CA THR A 103 -15.60 19.04 40.38
C THR A 103 -16.32 17.84 39.77
N LEU A 104 -15.63 16.66 39.72
CA LEU A 104 -16.31 15.40 39.41
C LEU A 104 -16.19 14.54 40.65
N ASP A 105 -17.34 14.16 41.22
CA ASP A 105 -17.34 13.45 42.44
C ASP A 105 -17.39 11.99 41.99
N LEU A 106 -16.28 11.28 42.09
CA LEU A 106 -16.28 9.91 41.49
C LEU A 106 -17.05 8.89 42.33
N SER A 107 -17.34 9.25 43.58
CA SER A 107 -18.09 8.36 44.46
C SER A 107 -19.55 8.15 43.98
N GLN A 108 -20.07 9.07 43.15
CA GLN A 108 -21.44 8.91 42.78
C GLN A 108 -21.75 9.52 41.39
N GLY A 109 -20.75 9.86 40.59
CA GLY A 109 -21.04 10.30 39.18
C GLY A 109 -21.75 11.65 39.23
N VAL A 110 -21.37 12.54 40.15
CA VAL A 110 -22.00 13.88 40.13
C VAL A 110 -20.93 14.86 39.68
N THR A 111 -21.24 15.67 38.63
CA THR A 111 -20.26 16.61 38.10
C THR A 111 -20.89 18.01 38.41
N SER A 112 -20.06 18.97 38.76
CA SER A 112 -20.60 20.24 39.36
C SER A 112 -19.68 21.40 38.95
N ARG A 113 -20.21 22.63 39.09
CA ARG A 113 -19.40 23.82 38.91
C ARG A 113 -19.86 24.75 40.09
N LYS A 114 -18.94 25.55 40.64
CA LYS A 114 -19.32 26.72 41.49
C LYS A 114 -18.52 27.87 40.91
N VAL A 115 -19.20 28.96 40.55
CA VAL A 115 -18.49 30.01 39.90
C VAL A 115 -19.11 31.32 40.44
N SER A 116 -18.22 32.32 40.62
CA SER A 116 -18.65 33.73 41.04
C SER A 116 -18.02 34.70 40.05
N GLN A 117 -18.82 35.63 39.47
CA GLN A 117 -18.30 36.53 38.46
C GLN A 117 -19.01 37.89 38.71
N ARG A 118 -18.25 38.96 38.57
CA ARG A 118 -18.85 40.28 38.88
C ARG A 118 -19.48 40.73 37.56
N MET A 119 -20.70 41.23 37.63
CA MET A 119 -21.40 41.66 36.39
C MET A 119 -21.22 43.23 36.17
N LYS A 120 -21.53 43.73 34.96
CA LYS A 120 -21.50 45.19 34.65
C LYS A 120 -22.26 46.10 35.60
N ASN A 121 -23.37 45.65 36.15
CA ASN A 121 -24.06 46.44 37.15
C ASN A 121 -23.46 46.33 38.55
N GLY A 122 -22.32 45.66 38.69
CA GLY A 122 -21.67 45.55 40.01
C GLY A 122 -22.08 44.34 40.85
N ALA A 123 -23.13 43.63 40.46
CA ALA A 123 -23.55 42.49 41.25
C ALA A 123 -22.47 41.36 41.01
N THR A 124 -22.10 40.69 42.10
CA THR A 124 -21.37 39.41 42.00
C THR A 124 -22.38 38.25 42.09
N ILE A 125 -22.49 37.54 40.98
CA ILE A 125 -23.41 36.43 40.83
C ILE A 125 -22.61 35.09 41.05
N THR A 126 -23.20 34.23 41.83
CA THR A 126 -22.59 32.89 42.16
C THR A 126 -23.56 31.86 41.57
N ILE A 127 -23.02 30.92 40.75
CA ILE A 127 -23.90 29.82 40.27
C ILE A 127 -23.37 28.52 40.92
N HIS A 128 -24.23 27.68 41.45
CA HIS A 128 -23.81 26.34 41.89
C HIS A 128 -24.69 25.39 41.05
N GLU A 129 -24.07 24.45 40.34
CA GLU A 129 -24.84 23.59 39.45
C GLU A 129 -24.21 22.17 39.62
N GLU A 130 -25.08 21.17 39.64
CA GLU A 130 -24.56 19.78 39.68
C GLU A 130 -25.51 19.00 38.80
N LYS A 131 -24.97 17.91 38.21
CA LYS A 131 -25.80 17.00 37.40
C LYS A 131 -25.28 15.59 37.62
N PHE A 132 -26.16 14.65 37.42
CA PHE A 132 -25.80 13.22 37.44
C PHE A 132 -26.72 12.48 36.48
N ALA A 133 -26.22 11.41 35.85
CA ALA A 133 -27.12 10.52 35.09
C ALA A 133 -27.54 9.42 36.04
N SER A 134 -28.83 9.24 36.26
CA SER A 134 -29.21 8.29 37.33
C SER A 134 -28.77 6.86 36.99
N TYR A 135 -28.11 6.19 37.93
CA TYR A 135 -27.83 4.74 37.70
C TYR A 135 -29.09 3.92 38.09
N ARG A 136 -29.97 4.53 38.88
CA ARG A 136 -31.22 3.82 39.26
C ARG A 136 -32.25 3.86 38.08
N LYS A 137 -32.50 5.06 37.54
CA LYS A 137 -33.44 5.24 36.41
C LYS A 137 -32.55 5.64 35.23
N LYS A 138 -32.12 4.65 34.43
CA LYS A 138 -31.03 4.87 33.45
C LYS A 138 -31.47 5.85 32.33
N HIS A 139 -32.78 6.05 32.16
CA HIS A 139 -33.23 7.02 31.13
C HIS A 139 -33.26 8.46 31.54
N ALA A 140 -32.81 8.78 32.75
CA ALA A 140 -32.88 10.13 33.31
C ALA A 140 -31.54 10.76 33.65
N VAL A 141 -31.37 12.02 33.27
CA VAL A 141 -30.22 12.78 33.74
C VAL A 141 -30.75 14.01 34.47
N LEU A 142 -30.22 14.32 35.67
CA LEU A 142 -30.86 15.37 36.53
C LEU A 142 -29.94 16.51 36.78
N MET A 143 -30.48 17.72 37.07
CA MET A 143 -29.60 18.86 37.35
C MET A 143 -30.21 19.68 38.48
N LYS A 144 -29.40 20.27 39.33
CA LYS A 144 -29.85 21.27 40.30
C LYS A 144 -28.96 22.46 40.03
N TYR A 145 -29.56 23.64 39.86
CA TYR A 145 -28.82 24.82 39.41
C TYR A 145 -29.32 25.95 40.33
N THR A 146 -28.39 26.67 40.99
CA THR A 146 -28.76 27.62 42.04
C THR A 146 -28.05 28.87 41.66
N VAL A 147 -28.76 30.02 41.74
CA VAL A 147 -28.12 31.28 41.42
C VAL A 147 -28.36 32.22 42.63
N GLU A 148 -27.36 33.02 42.92
CA GLU A 148 -27.53 33.97 43.98
C GLU A 148 -26.72 35.20 43.64
N SER A 149 -27.18 36.39 44.06
CA SER A 149 -26.48 37.63 43.81
C SER A 149 -26.17 38.28 45.20
N ASP A 150 -25.03 39.00 45.32
CA ASP A 150 -24.76 39.71 46.58
C ASP A 150 -25.46 41.09 46.48
N GLN A 151 -26.17 41.35 45.36
CA GLN A 151 -26.76 42.70 45.08
C GLN A 151 -28.13 42.53 44.43
N ASP A 152 -29.16 43.23 44.92
CA ASP A 152 -30.51 43.13 44.31
C ASP A 152 -30.36 43.40 42.87
N THR A 153 -31.01 42.63 42.00
CA THR A 153 -30.85 42.83 40.56
C THR A 153 -31.90 42.14 39.75
N ASP A 154 -32.29 42.72 38.59
CA ASP A 154 -33.09 41.94 37.59
C ASP A 154 -32.20 40.80 37.06
N ALA A 155 -32.84 39.68 36.76
CA ALA A 155 -32.17 38.62 36.04
C ALA A 155 -33.23 37.95 35.17
N VAL A 156 -32.78 37.29 34.12
CA VAL A 156 -33.69 36.37 33.39
C VAL A 156 -32.98 34.98 33.34
N LEU A 157 -33.79 33.94 33.56
CA LEU A 157 -33.35 32.53 33.44
C LEU A 157 -34.17 32.00 32.29
N ASP A 158 -33.49 31.60 31.21
CA ASP A 158 -34.14 30.99 30.05
C ASP A 158 -33.74 29.50 30.16
N THR A 159 -34.73 28.60 30.23
CA THR A 159 -34.40 27.18 30.35
C THR A 159 -35.29 26.40 29.36
N GLY A 160 -34.85 25.28 28.82
CA GLY A 160 -35.62 24.59 27.82
C GLY A 160 -34.85 23.45 27.20
N ILE A 161 -35.14 23.20 25.94
CA ILE A 161 -34.62 22.04 25.18
C ILE A 161 -34.00 22.70 24.00
N ASP A 162 -32.65 22.50 23.85
CA ASP A 162 -31.94 22.90 22.69
C ASP A 162 -31.96 21.74 21.67
N TYR A 163 -32.40 22.01 20.44
CA TYR A 163 -32.33 20.95 19.45
C TYR A 163 -31.06 21.07 18.62
N ASP A 164 -30.36 22.22 18.67
CA ASP A 164 -29.36 22.50 17.66
C ASP A 164 -28.02 21.94 18.20
N VAL A 165 -27.91 20.63 18.32
CA VAL A 165 -26.80 20.04 19.10
C VAL A 165 -25.62 19.62 18.19
N TRP A 166 -24.39 19.62 18.75
CA TRP A 166 -23.21 19.21 18.02
C TRP A 166 -23.37 17.75 17.59
N SER A 167 -23.06 17.41 16.35
CA SER A 167 -23.02 16.04 15.89
C SER A 167 -21.80 15.91 14.96
N ILE A 168 -21.00 14.88 15.10
CA ILE A 168 -19.78 14.85 14.31
C ILE A 168 -20.00 14.60 12.82
N ASN A 169 -20.71 13.53 12.47
CA ASN A 169 -20.81 13.13 11.05
C ASN A 169 -22.22 13.36 10.53
N GLY A 170 -22.73 14.60 10.73
CA GLY A 170 -24.02 15.00 10.15
C GLY A 170 -25.13 14.93 11.20
N ASP A 171 -26.23 15.63 10.95
CA ASP A 171 -27.28 15.56 11.98
C ASP A 171 -28.01 14.25 11.90
N HIS A 172 -28.30 13.59 13.05
CA HIS A 172 -28.89 12.25 12.98
C HIS A 172 -30.37 12.20 13.19
N LEU A 173 -30.99 13.31 13.62
CA LEU A 173 -32.44 13.33 13.99
C LEU A 173 -33.13 14.34 13.09
N GLN A 174 -34.36 14.05 12.66
CA GLN A 174 -35.05 14.99 11.79
C GLN A 174 -36.52 14.91 12.20
N GLY A 175 -37.30 15.91 11.79
CA GLY A 175 -38.75 15.74 12.03
C GLY A 175 -39.16 16.16 13.40
N HIS A 176 -38.43 17.10 14.04
CA HIS A 176 -38.61 17.36 15.47
C HIS A 176 -39.95 17.89 15.69
N HIS A 177 -40.64 17.27 16.62
CA HIS A 177 -42.00 17.62 17.00
C HIS A 177 -42.10 17.96 18.49
N TYR A 178 -42.52 19.19 18.77
CA TYR A 178 -42.67 19.76 20.08
C TYR A 178 -43.93 19.24 20.77
N PHE A 179 -43.90 18.95 22.07
CA PHE A 179 -45.18 18.70 22.81
C PHE A 179 -45.01 19.17 24.25
N SER A 180 -46.10 19.30 25.03
CA SER A 180 -45.91 19.77 26.41
C SER A 180 -46.58 18.79 27.35
N HIS A 181 -46.25 18.86 28.63
CA HIS A 181 -46.76 17.92 29.63
C HIS A 181 -46.81 18.68 30.92
N PRO A 182 -47.37 18.11 32.01
CA PRO A 182 -47.57 19.05 33.15
C PRO A 182 -46.32 19.69 33.76
N THR A 183 -45.11 19.18 33.51
CA THR A 183 -43.93 19.77 34.21
C THR A 183 -42.88 20.33 33.27
N GLY A 184 -43.24 20.50 32.01
CA GLY A 184 -42.35 21.14 31.08
C GLY A 184 -42.66 20.71 29.64
N ASP A 185 -41.60 20.65 28.81
CA ASP A 185 -41.70 20.41 27.38
C ASP A 185 -41.16 19.05 26.97
N GLY A 186 -41.36 18.70 25.73
CA GLY A 186 -40.73 17.48 25.20
C GLY A 186 -40.54 17.65 23.71
N VAL A 187 -39.75 16.77 23.08
CA VAL A 187 -39.62 16.72 21.61
C VAL A 187 -39.44 15.30 21.21
N THR A 188 -40.02 14.96 20.07
CA THR A 188 -39.90 13.61 19.50
C THR A 188 -39.41 13.81 18.10
N ALA A 189 -38.46 12.97 17.69
CA ALA A 189 -37.83 13.10 16.40
C ALA A 189 -37.58 11.71 15.84
N LYS A 190 -37.16 11.66 14.58
CA LYS A 190 -36.87 10.37 14.00
C LYS A 190 -35.43 10.37 13.46
N THR A 191 -34.80 9.21 13.57
CA THR A 191 -33.47 9.07 13.01
C THR A 191 -33.51 9.06 11.45
N VAL A 192 -32.43 9.53 10.82
CA VAL A 192 -32.35 9.64 9.33
C VAL A 192 -32.35 8.28 8.56
N SER A 193 -31.43 7.35 8.90
CA SER A 193 -31.30 6.06 8.21
C SER A 193 -32.46 5.13 8.48
N TYR A 194 -32.79 4.92 9.75
CA TYR A 194 -33.64 3.78 10.11
C TYR A 194 -35.03 4.22 10.54
N GLU A 195 -35.21 5.55 10.64
CA GLU A 195 -36.45 6.14 11.11
C GLU A 195 -36.93 5.62 12.47
N ASP A 196 -35.98 5.49 13.39
CA ASP A 196 -36.29 5.09 14.72
C ASP A 196 -36.78 6.34 15.47
N THR A 197 -37.71 6.21 16.39
CA THR A 197 -38.19 7.40 17.14
C THR A 197 -37.32 7.62 18.36
N VAL A 198 -36.94 8.86 18.60
CA VAL A 198 -36.25 9.24 19.89
C VAL A 198 -37.08 10.40 20.48
N THR A 199 -37.39 10.30 21.76
CA THR A 199 -38.13 11.33 22.50
C THR A 199 -37.28 11.78 23.66
N VAL A 200 -37.18 13.10 23.80
CA VAL A 200 -36.60 13.66 25.03
C VAL A 200 -37.66 14.43 25.79
N VAL A 201 -37.79 14.17 27.09
CA VAL A 201 -38.74 14.90 27.93
C VAL A 201 -38.02 15.74 28.95
N GLU A 202 -38.52 16.96 29.19
CA GLU A 202 -37.85 17.87 30.07
C GLU A 202 -38.77 18.03 31.24
N THR A 203 -38.29 18.03 32.45
CA THR A 203 -39.12 18.42 33.62
C THR A 203 -38.43 19.61 34.24
N CYS A 204 -39.18 20.52 34.87
CA CYS A 204 -38.56 21.84 35.19
C CYS A 204 -39.30 22.34 36.42
N SER A 205 -38.57 22.66 37.48
CA SER A 205 -39.21 23.18 38.70
C SER A 205 -38.36 24.33 39.22
N LEU A 206 -38.92 25.54 39.36
CA LEU A 206 -38.18 26.71 39.85
C LEU A 206 -38.80 27.13 41.19
N ASP A 207 -38.00 27.34 42.23
CA ASP A 207 -38.57 27.57 43.57
C ASP A 207 -38.74 29.07 43.84
N ALA A 208 -38.81 29.86 42.80
CA ALA A 208 -39.06 31.30 42.96
C ALA A 208 -40.42 31.50 42.37
N ASP A 209 -41.20 32.40 42.93
CA ASP A 209 -42.61 32.50 42.59
C ASP A 209 -42.82 33.36 41.30
N ALA A 210 -41.72 33.71 40.63
CA ALA A 210 -41.72 34.48 39.37
C ALA A 210 -42.50 33.87 38.18
N SER A 211 -43.07 34.68 37.28
CA SER A 211 -43.83 34.07 36.21
C SER A 211 -42.97 33.91 34.92
N GLU A 212 -43.57 33.44 33.85
CA GLU A 212 -42.83 32.72 32.80
C GLU A 212 -43.47 33.04 31.45
N GLU A 213 -42.71 33.27 30.38
CA GLU A 213 -43.30 33.14 29.04
C GLU A 213 -42.59 32.00 28.25
N ASP A 214 -43.40 31.17 27.58
CA ASP A 214 -42.92 30.02 26.78
C ASP A 214 -42.52 30.35 25.32
N TYR A 215 -41.66 29.59 24.65
CA TYR A 215 -41.33 29.78 23.20
C TYR A 215 -41.07 28.43 22.60
N GLN A 216 -41.42 28.27 21.35
CA GLN A 216 -41.20 27.01 20.60
C GLN A 216 -40.70 27.47 19.26
N ASN A 217 -39.44 27.17 18.93
CA ASN A 217 -38.92 27.55 17.63
C ASN A 217 -38.40 26.27 16.93
N PRO A 218 -37.97 26.42 15.66
CA PRO A 218 -37.41 25.23 15.03
C PRO A 218 -36.10 24.71 15.65
N ASP A 219 -35.40 25.52 16.43
CA ASP A 219 -34.13 25.12 17.09
C ASP A 219 -34.25 24.76 18.58
N GLY A 220 -35.46 24.80 19.13
CA GLY A 220 -35.66 24.52 20.53
C GLY A 220 -36.94 25.12 21.07
N SER A 221 -37.24 24.77 22.29
CA SER A 221 -38.36 25.28 23.06
C SER A 221 -37.91 25.58 24.41
N GLY A 222 -38.66 26.37 25.14
CA GLY A 222 -38.42 26.51 26.58
C GLY A 222 -39.27 27.68 27.13
N ARG A 223 -38.74 28.34 28.13
CA ARG A 223 -39.48 29.43 28.78
C ARG A 223 -38.46 30.41 29.40
N THR A 224 -38.85 31.67 29.53
CA THR A 224 -38.02 32.71 30.20
C THR A 224 -38.72 33.13 31.49
N PHE A 225 -37.97 33.16 32.60
CA PHE A 225 -38.41 33.64 33.93
C PHE A 225 -37.70 34.97 34.24
N PRO A 226 -38.42 36.10 34.12
CA PRO A 226 -37.78 37.37 34.49
C PRO A 226 -37.80 37.39 36.02
N LEU A 227 -36.64 37.47 36.65
CA LEU A 227 -36.59 37.46 38.12
C LEU A 227 -36.13 38.83 38.71
N SER A 228 -36.49 39.01 39.96
CA SER A 228 -36.03 40.11 40.79
C SER A 228 -35.27 39.41 41.87
N LEU A 229 -33.96 39.33 41.75
CA LEU A 229 -33.09 38.63 42.74
C LEU A 229 -32.88 39.63 43.91
N GLU A 230 -32.90 39.04 45.09
CA GLU A 230 -32.71 39.68 46.40
C GLU A 230 -31.30 39.34 46.85
N ALA A 231 -30.49 40.34 47.23
CA ALA A 231 -29.10 40.12 47.70
C ALA A 231 -29.09 38.99 48.73
N GLY A 232 -28.23 37.98 48.52
CA GLY A 232 -28.13 36.89 49.53
C GLY A 232 -29.22 35.81 49.51
N LYS A 233 -30.24 35.94 48.66
CA LYS A 233 -31.34 34.97 48.61
C LYS A 233 -31.25 34.08 47.34
N PRO A 234 -30.79 32.81 47.48
CA PRO A 234 -30.68 32.02 46.21
C PRO A 234 -32.03 31.56 45.62
N VAL A 235 -32.01 31.32 44.31
CA VAL A 235 -33.07 30.76 43.53
C VAL A 235 -32.57 29.41 42.94
N THR A 236 -33.37 28.34 43.17
CA THR A 236 -33.08 27.00 42.65
C THR A 236 -33.98 26.47 41.59
N LEU A 237 -33.34 25.95 40.52
CA LEU A 237 -33.96 25.34 39.44
C LEU A 237 -33.58 23.83 39.49
N GLU A 238 -34.57 22.90 39.48
CA GLU A 238 -34.30 21.46 39.36
C GLU A 238 -34.89 21.00 38.03
N LYS A 239 -34.10 20.21 37.27
CA LYS A 239 -34.58 19.64 36.04
C LYS A 239 -34.27 18.14 35.92
N ALA A 240 -35.12 17.45 35.16
CA ALA A 240 -34.77 16.14 34.69
C ALA A 240 -34.80 16.16 33.16
N MET A 241 -33.93 15.35 32.52
CA MET A 241 -33.93 15.14 31.06
C MET A 241 -34.12 13.64 30.87
N ILE A 242 -35.19 13.21 30.22
CA ILE A 242 -35.53 11.78 30.13
C ILE A 242 -35.52 11.42 28.67
N ILE A 243 -34.86 10.32 28.31
CA ILE A 243 -34.75 9.93 26.95
C ILE A 243 -35.19 8.45 26.69
N TYR A 244 -36.02 8.21 25.68
CA TYR A 244 -36.44 6.86 25.24
C TYR A 244 -36.37 6.80 23.74
N SER A 245 -35.95 5.64 23.20
CA SER A 245 -36.07 5.42 21.74
C SER A 245 -36.94 4.20 21.50
N SER A 246 -37.37 4.07 20.23
CA SER A 246 -38.19 2.91 19.82
C SER A 246 -37.30 1.69 19.70
N ASN A 247 -35.97 1.80 19.87
CA ASN A 247 -35.16 0.57 20.10
C ASN A 247 -35.13 0.11 21.54
N ASP A 248 -35.63 0.91 22.45
CA ASP A 248 -35.71 0.52 23.86
C ASP A 248 -37.12 0.00 24.20
N VAL A 249 -38.15 0.69 23.71
CA VAL A 249 -39.56 0.37 24.07
C VAL A 249 -40.42 0.55 22.82
N ASP A 250 -41.65 0.02 22.83
CA ASP A 250 -42.52 0.21 21.66
C ASP A 250 -43.08 1.65 21.54
N ASN A 251 -43.36 2.31 22.66
CA ASN A 251 -43.97 3.67 22.67
C ASN A 251 -43.04 4.67 23.45
N PRO A 252 -41.92 5.15 22.80
CA PRO A 252 -40.97 5.95 23.58
C PRO A 252 -41.61 7.24 24.09
N GLN A 253 -42.51 7.88 23.34
CA GLN A 253 -43.07 9.12 23.88
C GLN A 253 -43.91 8.85 25.13
N ASP A 254 -44.85 7.89 25.03
CA ASP A 254 -45.61 7.52 26.26
C ASP A 254 -44.65 7.13 27.42
N GLU A 255 -43.62 6.31 27.15
CA GLU A 255 -42.80 5.83 28.29
C GLU A 255 -42.03 6.99 28.93
N ALA A 256 -41.46 7.86 28.09
CA ALA A 256 -40.80 9.07 28.61
C ALA A 256 -41.74 9.92 29.47
N LEU A 257 -43.00 10.05 29.02
CA LEU A 257 -43.93 10.82 29.86
C LEU A 257 -44.32 10.08 31.14
N LEU A 258 -44.42 8.74 31.09
CA LEU A 258 -44.71 7.93 32.32
C LEU A 258 -43.52 8.06 33.30
N GLU A 259 -42.30 8.00 32.77
CA GLU A 259 -41.11 8.22 33.59
C GLU A 259 -41.18 9.60 34.23
N ALA A 260 -41.43 10.64 33.43
CA ALA A 260 -41.57 12.02 33.95
C ALA A 260 -42.55 12.10 35.12
N LYS A 261 -43.70 11.47 34.91
CA LYS A 261 -44.78 11.49 35.89
C LYS A 261 -44.32 10.89 37.24
N HIS A 262 -43.47 9.86 37.24
CA HIS A 262 -43.07 9.19 38.47
C HIS A 262 -41.75 9.57 39.01
N MET A 263 -41.12 10.60 38.45
CA MET A 263 -39.89 11.16 39.00
C MET A 263 -40.06 11.67 40.45
N GLN A 264 -39.07 11.49 41.34
CA GLN A 264 -39.14 12.14 42.64
C GLN A 264 -38.32 13.38 42.65
N SER A 265 -38.09 14.00 43.79
CA SER A 265 -37.34 15.28 43.74
C SER A 265 -35.89 14.99 43.35
N TYR A 266 -35.19 16.06 43.01
CA TYR A 266 -33.77 16.01 42.69
C TYR A 266 -33.03 15.30 43.84
N GLU A 267 -33.27 15.72 45.07
CA GLU A 267 -32.57 15.14 46.22
C GLU A 267 -32.93 13.68 46.49
N GLU A 268 -34.19 13.26 46.31
CA GLU A 268 -34.54 11.88 46.44
C GLU A 268 -33.89 11.06 45.30
N GLU A 269 -33.93 11.58 44.06
CA GLU A 269 -33.28 10.84 42.93
C GLU A 269 -31.76 10.66 43.15
N LYS A 270 -31.10 11.72 43.63
CA LYS A 270 -29.68 11.75 43.96
C LYS A 270 -29.38 10.71 45.03
N ALA A 271 -30.21 10.63 46.05
CA ALA A 271 -29.97 9.62 47.10
C ALA A 271 -30.07 8.19 46.57
N ALA A 272 -31.05 7.91 45.69
CA ALA A 272 -31.14 6.59 45.03
C ALA A 272 -29.91 6.31 44.14
N ASN A 273 -29.47 7.31 43.40
CA ASN A 273 -28.20 7.19 42.63
C ASN A 273 -26.99 6.84 43.52
N ARG A 274 -26.92 7.52 44.67
CA ARG A 274 -25.85 7.30 45.65
C ARG A 274 -25.82 5.82 46.03
N LEU A 275 -26.99 5.22 46.25
CA LEU A 275 -27.03 3.83 46.70
C LEU A 275 -26.53 2.87 45.65
N GLU A 276 -26.91 3.14 44.44
CA GLU A 276 -26.41 2.32 43.29
C GLU A 276 -24.92 2.46 43.16
N TRP A 277 -24.42 3.67 43.32
CA TRP A 277 -22.93 3.86 43.20
C TRP A 277 -22.19 3.22 44.36
N ASP A 278 -22.77 3.22 45.56
CA ASP A 278 -22.10 2.48 46.68
C ASP A 278 -21.99 1.02 46.32
N ASN A 279 -23.03 0.47 45.69
CA ASN A 279 -22.96 -0.91 45.31
C ASN A 279 -21.86 -1.13 44.22
N LEU A 280 -21.81 -0.25 43.23
CA LEU A 280 -20.82 -0.39 42.20
C LEU A 280 -19.40 -0.32 42.77
N TRP A 281 -19.13 0.66 43.64
CA TRP A 281 -17.75 0.77 44.23
C TRP A 281 -17.49 -0.40 45.16
N SER A 282 -18.55 -1.02 45.67
CA SER A 282 -18.25 -2.15 46.52
C SER A 282 -17.75 -3.35 45.67
N HIS A 283 -18.11 -3.44 44.37
CA HIS A 283 -17.51 -4.46 43.48
C HIS A 283 -16.15 -4.11 42.93
N TYR A 284 -15.94 -2.85 42.57
CA TYR A 284 -14.82 -2.48 41.71
C TYR A 284 -13.74 -1.64 42.34
N ASP A 285 -13.95 -1.10 43.52
CA ASP A 285 -12.97 -0.11 44.07
C ASP A 285 -11.66 -0.82 44.33
N VAL A 286 -10.56 -0.16 43.97
CA VAL A 286 -9.21 -0.67 44.29
C VAL A 286 -8.56 0.49 45.03
N THR A 287 -8.06 0.23 46.20
CA THR A 287 -7.49 1.29 46.96
C THR A 287 -5.96 1.24 46.91
N ILE A 288 -5.34 2.39 47.03
CA ILE A 288 -3.87 2.53 47.08
C ILE A 288 -3.54 3.39 48.34
N GLN A 289 -2.66 2.87 49.20
CA GLN A 289 -2.27 3.51 50.48
C GLN A 289 -1.10 4.49 50.25
N ASN A 290 -1.32 5.76 50.59
CA ASN A 290 -0.31 6.79 50.63
C ASN A 290 0.18 7.16 49.24
N ASN A 291 -0.75 7.20 48.28
CA ASN A 291 -0.43 7.84 47.05
C ASN A 291 -1.74 8.35 46.47
N ILE A 292 -2.15 9.51 46.94
CA ILE A 292 -3.57 9.91 46.71
C ILE A 292 -3.68 10.31 45.24
N ILE A 293 -2.60 10.79 44.62
CA ILE A 293 -2.71 10.98 43.12
C ILE A 293 -2.95 9.68 42.34
N ASP A 294 -2.23 8.60 42.66
CA ASP A 294 -2.48 7.36 41.93
C ASP A 294 -3.79 6.84 42.30
N GLN A 295 -4.20 7.02 43.56
CA GLN A 295 -5.52 6.49 43.97
C GLN A 295 -6.66 7.17 43.19
N VAL A 296 -6.61 8.48 43.09
CA VAL A 296 -7.71 9.20 42.37
C VAL A 296 -7.69 8.93 40.84
N ALA A 297 -6.48 8.77 40.26
CA ALA A 297 -6.38 8.58 38.80
C ALA A 297 -6.94 7.19 38.57
N LEU A 298 -6.69 6.23 39.48
CA LEU A 298 -7.24 4.86 39.34
C LEU A 298 -8.77 4.85 39.42
N ARG A 299 -9.35 5.53 40.41
CA ARG A 299 -10.80 5.62 40.49
C ARG A 299 -11.37 6.39 39.29
N PHE A 300 -10.65 7.40 38.83
CA PHE A 300 -11.20 8.22 37.66
C PHE A 300 -11.33 7.23 36.47
N ASN A 301 -10.28 6.40 36.31
CA ASN A 301 -10.32 5.43 35.18
C ASN A 301 -11.43 4.42 35.32
N ILE A 302 -11.53 3.79 36.49
CA ILE A 302 -12.60 2.83 36.74
C ILE A 302 -13.96 3.41 36.58
N TYR A 303 -14.14 4.58 37.15
CA TYR A 303 -15.38 5.30 36.92
C TYR A 303 -15.78 5.40 35.42
N HIS A 304 -14.89 5.86 34.56
CA HIS A 304 -15.16 5.99 33.12
C HIS A 304 -15.49 4.69 32.50
N ALA A 305 -14.81 3.60 32.90
CA ALA A 305 -15.09 2.25 32.42
C ALA A 305 -16.51 1.83 32.80
N ILE A 306 -16.90 2.16 34.01
CA ILE A 306 -18.26 1.77 34.51
C ILE A 306 -19.27 2.55 33.68
N ILE A 307 -19.10 3.87 33.56
CA ILE A 307 -20.25 4.57 32.90
C ILE A 307 -20.29 4.33 31.39
N ALA A 308 -19.21 3.81 30.81
CA ALA A 308 -19.26 3.41 29.40
C ALA A 308 -19.94 2.05 29.18
N THR A 309 -20.15 1.28 30.27
CA THR A 309 -20.63 -0.16 30.11
C THR A 309 -22.16 -0.31 30.16
N PRO A 310 -22.81 -0.62 29.03
CA PRO A 310 -24.29 -0.85 29.03
C PRO A 310 -24.62 -2.12 29.79
N VAL A 311 -25.41 -2.01 30.84
CA VAL A 311 -25.84 -3.17 31.61
C VAL A 311 -27.38 -3.35 31.38
N HIS A 312 -28.04 -2.45 30.65
CA HIS A 312 -29.52 -2.49 30.58
C HIS A 312 -29.96 -3.35 29.40
N LYS A 313 -29.08 -3.69 28.48
CA LYS A 313 -29.49 -4.37 27.26
C LYS A 313 -28.20 -4.87 26.64
N SER A 314 -28.29 -5.80 25.68
CA SER A 314 -27.08 -6.45 25.07
C SER A 314 -26.44 -5.58 24.01
N LEU A 315 -25.41 -4.85 24.42
CA LEU A 315 -24.88 -3.72 23.60
C LEU A 315 -23.39 -3.62 23.83
N PRO A 316 -22.67 -3.06 22.86
CA PRO A 316 -21.22 -3.05 23.09
C PRO A 316 -20.81 -1.94 24.01
N ILE A 317 -19.60 -2.09 24.60
CA ILE A 317 -18.91 -0.97 25.26
C ILE A 317 -18.17 -0.26 24.14
N GLY A 318 -18.31 1.05 24.00
CA GLY A 318 -17.68 1.76 22.88
C GLY A 318 -16.24 2.06 23.21
N ALA A 319 -15.41 2.19 22.18
CA ALA A 319 -13.99 2.50 22.41
C ALA A 319 -13.69 3.93 22.88
N ARG A 320 -14.69 4.80 22.75
CA ARG A 320 -14.65 6.10 23.45
C ARG A 320 -15.89 6.24 24.32
N GLY A 321 -16.44 5.08 24.69
CA GLY A 321 -17.60 4.95 25.57
C GLY A 321 -18.75 5.73 24.92
N LEU A 322 -19.38 6.55 25.75
CA LEU A 322 -20.44 7.48 25.33
C LEU A 322 -19.99 8.92 25.50
N SER A 323 -18.65 9.16 25.45
CA SER A 323 -18.10 10.52 25.75
C SER A 323 -18.30 11.46 24.57
N CYS A 324 -18.46 10.88 23.40
CA CYS A 324 -18.66 11.59 22.14
C CYS A 324 -18.92 10.58 21.05
N GLN A 325 -19.10 11.02 19.81
CA GLN A 325 -19.48 10.05 18.75
C GLN A 325 -18.30 9.29 18.17
N ALA A 326 -17.10 9.80 18.46
CA ALA A 326 -15.89 9.14 17.86
C ALA A 326 -15.88 7.63 18.26
N TYR A 327 -15.43 6.81 17.32
CA TYR A 327 -15.29 5.33 17.42
C TYR A 327 -16.66 4.69 17.56
N GLN A 328 -17.71 5.49 17.26
CA GLN A 328 -19.02 4.90 16.80
C GLN A 328 -19.84 4.19 17.87
N GLY A 329 -19.47 4.46 19.11
CA GLY A 329 -20.13 3.86 20.28
C GLY A 329 -20.03 2.33 20.21
N ALA A 330 -19.03 1.80 19.53
CA ALA A 330 -19.04 0.36 19.10
C ALA A 330 -17.91 -0.40 19.80
N ALA A 331 -18.02 -1.73 19.78
CA ALA A 331 -17.04 -2.62 20.39
C ALA A 331 -15.89 -2.83 19.41
N PHE A 332 -14.66 -2.74 19.94
CA PHE A 332 -13.42 -3.17 19.26
C PHE A 332 -12.88 -4.32 20.10
N TRP A 333 -11.74 -4.90 19.71
CA TRP A 333 -11.13 -5.95 20.57
C TRP A 333 -10.89 -5.42 22.00
N ASP A 334 -10.80 -4.09 22.13
CA ASP A 334 -10.70 -3.34 23.41
C ASP A 334 -11.68 -3.95 24.44
N GLN A 335 -12.85 -4.22 23.96
CA GLN A 335 -14.00 -4.59 24.81
C GLN A 335 -13.57 -5.91 25.58
N GLU A 336 -13.12 -6.93 24.82
CA GLU A 336 -12.78 -8.24 25.50
C GLU A 336 -11.44 -8.18 26.17
N ILE A 337 -10.50 -7.51 25.53
CA ILE A 337 -9.09 -7.66 26.05
C ILE A 337 -8.75 -6.63 27.13
N TYR A 338 -9.37 -5.43 27.00
CA TYR A 338 -9.09 -4.35 27.94
C TYR A 338 -10.21 -4.14 28.94
N ASN A 339 -11.46 -4.22 28.51
CA ASN A 339 -12.55 -3.88 29.48
C ASN A 339 -13.13 -5.09 30.24
N MET A 340 -13.13 -6.24 29.60
CA MET A 340 -13.69 -7.41 30.23
C MET A 340 -13.02 -7.88 31.56
N PRO A 341 -11.70 -7.84 31.68
CA PRO A 341 -11.02 -8.44 32.86
C PRO A 341 -11.52 -7.91 34.20
N MET A 342 -11.74 -6.57 34.36
CA MET A 342 -12.23 -6.15 35.69
C MET A 342 -13.55 -6.86 36.00
N TYR A 343 -14.44 -6.93 35.02
CA TYR A 343 -15.71 -7.64 35.24
C TYR A 343 -15.58 -9.16 35.47
N LEU A 344 -14.70 -9.79 34.73
CA LEU A 344 -14.47 -11.16 34.86
C LEU A 344 -14.16 -11.58 36.31
N TYR A 345 -13.25 -10.84 36.95
CA TYR A 345 -12.77 -11.13 38.33
C TYR A 345 -13.61 -10.49 39.43
N SER A 346 -14.36 -9.43 39.12
CA SER A 346 -15.09 -8.64 40.11
C SER A 346 -16.58 -8.82 40.08
N ASN A 347 -17.17 -9.19 38.92
CA ASN A 347 -18.67 -9.29 38.74
C ASN A 347 -18.95 -10.10 37.45
N PRO A 348 -18.63 -11.38 37.47
CA PRO A 348 -18.50 -12.07 36.22
C PRO A 348 -19.76 -12.19 35.39
N GLU A 349 -20.95 -11.94 35.96
CA GLU A 349 -22.14 -11.98 35.09
C GLU A 349 -21.97 -10.88 34.01
N ILE A 350 -21.34 -9.77 34.35
CA ILE A 350 -21.18 -8.70 33.32
C ILE A 350 -20.25 -9.25 32.20
N ALA A 351 -19.20 -10.00 32.57
CA ALA A 351 -18.30 -10.53 31.53
C ALA A 351 -19.08 -11.51 30.70
N ARG A 352 -19.90 -12.32 31.38
CA ARG A 352 -20.69 -13.33 30.60
C ARG A 352 -21.57 -12.63 29.54
N ASN A 353 -22.17 -11.54 29.93
CA ASN A 353 -23.00 -10.73 28.98
C ASN A 353 -22.23 -10.05 27.85
N ILE A 354 -21.00 -9.66 28.12
CA ILE A 354 -20.11 -9.18 27.08
C ILE A 354 -19.92 -10.29 26.04
N LEU A 355 -19.70 -11.49 26.52
CA LEU A 355 -19.52 -12.57 25.59
C LEU A 355 -20.83 -13.01 24.90
N LYS A 356 -21.96 -12.88 25.58
CA LYS A 356 -23.21 -13.23 24.95
C LYS A 356 -23.53 -12.19 23.84
N TYR A 357 -23.06 -10.96 24.02
CA TYR A 357 -23.22 -9.90 22.95
C TYR A 357 -22.46 -10.42 21.66
N ARG A 358 -21.28 -11.00 21.86
CA ARG A 358 -20.51 -11.56 20.73
C ARG A 358 -21.16 -12.80 20.17
N HIS A 359 -21.81 -13.58 21.02
CA HIS A 359 -22.64 -14.68 20.47
C HIS A 359 -23.82 -14.21 19.65
N ARG A 360 -24.54 -13.17 20.15
CA ARG A 360 -25.72 -12.64 19.50
C ARG A 360 -25.39 -12.07 18.14
N THR A 361 -24.17 -11.59 17.99
CA THR A 361 -23.70 -10.92 16.78
C THR A 361 -22.86 -11.85 15.91
N LEU A 362 -22.88 -13.15 16.19
CA LEU A 362 -22.11 -14.10 15.35
C LEU A 362 -22.66 -14.03 13.90
N ASP A 363 -23.96 -13.87 13.64
CA ASP A 363 -24.36 -13.74 12.24
C ASP A 363 -23.76 -12.60 11.49
N GLY A 364 -23.52 -11.47 12.14
CA GLY A 364 -22.80 -10.35 11.46
C GLY A 364 -21.34 -10.76 11.15
N ALA A 365 -20.66 -11.40 12.12
CA ALA A 365 -19.32 -11.99 11.84
C ALA A 365 -19.32 -13.03 10.62
N ARG A 366 -20.33 -13.89 10.51
CA ARG A 366 -20.39 -14.83 9.42
C ARG A 366 -20.66 -14.08 8.12
N ARG A 367 -21.49 -13.02 8.12
CA ARG A 367 -21.72 -12.32 6.86
C ARG A 367 -20.45 -11.56 6.47
N LYS A 368 -19.70 -11.02 7.43
CA LYS A 368 -18.43 -10.34 7.08
C LYS A 368 -17.44 -11.38 6.45
N ALA A 369 -17.24 -12.56 7.09
CA ALA A 369 -16.35 -13.53 6.51
C ALA A 369 -16.79 -13.90 5.04
N LYS A 370 -18.06 -14.26 4.86
CA LYS A 370 -18.54 -14.56 3.51
C LYS A 370 -18.30 -13.43 2.47
N ARG A 371 -18.60 -12.18 2.85
CA ARG A 371 -18.43 -11.04 1.97
C ARG A 371 -16.99 -10.97 1.58
N LEU A 372 -16.07 -11.35 2.45
CA LEU A 372 -14.62 -11.17 2.11
C LEU A 372 -13.98 -12.45 1.50
N GLY A 373 -14.77 -13.50 1.34
CA GLY A 373 -14.41 -14.70 0.55
C GLY A 373 -13.94 -15.79 1.51
N TYR A 374 -14.27 -15.62 2.81
CA TYR A 374 -13.76 -16.64 3.83
C TYR A 374 -14.95 -17.44 4.37
N GLU A 375 -14.74 -18.21 5.44
CA GLU A 375 -15.89 -19.01 6.00
C GLU A 375 -15.88 -18.73 7.50
N GLY A 376 -16.83 -19.27 8.25
CA GLY A 376 -16.81 -19.07 9.73
C GLY A 376 -17.08 -17.64 10.14
N ALA A 377 -16.50 -17.27 11.25
CA ALA A 377 -16.80 -15.97 11.87
C ALA A 377 -15.58 -15.11 11.78
N TYR A 378 -15.66 -14.02 11.00
CA TYR A 378 -14.55 -12.98 11.00
C TYR A 378 -15.26 -11.81 11.68
N TYR A 379 -15.02 -11.60 12.98
CA TYR A 379 -15.78 -10.61 13.69
C TYR A 379 -15.52 -9.19 13.07
N ALA A 380 -16.49 -8.31 13.23
CA ALA A 380 -16.30 -6.89 12.87
C ALA A 380 -15.16 -6.25 13.65
N TRP A 381 -14.35 -5.42 12.97
CA TRP A 381 -13.39 -4.59 13.65
C TRP A 381 -14.12 -3.62 14.58
N ILE A 382 -15.26 -3.08 14.09
CA ILE A 382 -16.09 -2.07 14.82
C ILE A 382 -17.49 -2.61 14.80
N SER A 383 -17.94 -3.07 15.95
CA SER A 383 -19.21 -3.78 16.02
C SER A 383 -20.29 -2.96 16.75
N GLY A 384 -21.49 -2.84 16.15
CA GLY A 384 -22.59 -2.10 16.79
C GLY A 384 -23.73 -3.02 17.12
N LYS A 385 -24.87 -2.76 16.54
CA LYS A 385 -26.09 -3.50 16.95
C LYS A 385 -26.08 -4.98 16.52
N THR A 386 -25.75 -5.20 15.23
CA THR A 386 -25.86 -6.50 14.60
C THR A 386 -24.56 -7.34 14.46
N GLY A 387 -23.38 -6.74 14.62
CA GLY A 387 -22.18 -7.46 14.25
C GLY A 387 -21.68 -7.24 12.84
N ASP A 388 -22.48 -6.56 11.97
CA ASP A 388 -21.97 -6.27 10.63
C ASP A 388 -20.89 -5.20 10.82
N GLU A 389 -19.94 -5.18 9.89
CA GLU A 389 -18.80 -4.30 10.00
C GLU A 389 -19.21 -2.82 9.97
N LEU A 390 -18.85 -1.99 10.97
CA LEU A 390 -19.21 -0.54 10.89
C LEU A 390 -18.00 0.27 10.43
N CYS A 391 -16.81 -0.34 10.46
CA CYS A 391 -15.52 0.42 10.17
C CYS A 391 -15.47 0.73 8.68
N PRO A 392 -15.37 2.02 8.27
CA PRO A 392 -15.31 2.31 6.84
C PRO A 392 -14.02 1.79 6.24
N ASP A 393 -14.06 1.55 4.92
CA ASP A 393 -12.79 1.23 4.20
C ASP A 393 -11.84 2.43 4.23
N PHE A 394 -12.45 3.64 4.19
CA PHE A 394 -11.67 4.86 4.18
C PHE A 394 -11.76 5.56 5.49
N PHE A 395 -10.91 5.17 6.44
CA PHE A 395 -11.07 5.67 7.76
C PHE A 395 -10.45 7.06 7.80
N PHE A 396 -9.25 7.17 7.23
CA PHE A 396 -8.44 8.39 7.31
C PHE A 396 -8.19 9.01 5.92
N LYS A 397 -7.62 10.23 5.90
CA LYS A 397 -7.23 10.89 4.61
C LYS A 397 -5.76 11.10 4.68
N ASP A 398 -5.13 11.19 3.49
CA ASP A 398 -3.71 11.62 3.35
C ASP A 398 -3.79 13.15 3.41
N VAL A 399 -3.37 13.75 4.51
CA VAL A 399 -3.61 15.24 4.68
C VAL A 399 -2.70 16.05 3.75
N LEU A 400 -1.73 15.40 3.13
CA LEU A 400 -0.93 16.12 2.12
C LEU A 400 -1.69 16.31 0.78
N SER A 401 -2.69 15.49 0.47
CA SER A 401 -3.24 15.48 -0.87
C SER A 401 -4.74 15.72 -0.75
N GLY A 402 -5.27 15.52 0.45
CA GLY A 402 -6.72 15.50 0.67
C GLY A 402 -7.39 14.24 0.18
N ARG A 403 -6.66 13.23 -0.29
CA ARG A 403 -7.33 12.05 -0.77
C ARG A 403 -7.59 11.04 0.36
N ASP A 404 -8.63 10.22 0.21
CA ASP A 404 -8.91 9.15 1.15
C ASP A 404 -7.77 8.13 1.06
N ILE A 405 -7.41 7.57 2.19
CA ILE A 405 -6.48 6.41 2.13
C ILE A 405 -7.23 5.16 2.50
N ARG A 406 -6.88 4.01 1.91
CA ARG A 406 -7.57 2.77 2.23
C ARG A 406 -6.71 2.09 3.33
N ASN A 407 -7.14 2.11 4.60
CA ASN A 407 -6.45 1.31 5.59
C ASN A 407 -7.23 0.06 5.79
N HIS A 408 -6.56 -1.07 6.09
CA HIS A 408 -7.31 -2.33 6.14
C HIS A 408 -7.65 -2.78 7.52
N PHE A 409 -8.08 -1.86 8.40
CA PHE A 409 -8.45 -2.25 9.73
C PHE A 409 -9.58 -3.25 9.61
N ASN A 410 -10.47 -3.03 8.64
CA ASN A 410 -11.72 -3.79 8.61
C ASN A 410 -11.61 -5.11 7.89
N ASP A 411 -10.49 -5.42 7.27
CA ASP A 411 -10.41 -6.71 6.53
C ASP A 411 -9.06 -7.38 6.53
N TRP A 412 -7.97 -6.73 6.98
CA TRP A 412 -6.72 -7.47 7.25
C TRP A 412 -6.40 -7.64 8.73
N GLN A 413 -7.12 -6.95 9.64
CA GLN A 413 -6.74 -7.01 11.09
C GLN A 413 -7.56 -8.12 11.65
N ILE A 414 -7.08 -9.35 11.34
CA ILE A 414 -7.92 -10.52 11.60
C ILE A 414 -7.90 -10.99 13.09
N HIS A 415 -6.99 -10.47 13.92
CA HIS A 415 -6.83 -11.02 15.31
C HIS A 415 -8.06 -10.84 16.13
N ILE A 416 -8.91 -9.86 15.79
CA ILE A 416 -10.15 -9.70 16.46
C ILE A 416 -10.88 -11.06 16.67
N SER A 417 -10.94 -11.95 15.63
CA SER A 417 -11.68 -13.22 15.82
C SER A 417 -10.98 -14.15 16.90
N PRO A 418 -9.68 -14.48 16.75
CA PRO A 418 -9.13 -15.26 17.87
C PRO A 418 -9.01 -14.52 19.25
N ASP A 419 -9.00 -13.15 19.29
CA ASP A 419 -9.08 -12.41 20.57
C ASP A 419 -10.38 -12.79 21.27
N ILE A 420 -11.47 -12.87 20.53
CA ILE A 420 -12.82 -13.19 21.13
C ILE A 420 -12.79 -14.68 21.59
N ALA A 421 -12.21 -15.59 20.75
CA ALA A 421 -12.05 -17.03 21.19
C ALA A 421 -11.24 -17.10 22.54
N TYR A 422 -10.12 -16.32 22.60
CA TYR A 422 -9.32 -16.19 23.81
C TYR A 422 -10.16 -15.74 25.05
N ALA A 423 -11.00 -14.75 24.89
CA ALA A 423 -11.80 -14.19 25.99
C ALA A 423 -12.86 -15.24 26.43
N VAL A 424 -13.38 -16.03 25.46
CA VAL A 424 -14.34 -17.12 25.77
C VAL A 424 -13.62 -18.20 26.68
N LYS A 425 -12.42 -18.53 26.30
CA LYS A 425 -11.66 -19.57 27.05
C LYS A 425 -11.26 -19.03 28.45
N LYS A 426 -10.80 -17.78 28.50
CA LYS A 426 -10.42 -17.07 29.76
C LYS A 426 -11.64 -17.03 30.72
N TYR A 427 -12.79 -16.65 30.16
CA TYR A 427 -14.04 -16.58 30.95
C TYR A 427 -14.36 -17.95 31.56
N HIS A 428 -14.24 -18.97 30.73
CA HIS A 428 -14.45 -20.30 31.23
C HIS A 428 -13.44 -20.79 32.28
N GLN A 429 -12.17 -20.44 32.11
CA GLN A 429 -11.15 -20.81 33.13
C GLN A 429 -11.39 -20.16 34.43
N VAL A 430 -11.77 -18.88 34.40
CA VAL A 430 -11.95 -18.17 35.64
C VAL A 430 -13.22 -18.61 36.36
N THR A 431 -14.28 -18.81 35.58
CA THR A 431 -15.60 -19.07 36.23
C THR A 431 -16.05 -20.54 36.32
N GLY A 432 -15.44 -21.43 35.56
CA GLY A 432 -15.93 -22.84 35.44
C GLY A 432 -17.38 -22.89 34.88
N ASP A 433 -17.82 -21.84 34.13
CA ASP A 433 -19.16 -21.81 33.56
C ASP A 433 -19.31 -22.72 32.33
N ASP A 434 -19.43 -24.04 32.58
CA ASP A 434 -19.67 -25.03 31.49
C ASP A 434 -20.90 -24.79 30.66
N ALA A 435 -21.97 -24.37 31.33
CA ALA A 435 -23.18 -24.02 30.64
C ALA A 435 -22.93 -22.96 29.49
N PHE A 436 -22.16 -21.89 29.79
CA PHE A 436 -21.83 -20.91 28.73
C PHE A 436 -21.12 -21.60 27.56
N ILE A 437 -20.16 -22.51 27.85
CA ILE A 437 -19.50 -23.18 26.74
C ILE A 437 -20.46 -24.10 25.91
N ARG A 438 -21.33 -24.83 26.61
CA ARG A 438 -22.36 -25.61 25.93
C ARG A 438 -23.29 -24.78 25.06
N ASP A 439 -23.83 -23.71 25.60
CA ASP A 439 -24.86 -23.01 24.93
C ASP A 439 -24.39 -22.01 23.91
N TYR A 440 -23.17 -21.52 24.08
CA TYR A 440 -22.72 -20.33 23.28
C TYR A 440 -21.27 -20.48 22.88
N GLY A 441 -20.39 -20.83 23.85
CA GLY A 441 -18.96 -20.51 23.61
C GLY A 441 -18.37 -21.55 22.63
N ALA A 442 -18.84 -22.82 22.66
CA ALA A 442 -18.15 -23.76 21.76
C ALA A 442 -18.49 -23.37 20.26
N GLU A 443 -19.73 -22.96 20.06
CA GLU A 443 -20.11 -22.51 18.71
C GLU A 443 -19.23 -21.35 18.26
N MET A 444 -18.94 -20.39 19.14
CA MET A 444 -18.11 -19.24 18.80
C MET A 444 -16.73 -19.69 18.49
N ILE A 445 -16.19 -20.56 19.33
CA ILE A 445 -14.77 -20.97 19.12
C ILE A 445 -14.69 -21.74 17.83
N PHE A 446 -15.63 -22.66 17.56
CA PHE A 446 -15.51 -23.41 16.29
C PHE A 446 -15.69 -22.51 15.03
N GLU A 447 -16.55 -21.52 15.08
CA GLU A 447 -16.71 -20.64 13.89
C GLU A 447 -15.48 -19.79 13.67
N ILE A 448 -14.89 -19.42 14.78
CA ILE A 448 -13.61 -18.63 14.69
C ILE A 448 -12.49 -19.53 14.18
N ALA A 449 -12.38 -20.79 14.67
CA ALA A 449 -11.40 -21.73 14.10
C ALA A 449 -11.66 -21.96 12.59
N ARG A 450 -12.95 -22.03 12.21
CA ARG A 450 -13.28 -22.24 10.79
C ARG A 450 -12.81 -21.03 9.96
N PHE A 451 -13.02 -19.83 10.50
CA PHE A 451 -12.53 -18.66 9.81
C PHE A 451 -11.03 -18.69 9.67
N LEU A 452 -10.32 -18.99 10.75
CA LEU A 452 -8.84 -19.00 10.66
C LEU A 452 -8.34 -20.03 9.60
N ALA A 453 -8.98 -21.19 9.57
CA ALA A 453 -8.60 -22.22 8.60
C ALA A 453 -8.88 -21.73 7.19
N SER A 454 -9.86 -20.85 7.02
CA SER A 454 -10.22 -20.37 5.72
C SER A 454 -9.23 -19.27 5.30
N HIS A 455 -8.68 -18.55 6.26
CA HIS A 455 -7.75 -17.47 5.95
C HIS A 455 -6.35 -17.90 5.64
N ALA A 456 -5.86 -18.92 6.36
CA ALA A 456 -4.53 -19.39 6.22
C ALA A 456 -4.24 -19.82 4.81
N VAL A 457 -2.95 -19.83 4.48
CA VAL A 457 -2.51 -20.42 3.20
C VAL A 457 -1.58 -21.57 3.55
N TYR A 458 -1.57 -22.56 2.69
CA TYR A 458 -0.61 -23.65 2.86
C TYR A 458 0.47 -23.43 1.79
N LYS A 459 1.72 -23.52 2.21
CA LYS A 459 2.96 -23.43 1.38
C LYS A 459 3.58 -24.86 1.17
N PRO A 460 3.23 -25.54 0.04
CA PRO A 460 3.54 -26.95 -0.01
C PRO A 460 5.04 -27.20 -0.06
N MET A 461 5.83 -26.26 -0.60
CA MET A 461 7.29 -26.51 -0.62
C MET A 461 7.96 -26.21 0.70
N ARG A 462 7.24 -25.51 1.56
CA ARG A 462 7.72 -25.24 2.91
C ARG A 462 7.12 -26.23 3.86
N GLY A 463 6.16 -27.03 3.40
CA GLY A 463 5.42 -27.97 4.29
C GLY A 463 4.70 -27.33 5.49
N ARG A 464 4.18 -26.10 5.35
CA ARG A 464 3.60 -25.44 6.55
C ARG A 464 2.55 -24.43 6.15
N TYR A 465 1.65 -24.13 7.08
CA TYR A 465 0.65 -23.06 6.92
C TYR A 465 1.20 -21.72 7.39
N GLU A 466 0.66 -20.63 6.84
CA GLU A 466 1.18 -19.30 7.23
C GLU A 466 -0.04 -18.39 7.17
N PHE A 467 0.07 -17.22 7.84
CA PHE A 467 -1.03 -16.25 7.80
C PHE A 467 -0.48 -15.02 7.11
N MET A 468 -0.89 -14.79 5.84
CA MET A 468 -0.19 -13.75 5.07
C MET A 468 -1.11 -12.54 4.89
N ARG A 469 -0.52 -11.40 4.65
CA ARG A 469 -1.23 -10.10 4.34
C ARG A 469 -2.24 -9.79 5.48
N VAL A 470 -1.71 -9.61 6.70
CA VAL A 470 -2.53 -9.19 7.83
C VAL A 470 -2.04 -7.84 8.34
N GLN A 471 -2.71 -7.31 9.38
CA GLN A 471 -2.22 -6.15 10.11
C GLN A 471 -2.38 -6.65 11.58
N GLY A 472 -1.30 -6.55 12.37
CA GLY A 472 -1.29 -6.88 13.83
C GLY A 472 -1.81 -5.72 14.66
N PRO A 473 -1.75 -5.88 16.01
CA PRO A 473 -2.08 -4.79 16.89
C PRO A 473 -1.32 -3.46 16.57
N ASP A 474 -0.02 -3.52 16.22
CA ASP A 474 0.67 -2.33 15.68
C ASP A 474 0.02 -1.97 14.31
N GLU A 475 -0.92 -1.03 14.30
CA GLU A 475 -1.74 -0.83 13.12
C GLU A 475 -0.90 -0.19 12.03
N TYR A 476 0.22 0.44 12.37
CA TYR A 476 0.96 1.22 11.36
C TYR A 476 1.52 0.34 10.19
N HIS A 477 1.76 -0.96 10.45
CA HIS A 477 2.34 -1.85 9.45
C HIS A 477 1.30 -2.81 8.92
N GLU A 478 0.93 -2.57 7.66
CA GLU A 478 -0.19 -3.33 7.03
C GLU A 478 0.44 -4.19 5.93
N ASN A 479 -0.25 -5.24 5.51
CA ASN A 479 0.25 -6.17 4.52
C ASN A 479 1.51 -6.86 5.03
N VAL A 480 1.45 -7.37 6.24
CA VAL A 480 2.62 -8.07 6.83
C VAL A 480 2.26 -9.56 6.90
N ASP A 481 3.27 -10.41 6.98
CA ASP A 481 2.96 -11.80 7.00
C ASP A 481 3.46 -12.35 8.35
N ASN A 482 2.76 -13.39 8.82
CA ASN A 482 3.14 -14.08 10.08
C ASN A 482 3.40 -13.13 11.21
N ASN A 483 2.47 -12.17 11.38
CA ASN A 483 2.55 -11.36 12.58
C ASN A 483 2.58 -12.32 13.83
N ALA A 484 3.54 -12.18 14.77
CA ALA A 484 3.66 -13.15 15.80
C ALA A 484 2.43 -13.20 16.71
N PHE A 485 1.85 -12.03 17.04
CA PHE A 485 0.72 -12.00 17.91
C PHE A 485 -0.37 -12.84 17.20
N THR A 486 -0.66 -12.52 15.91
CA THR A 486 -1.74 -13.22 15.17
C THR A 486 -1.54 -14.73 15.05
N ASN A 487 -0.34 -15.14 14.63
CA ASN A 487 -0.04 -16.56 14.46
C ASN A 487 -0.14 -17.34 15.78
N HIS A 488 0.41 -16.78 16.86
CA HIS A 488 0.16 -17.49 18.18
C HIS A 488 -1.28 -17.53 18.59
N GLN A 489 -1.99 -16.40 18.45
CA GLN A 489 -3.42 -16.40 18.85
C GLN A 489 -4.19 -17.39 17.98
N ALA A 490 -3.91 -17.48 16.66
CA ALA A 490 -4.62 -18.46 15.81
C ALA A 490 -4.38 -19.90 16.35
N MET A 491 -3.16 -20.21 16.73
CA MET A 491 -2.83 -21.56 17.23
C MET A 491 -3.45 -21.80 18.60
N PHE A 492 -3.51 -20.78 19.47
CA PHE A 492 -4.33 -20.99 20.69
C PHE A 492 -5.77 -21.28 20.44
N THR A 493 -6.40 -20.60 19.45
CA THR A 493 -7.81 -20.89 19.16
C THR A 493 -7.98 -22.29 18.61
N LEU A 494 -7.11 -22.67 17.68
CA LEU A 494 -7.31 -24.04 17.10
C LEU A 494 -7.05 -25.07 18.22
N GLN A 495 -6.04 -24.80 19.04
CA GLN A 495 -5.84 -25.67 20.21
C GLN A 495 -7.07 -25.78 21.14
N ALA A 496 -7.76 -24.66 21.38
CA ALA A 496 -8.95 -24.67 22.20
C ALA A 496 -10.07 -25.45 21.49
N ALA A 497 -10.20 -25.31 20.17
CA ALA A 497 -11.28 -25.98 19.47
C ALA A 497 -11.00 -27.48 19.53
N ASP A 498 -9.76 -27.82 19.29
CA ASP A 498 -9.32 -29.24 19.32
C ASP A 498 -9.59 -29.84 20.73
N GLU A 499 -9.22 -29.10 21.76
CA GLU A 499 -9.54 -29.55 23.16
C GLU A 499 -11.04 -29.79 23.35
N LEU A 500 -11.91 -28.86 22.88
CA LEU A 500 -13.37 -29.08 22.95
C LEU A 500 -13.82 -30.33 22.15
N LEU A 501 -13.28 -30.53 20.95
CA LEU A 501 -13.71 -31.69 20.17
C LEU A 501 -13.29 -32.98 20.88
N GLN A 502 -12.10 -32.97 21.47
CA GLN A 502 -11.63 -34.22 22.21
C GLN A 502 -12.24 -34.48 23.61
N THR A 503 -12.85 -33.45 24.19
CA THR A 503 -13.29 -33.40 25.58
C THR A 503 -14.83 -33.28 25.85
N LEU A 504 -15.58 -32.54 25.03
CA LEU A 504 -16.94 -32.22 25.35
C LEU A 504 -17.75 -33.52 25.22
N ASP A 505 -18.88 -33.60 25.90
CA ASP A 505 -19.65 -34.87 25.88
C ASP A 505 -20.34 -35.00 24.51
N GLU A 506 -20.61 -36.23 24.11
CA GLU A 506 -21.14 -36.47 22.77
C GLU A 506 -22.45 -35.69 22.49
N LYS A 507 -23.32 -35.54 23.48
CA LYS A 507 -24.55 -34.82 23.30
C LYS A 507 -24.38 -33.32 22.96
N THR A 508 -23.54 -32.64 23.75
CA THR A 508 -23.33 -31.20 23.55
C THR A 508 -22.61 -31.04 22.16
N LEU A 509 -21.63 -31.92 21.90
CA LEU A 509 -20.72 -31.82 20.73
C LEU A 509 -21.50 -32.08 19.46
N SER A 510 -22.37 -33.11 19.41
CA SER A 510 -23.24 -33.32 18.26
C SER A 510 -24.17 -32.15 18.00
N ALA A 511 -24.76 -31.55 19.03
CA ALA A 511 -25.69 -30.43 18.79
C ALA A 511 -25.01 -29.21 18.18
N VAL A 512 -23.84 -28.86 18.72
CA VAL A 512 -23.06 -27.80 18.10
C VAL A 512 -22.59 -28.11 16.66
N LYS A 513 -21.98 -29.26 16.43
CA LYS A 513 -21.53 -29.60 15.06
C LYS A 513 -22.65 -29.56 14.05
N GLU A 514 -23.83 -30.04 14.46
CA GLU A 514 -24.96 -30.04 13.60
C GLU A 514 -25.47 -28.61 13.32
N LYS A 515 -25.50 -27.77 14.35
CA LYS A 515 -26.00 -26.37 14.19
C LYS A 515 -25.12 -25.61 13.13
N ILE A 516 -23.82 -25.88 13.12
CA ILE A 516 -22.93 -25.09 12.25
C ILE A 516 -22.42 -25.88 11.05
N GLY A 517 -22.82 -27.18 10.93
CA GLY A 517 -22.41 -28.04 9.83
C GLY A 517 -20.90 -28.27 9.88
N LEU A 518 -20.33 -28.57 11.06
CA LEU A 518 -18.89 -28.79 11.15
C LEU A 518 -18.57 -30.23 10.65
N SER A 519 -17.75 -30.35 9.60
CA SER A 519 -17.48 -31.58 8.90
C SER A 519 -16.23 -32.23 9.44
N ASP A 520 -16.13 -33.54 9.21
CA ASP A 520 -14.89 -34.22 9.56
C ASP A 520 -13.72 -33.68 8.76
N ASP A 521 -13.97 -33.32 7.51
CA ASP A 521 -12.84 -32.83 6.71
C ASP A 521 -12.33 -31.51 7.36
N GLU A 522 -13.23 -30.66 7.80
CA GLU A 522 -12.78 -29.46 8.51
C GLU A 522 -11.94 -29.75 9.69
N ILE A 523 -12.40 -30.67 10.54
CA ILE A 523 -11.65 -31.07 11.77
C ILE A 523 -10.24 -31.59 11.42
N SER A 524 -10.14 -32.32 10.29
CA SER A 524 -8.82 -32.91 9.93
C SER A 524 -7.92 -31.76 9.51
N LEU A 525 -8.48 -30.72 8.84
CA LEU A 525 -7.63 -29.53 8.48
C LEU A 525 -7.14 -28.84 9.74
N TRP A 526 -8.03 -28.65 10.73
CA TRP A 526 -7.55 -27.95 11.96
C TRP A 526 -6.42 -28.71 12.62
N ARG A 527 -6.55 -30.01 12.61
CA ARG A 527 -5.50 -30.83 13.27
C ARG A 527 -4.17 -30.84 12.47
N ASP A 528 -4.29 -30.85 11.12
CA ASP A 528 -3.11 -30.63 10.27
C ASP A 528 -2.46 -29.24 10.51
N MET A 529 -3.31 -28.15 10.59
CA MET A 529 -2.82 -26.82 10.96
C MET A 529 -2.10 -26.84 12.31
N LEU A 530 -2.71 -27.54 13.28
CA LEU A 530 -2.04 -27.55 14.62
C LEU A 530 -0.68 -28.13 14.58
N ALA A 531 -0.49 -29.15 13.76
CA ALA A 531 0.81 -29.76 13.66
C ALA A 531 1.79 -29.04 12.74
N ASN A 532 1.32 -28.17 11.85
CA ASN A 532 2.23 -27.69 10.77
C ASN A 532 2.02 -26.18 10.46
N THR A 533 1.69 -25.34 11.42
CA THR A 533 1.59 -23.88 11.13
C THR A 533 2.83 -23.25 11.64
N TYR A 534 3.37 -22.38 10.81
CA TYR A 534 4.49 -21.52 11.20
C TYR A 534 4.13 -20.57 12.35
N VAL A 535 4.92 -20.66 13.44
CA VAL A 535 4.68 -19.73 14.52
C VAL A 535 6.08 -19.05 14.81
N PRO A 536 6.16 -17.72 14.74
CA PRO A 536 7.46 -17.05 14.92
C PRO A 536 7.97 -17.38 16.34
N LYS A 537 9.24 -17.76 16.43
CA LYS A 537 9.80 -18.19 17.71
C LYS A 537 11.01 -17.26 18.03
N PRO A 538 11.43 -17.24 19.29
CA PRO A 538 12.61 -16.40 19.64
C PRO A 538 13.80 -16.79 18.81
N ASP A 539 14.61 -15.83 18.44
CA ASP A 539 15.81 -16.11 17.65
C ASP A 539 17.03 -16.32 18.59
N LYS A 540 18.26 -16.41 18.04
CA LYS A 540 19.46 -16.63 18.87
C LYS A 540 19.64 -15.52 19.93
N HIS A 541 19.00 -14.37 19.81
CA HIS A 541 19.12 -13.39 20.87
C HIS A 541 17.88 -13.32 21.75
N GLY A 542 16.95 -14.25 21.56
CA GLY A 542 15.82 -14.32 22.45
C GLY A 542 14.62 -13.52 21.86
N ILE A 543 14.80 -12.85 20.71
CA ILE A 543 13.79 -11.84 20.24
C ILE A 543 12.84 -12.55 19.25
N ILE A 544 11.55 -12.30 19.41
CA ILE A 544 10.53 -12.79 18.50
C ILE A 544 10.27 -11.67 17.50
N GLU A 545 10.40 -11.99 16.21
CA GLU A 545 10.22 -10.96 15.16
C GLU A 545 8.78 -10.57 15.03
N GLN A 546 8.44 -9.27 15.02
CA GLN A 546 7.02 -8.89 15.07
C GLN A 546 6.22 -9.40 13.86
N PHE A 547 6.85 -9.42 12.66
CA PHE A 547 6.29 -10.01 11.42
C PHE A 547 7.43 -10.24 10.46
N ASP A 548 7.19 -10.91 9.34
CA ASP A 548 8.32 -11.31 8.45
C ASP A 548 8.94 -10.05 7.89
N GLY A 549 10.23 -9.93 8.03
CA GLY A 549 10.94 -8.73 7.47
C GLY A 549 10.97 -7.49 8.34
N TYR A 550 10.38 -7.59 9.56
CA TYR A 550 10.44 -6.46 10.48
C TYR A 550 11.90 -6.14 10.76
N TYR A 551 12.79 -7.13 10.96
CA TYR A 551 14.17 -6.78 11.33
C TYR A 551 14.91 -6.04 10.20
N ASP A 552 14.42 -6.09 8.99
CA ASP A 552 15.08 -5.36 7.90
C ASP A 552 14.59 -3.95 7.76
N LEU A 553 13.58 -3.49 8.52
CA LEU A 553 13.14 -2.12 8.45
C LEU A 553 14.14 -1.21 9.26
N GLU A 554 14.10 0.07 9.03
CA GLU A 554 15.01 1.04 9.71
C GLU A 554 14.80 1.20 11.24
N THR A 555 15.87 0.99 12.03
CA THR A 555 15.85 1.17 13.48
C THR A 555 15.93 2.69 13.77
N ILE A 556 14.94 3.17 14.54
CA ILE A 556 15.00 4.56 15.04
C ILE A 556 14.75 4.51 16.52
N ILE A 557 15.78 4.83 17.26
CA ILE A 557 15.67 4.79 18.74
C ILE A 557 16.29 6.10 19.29
N PRO A 558 15.56 6.87 20.12
CA PRO A 558 14.16 6.64 20.58
C PRO A 558 13.26 6.75 19.39
N ALA A 559 12.12 6.06 19.44
CA ALA A 559 11.24 5.97 18.27
C ALA A 559 10.69 7.37 17.92
N LYS A 560 10.45 8.21 18.91
CA LYS A 560 9.87 9.59 18.65
C LYS A 560 10.65 10.41 17.63
N LYS A 561 11.93 10.12 17.43
CA LYS A 561 12.70 10.86 16.41
C LYS A 561 12.08 10.77 15.03
N VAL A 562 11.30 9.71 14.80
CA VAL A 562 10.65 9.55 13.54
C VAL A 562 9.66 10.73 13.22
N THR A 563 9.13 11.40 14.22
CA THR A 563 8.11 12.47 14.00
C THR A 563 8.81 13.70 13.42
N GLU A 564 10.14 13.69 13.44
CA GLU A 564 10.85 14.80 12.76
C GLU A 564 10.67 14.70 11.28
N ARG A 565 10.17 13.58 10.72
CA ARG A 565 10.00 13.45 9.29
C ARG A 565 8.62 13.95 8.82
N LEU A 566 7.77 14.33 9.73
CA LEU A 566 6.44 14.67 9.39
C LEU A 566 6.50 15.97 8.57
N ILE A 567 5.61 16.11 7.61
CA ILE A 567 5.45 17.34 6.81
C ILE A 567 4.29 18.15 7.36
N LYS A 568 3.17 17.52 7.75
CA LYS A 568 2.13 18.21 8.59
C LYS A 568 2.00 17.51 9.94
N GLU A 569 1.67 18.22 11.01
CA GLU A 569 1.77 17.60 12.34
C GLU A 569 0.67 16.54 12.51
N ASP A 570 -0.42 16.68 11.76
CA ASP A 570 -1.57 15.71 11.89
C ASP A 570 -1.66 14.63 10.80
N GLU A 571 -0.53 14.32 10.15
CA GLU A 571 -0.54 13.26 9.18
C GLU A 571 -0.82 11.96 9.90
N TYR A 572 -1.55 11.08 9.24
CA TYR A 572 -1.51 9.66 9.67
C TYR A 572 -0.09 9.03 9.57
N TYR A 573 0.46 8.37 10.66
CA TYR A 573 1.82 7.91 10.65
C TYR A 573 1.97 6.62 9.85
N GLY A 574 0.87 5.93 9.55
CA GLY A 574 1.03 4.55 9.04
C GLY A 574 0.82 4.35 7.55
N TYR A 575 0.26 3.21 7.18
CA TYR A 575 0.12 2.81 5.76
C TYR A 575 -0.74 3.81 5.00
N PRO A 576 -0.45 4.02 3.70
CA PRO A 576 0.49 3.24 2.88
C PRO A 576 1.93 3.87 2.77
N ASN A 577 2.08 5.12 3.09
CA ASN A 577 3.42 5.76 2.93
C ASN A 577 3.65 6.77 4.07
N GLY A 578 2.99 6.56 5.23
CA GLY A 578 3.35 7.36 6.44
C GLY A 578 4.82 7.20 6.87
N VAL A 579 5.29 8.08 7.77
CA VAL A 579 6.70 8.09 8.15
C VAL A 579 7.17 6.83 8.88
N THR A 580 6.26 6.06 9.47
CA THR A 580 6.72 4.85 10.21
C THR A 580 6.75 3.61 9.31
N VAL A 581 6.20 3.68 8.07
CA VAL A 581 5.95 2.43 7.27
C VAL A 581 7.17 1.57 7.06
N ARG A 582 8.28 2.23 6.70
CA ARG A 582 9.48 1.39 6.52
C ARG A 582 10.46 1.45 7.67
N THR A 583 9.95 1.68 8.89
CA THR A 583 10.82 1.74 10.08
C THR A 583 10.32 0.72 11.09
N GLN A 584 11.13 0.52 12.11
CA GLN A 584 10.75 -0.37 13.25
C GLN A 584 9.90 0.31 14.29
N CYS A 585 9.55 1.60 14.11
CA CYS A 585 8.67 2.30 15.08
C CYS A 585 7.29 1.65 15.03
N ILE A 586 6.74 1.36 16.21
CA ILE A 586 5.43 0.61 16.27
C ILE A 586 4.47 1.49 17.07
N LYS A 587 3.22 1.42 16.68
CA LYS A 587 2.14 2.24 17.29
C LYS A 587 1.90 1.85 18.76
N GLN A 588 2.01 0.54 19.04
CA GLN A 588 1.51 -0.01 20.35
C GLN A 588 1.99 -1.44 20.52
N ALA A 589 1.85 -1.98 21.73
CA ALA A 589 2.36 -3.31 22.04
C ALA A 589 1.82 -4.32 21.00
N ASP A 590 2.64 -5.28 20.60
CA ASP A 590 2.26 -6.17 19.54
C ASP A 590 2.90 -7.48 19.99
N VAL A 591 4.18 -7.69 19.80
CA VAL A 591 4.79 -8.94 20.50
C VAL A 591 4.52 -8.89 22.04
N ILE A 592 4.68 -7.72 22.67
CA ILE A 592 4.45 -7.55 24.15
C ILE A 592 2.98 -7.83 24.45
N GLN A 593 2.05 -7.50 23.55
CA GLN A 593 0.62 -7.90 23.76
C GLN A 593 0.41 -9.38 23.90
N LEU A 594 1.18 -10.17 23.18
CA LEU A 594 1.04 -11.62 23.36
C LEU A 594 1.31 -12.08 24.81
N PHE A 595 2.35 -11.50 25.44
CA PHE A 595 2.67 -11.86 26.83
C PHE A 595 1.63 -11.32 27.82
N VAL A 596 0.90 -10.25 27.49
CA VAL A 596 -0.23 -9.80 28.35
C VAL A 596 -1.30 -10.89 28.37
N LEU A 597 -1.62 -11.42 27.18
CA LEU A 597 -2.69 -12.45 27.11
C LEU A 597 -2.17 -13.79 27.63
N HIS A 598 -0.88 -14.04 27.47
CA HIS A 598 -0.30 -15.41 27.77
C HIS A 598 0.97 -15.22 28.59
N PRO A 599 0.82 -14.92 29.88
CA PRO A 599 2.00 -14.50 30.68
C PRO A 599 3.05 -15.62 30.82
N HIS A 600 2.64 -16.89 30.74
CA HIS A 600 3.68 -17.94 30.75
C HIS A 600 4.09 -18.51 29.42
N LEU A 601 3.70 -17.90 28.31
CA LEU A 601 4.03 -18.45 27.05
C LEU A 601 5.57 -18.58 27.00
N TYR A 602 6.33 -17.62 27.45
CA TYR A 602 7.79 -17.95 27.31
C TYR A 602 8.42 -17.61 28.64
N ASP A 603 9.63 -18.10 28.81
CA ASP A 603 10.28 -18.01 30.11
C ASP A 603 10.63 -16.49 30.34
N ARG A 604 10.96 -16.14 31.60
CA ARG A 604 11.10 -14.77 31.97
C ARG A 604 12.23 -14.06 31.20
N LYS A 605 13.33 -14.77 30.99
CA LYS A 605 14.45 -14.16 30.25
C LYS A 605 14.02 -13.77 28.80
N THR A 606 13.22 -14.63 28.17
CA THR A 606 12.79 -14.33 26.80
C THR A 606 11.82 -13.16 26.81
N VAL A 607 10.94 -13.11 27.80
CA VAL A 607 10.00 -11.98 27.86
C VAL A 607 10.81 -10.70 28.11
N GLU A 608 11.75 -10.74 29.07
CA GLU A 608 12.55 -9.57 29.35
C GLU A 608 13.34 -9.06 28.11
N LEU A 609 14.03 -9.96 27.40
CA LEU A 609 14.76 -9.57 26.13
C LEU A 609 13.81 -8.93 25.10
N ASN A 610 12.59 -9.42 25.00
CA ASN A 610 11.68 -8.78 24.02
C ASN A 610 11.16 -7.43 24.51
N TYR A 611 10.94 -7.33 25.82
CA TYR A 611 10.46 -6.09 26.40
C TYR A 611 11.53 -5.03 26.09
N GLU A 612 12.76 -5.38 26.39
CA GLU A 612 13.89 -4.42 26.23
C GLU A 612 14.15 -4.05 24.77
N PHE A 613 13.87 -4.95 23.86
CA PHE A 613 14.02 -4.72 22.42
C PHE A 613 12.89 -3.81 21.91
N TYR A 614 11.65 -4.19 22.23
CA TYR A 614 10.49 -3.46 21.68
C TYR A 614 10.06 -2.22 22.38
N GLU A 615 10.19 -2.13 23.73
CA GLU A 615 9.67 -0.90 24.40
C GLU A 615 10.31 0.42 23.79
N PRO A 616 11.64 0.45 23.54
CA PRO A 616 12.24 1.67 22.98
C PRO A 616 11.83 1.94 21.51
N ARG A 617 11.32 0.93 20.82
CA ARG A 617 10.80 1.08 19.46
C ARG A 617 9.30 1.45 19.43
N THR A 618 8.67 1.50 20.60
CA THR A 618 7.24 1.85 20.66
C THR A 618 6.96 3.33 20.86
N LEU A 619 6.15 3.86 19.96
CA LEU A 619 5.72 5.28 20.07
C LEU A 619 4.66 5.51 21.19
N HIS A 620 3.87 4.48 21.52
CA HIS A 620 2.64 4.46 22.38
C HIS A 620 1.66 5.49 21.84
N PHE A 621 1.54 5.59 20.48
CA PHE A 621 0.64 6.60 19.97
C PHE A 621 -0.78 6.22 20.45
N SER A 622 -1.02 4.90 20.60
CA SER A 622 -2.32 4.39 21.06
C SER A 622 -2.39 4.37 22.62
N SER A 623 -3.52 4.79 23.18
CA SER A 623 -3.75 4.66 24.62
C SER A 623 -3.79 3.17 25.10
N LEU A 624 -3.71 2.19 24.19
CA LEU A 624 -3.83 0.80 24.60
C LEU A 624 -2.42 0.36 25.03
N SER A 625 -1.42 1.16 24.63
CA SER A 625 -0.07 0.58 24.70
C SER A 625 0.58 0.60 26.11
N PRO A 626 0.53 1.71 26.88
CA PRO A 626 1.40 1.71 28.10
C PRO A 626 0.97 0.68 29.11
N SER A 627 -0.31 0.47 29.19
CA SER A 627 -0.75 -0.56 30.18
C SER A 627 -0.25 -1.97 29.85
N SER A 628 -0.11 -2.32 28.56
CA SER A 628 0.40 -3.63 28.17
C SER A 628 1.84 -3.78 28.59
N TYR A 629 2.64 -2.72 28.39
CA TYR A 629 4.01 -2.80 28.87
C TYR A 629 4.05 -2.82 30.41
N ALA A 630 3.22 -2.04 31.08
CA ALA A 630 3.23 -2.11 32.54
C ALA A 630 2.91 -3.55 33.08
N ILE A 631 1.85 -4.15 32.52
CA ILE A 631 1.48 -5.52 32.94
C ILE A 631 2.57 -6.53 32.69
N VAL A 632 3.17 -6.47 31.48
CA VAL A 632 4.25 -7.49 31.15
C VAL A 632 5.42 -7.24 32.14
N ALA A 633 5.78 -5.96 32.33
CA ALA A 633 6.93 -5.61 33.19
C ALA A 633 6.61 -6.07 34.61
N ALA A 634 5.40 -5.82 35.09
CA ALA A 634 5.12 -6.24 36.51
C ALA A 634 5.20 -7.82 36.65
N GLN A 635 4.76 -8.53 35.62
CA GLN A 635 4.71 -10.01 35.64
C GLN A 635 6.09 -10.63 35.62
N ILE A 636 7.11 -9.86 35.25
CA ILE A 636 8.46 -10.37 35.29
C ILE A 636 9.31 -9.61 36.35
N ASP A 637 8.59 -9.03 37.32
CA ASP A 637 9.18 -8.45 38.55
C ASP A 637 10.06 -7.24 38.20
N LYS A 638 9.79 -6.62 37.03
CA LYS A 638 10.38 -5.30 36.76
C LYS A 638 9.39 -4.29 37.32
N VAL A 639 9.36 -4.20 38.66
CA VAL A 639 8.27 -3.44 39.29
C VAL A 639 8.31 -1.95 39.05
N GLU A 640 9.47 -1.36 39.20
CA GLU A 640 9.56 0.07 39.02
C GLU A 640 9.34 0.49 37.55
N GLU A 641 9.85 -0.32 36.59
CA GLU A 641 9.51 -0.04 35.17
C GLU A 641 8.00 -0.20 34.92
N ALA A 642 7.36 -1.19 35.55
CA ALA A 642 5.93 -1.37 35.41
C ALA A 642 5.30 -0.09 35.97
N TYR A 643 5.76 0.38 37.13
CA TYR A 643 5.15 1.62 37.69
C TYR A 643 5.29 2.86 36.75
N ARG A 644 6.41 3.00 36.08
CA ARG A 644 6.61 4.14 35.09
C ARG A 644 5.50 4.10 34.00
N ASN A 645 5.22 2.92 33.42
CA ASN A 645 4.15 2.78 32.47
C ASN A 645 2.78 2.85 33.08
N PHE A 646 2.60 2.38 34.31
CA PHE A 646 1.32 2.58 34.96
C PHE A 646 0.99 4.11 35.05
N ARG A 647 2.01 4.89 35.42
CA ARG A 647 1.75 6.35 35.60
C ARG A 647 1.37 7.00 34.25
N LYS A 648 2.07 6.64 33.18
CA LYS A 648 1.70 7.11 31.86
C LYS A 648 0.25 6.71 31.52
N SER A 649 -0.13 5.45 31.72
CA SER A 649 -1.42 4.97 31.30
C SER A 649 -2.56 5.60 32.08
N VAL A 650 -2.48 5.65 33.39
CA VAL A 650 -3.61 6.17 34.14
C VAL A 650 -3.85 7.64 33.90
N MET A 651 -2.84 8.40 33.43
CA MET A 651 -2.99 9.89 33.25
C MET A 651 -3.36 10.30 31.84
N ILE A 652 -3.57 9.36 30.92
CA ILE A 652 -3.75 9.70 29.50
C ILE A 652 -4.87 10.76 29.29
N ASP A 653 -6.03 10.52 29.88
CA ASP A 653 -7.14 11.53 29.77
C ASP A 653 -6.96 12.75 30.70
N LEU A 654 -6.68 12.50 31.99
CA LEU A 654 -6.54 13.58 33.00
C LEU A 654 -5.52 14.62 32.55
N LEU A 655 -4.46 14.21 31.89
CA LEU A 655 -3.39 15.19 31.52
C LEU A 655 -3.42 15.39 30.00
N ASN A 656 -4.49 14.93 29.37
CA ASN A 656 -4.64 15.19 27.96
C ASN A 656 -3.40 14.80 27.11
N THR A 657 -2.82 13.59 27.26
CA THR A 657 -1.46 13.36 26.70
C THR A 657 -1.45 12.90 25.20
N ASN A 658 -2.61 12.42 24.69
CA ASN A 658 -2.71 11.78 23.36
C ASN A 658 -3.37 12.70 22.27
N GLU A 659 -3.08 12.45 21.01
CA GLU A 659 -3.52 13.31 19.89
C GLU A 659 -5.06 13.14 19.66
N ALA A 660 -5.78 14.25 19.43
CA ALA A 660 -7.27 14.29 19.24
C ALA A 660 -7.71 14.15 17.73
N VAL A 661 -6.79 14.50 16.82
CA VAL A 661 -7.05 14.48 15.33
C VAL A 661 -5.90 13.76 14.62
N SER A 662 -6.27 12.87 13.68
CA SER A 662 -5.27 12.20 12.87
C SER A 662 -5.88 11.94 11.51
N GLY A 663 -5.10 12.28 10.47
CA GLY A 663 -5.50 11.86 9.14
C GLY A 663 -6.85 12.47 8.81
N GLY A 664 -7.09 13.64 9.35
CA GLY A 664 -8.36 14.33 9.10
C GLY A 664 -9.58 13.77 9.85
N THR A 665 -9.43 12.78 10.76
CA THR A 665 -10.63 12.14 11.45
C THR A 665 -10.48 12.44 12.97
N PHE A 666 -11.57 12.81 13.63
CA PHE A 666 -11.51 13.06 15.09
C PHE A 666 -11.44 11.70 15.83
N ILE A 667 -10.39 11.51 16.63
CA ILE A 667 -10.16 10.26 17.43
C ILE A 667 -10.09 10.54 18.95
N GLY A 668 -10.61 11.71 19.39
CA GLY A 668 -10.54 12.17 20.80
C GLY A 668 -11.69 11.55 21.61
N GLY A 669 -11.99 12.08 22.83
CA GLY A 669 -13.04 11.40 23.67
C GLY A 669 -12.23 10.66 24.80
N ILE A 670 -12.94 9.96 25.68
CA ILE A 670 -12.33 9.31 26.79
C ILE A 670 -11.81 7.95 26.23
N HIS A 671 -10.67 7.47 26.71
CA HIS A 671 -10.03 6.30 26.16
C HIS A 671 -10.44 5.12 26.96
N THR A 672 -11.51 4.49 26.55
CA THR A 672 -12.18 3.48 27.37
C THR A 672 -11.30 2.24 27.68
N ALA A 673 -10.59 1.75 26.68
CA ALA A 673 -9.64 0.60 26.91
C ALA A 673 -8.61 0.90 27.96
N ALA A 674 -8.01 2.10 27.93
CA ALA A 674 -7.07 2.48 28.95
C ALA A 674 -7.77 2.60 30.30
N ASN A 675 -8.99 3.14 30.31
CA ASN A 675 -9.73 3.17 31.58
C ASN A 675 -9.92 1.79 32.15
N GLY A 676 -10.26 0.79 31.30
CA GLY A 676 -10.45 -0.58 31.77
C GLY A 676 -9.14 -1.17 32.21
N ALA A 677 -8.08 -0.82 31.49
CA ALA A 677 -6.79 -1.40 31.84
C ALA A 677 -6.20 -0.95 33.15
N SER A 678 -6.64 0.19 33.70
CA SER A 678 -6.12 0.65 35.02
C SER A 678 -6.28 -0.41 36.10
N TRP A 679 -7.45 -1.06 36.11
CA TRP A 679 -7.75 -2.07 37.11
C TRP A 679 -6.87 -3.30 36.92
N GLN A 680 -6.71 -3.74 35.66
CA GLN A 680 -5.80 -4.94 35.44
C GLN A 680 -4.36 -4.69 35.84
N MET A 681 -3.83 -3.50 35.56
CA MET A 681 -2.44 -3.24 35.86
C MET A 681 -2.22 -3.46 37.38
N VAL A 682 -3.18 -2.99 38.20
CA VAL A 682 -2.97 -3.19 39.67
C VAL A 682 -3.25 -4.62 40.03
N VAL A 683 -4.38 -5.16 39.61
CA VAL A 683 -4.83 -6.46 40.18
C VAL A 683 -4.14 -7.67 39.48
N ASN A 684 -4.17 -7.70 38.16
CA ASN A 684 -3.49 -8.81 37.42
C ASN A 684 -2.04 -8.50 37.28
N GLY A 685 -1.64 -7.23 37.14
CA GLY A 685 -0.16 -6.95 36.94
C GLY A 685 0.58 -6.93 38.26
N PHE A 686 0.33 -5.93 39.12
CA PHE A 686 1.05 -5.89 40.43
C PHE A 686 0.61 -7.07 41.36
N GLY A 687 -0.69 -7.37 41.40
CA GLY A 687 -1.24 -8.38 42.28
C GLY A 687 -0.89 -9.76 41.84
N GLY A 688 -0.72 -9.92 40.52
CA GLY A 688 -0.44 -11.17 39.93
C GLY A 688 -1.73 -12.00 39.97
N LEU A 689 -2.91 -11.46 40.07
CA LEU A 689 -4.09 -12.39 40.32
C LEU A 689 -4.31 -13.23 39.08
N SER A 690 -4.36 -14.57 39.23
CA SER A 690 -5.04 -15.34 38.14
C SER A 690 -5.82 -16.50 38.73
N VAL A 691 -6.80 -16.98 37.98
CA VAL A 691 -7.77 -18.02 38.51
C VAL A 691 -7.90 -19.08 37.41
N HIS A 692 -7.58 -20.35 37.75
CA HIS A 692 -7.61 -21.48 36.77
C HIS A 692 -8.32 -22.64 37.38
N GLY A 693 -9.62 -22.79 37.04
CA GLY A 693 -10.51 -23.75 37.71
C GLY A 693 -10.59 -23.44 39.21
N ASP A 694 -10.11 -24.40 40.02
CA ASP A 694 -10.06 -24.36 41.52
C ASP A 694 -8.97 -23.42 42.12
N ASP A 695 -7.83 -23.32 41.41
CA ASP A 695 -6.64 -22.62 41.86
C ASP A 695 -6.72 -21.10 41.67
N ILE A 696 -6.55 -20.38 42.78
CA ILE A 696 -6.34 -18.97 42.71
C ILE A 696 -4.86 -18.62 42.97
N HIS A 697 -4.26 -17.79 42.11
CA HIS A 697 -2.82 -17.47 42.29
C HIS A 697 -2.73 -16.00 42.56
N LEU A 698 -1.79 -15.60 43.42
CA LEU A 698 -1.44 -14.21 43.59
C LEU A 698 0.05 -14.20 43.58
N SER A 699 0.63 -13.12 43.07
CA SER A 699 2.11 -12.90 43.17
C SER A 699 2.31 -11.40 43.44
N PRO A 700 1.91 -10.96 44.65
CA PRO A 700 1.76 -9.48 44.84
C PRO A 700 3.14 -8.75 44.92
N ARG A 701 3.36 -7.88 43.93
CA ARG A 701 4.51 -6.95 43.92
C ARG A 701 3.98 -5.56 44.39
N LEU A 702 4.87 -4.64 44.80
CA LEU A 702 4.42 -3.35 45.36
C LEU A 702 5.43 -2.32 44.89
N PRO A 703 4.96 -1.32 44.13
CA PRO A 703 5.90 -0.24 43.65
C PRO A 703 6.33 0.49 44.88
N ASP A 704 7.50 1.16 44.80
CA ASP A 704 8.00 1.90 45.91
C ASP A 704 7.20 3.12 46.25
N ALA A 705 6.48 3.61 45.24
CA ALA A 705 5.58 4.77 45.43
C ALA A 705 4.35 4.54 46.32
N TRP A 706 4.00 3.26 46.66
CA TRP A 706 2.80 2.96 47.42
C TRP A 706 3.14 2.29 48.70
N ASP A 707 2.31 2.45 49.73
CA ASP A 707 2.59 1.62 50.91
C ASP A 707 1.71 0.40 50.98
N GLY A 708 0.80 0.30 50.03
CA GLY A 708 -0.07 -0.88 49.99
C GLY A 708 -1.17 -0.70 48.98
N TYR A 709 -1.97 -1.75 48.76
CA TYR A 709 -3.16 -1.57 47.87
C TYR A 709 -4.08 -2.71 48.22
N THR A 710 -5.33 -2.54 47.91
CA THR A 710 -6.30 -3.57 48.26
C THR A 710 -7.20 -3.73 47.09
N PHE A 711 -7.77 -4.91 46.92
CA PHE A 711 -8.74 -5.07 45.82
C PHE A 711 -9.70 -6.25 46.21
N LYS A 712 -10.77 -6.41 45.47
CA LYS A 712 -11.77 -7.48 45.77
C LYS A 712 -11.81 -8.37 44.59
N ALA A 713 -12.15 -9.67 44.75
CA ALA A 713 -12.42 -10.46 43.56
C ALA A 713 -13.55 -11.39 43.95
N ILE A 714 -14.30 -11.89 42.98
CA ILE A 714 -15.44 -12.80 43.28
C ILE A 714 -15.03 -14.05 42.57
N VAL A 715 -14.49 -15.06 43.28
CA VAL A 715 -14.04 -16.33 42.64
C VAL A 715 -14.99 -17.49 43.00
N LYS A 716 -15.52 -18.12 41.96
CA LYS A 716 -16.58 -19.10 42.08
C LYS A 716 -17.59 -18.75 43.19
N GLY A 717 -18.11 -17.53 43.17
CA GLY A 717 -19.09 -17.03 44.10
C GLY A 717 -18.60 -16.64 45.48
N GLN A 718 -17.31 -16.76 45.76
CA GLN A 718 -16.82 -16.32 47.07
C GLN A 718 -16.17 -14.94 46.90
N THR A 719 -16.53 -14.00 47.77
CA THR A 719 -15.93 -12.67 47.74
C THR A 719 -14.68 -12.65 48.59
N LEU A 720 -13.56 -12.41 47.92
CA LEU A 720 -12.26 -12.34 48.55
C LEU A 720 -11.84 -10.90 48.56
N GLU A 721 -11.14 -10.50 49.62
CA GLU A 721 -10.55 -9.17 49.63
C GLU A 721 -9.08 -9.36 49.88
N VAL A 722 -8.25 -8.59 49.20
CA VAL A 722 -6.77 -8.84 49.31
C VAL A 722 -6.15 -7.49 49.71
N ASP A 723 -5.27 -7.50 50.70
CA ASP A 723 -4.59 -6.27 51.18
C ASP A 723 -3.10 -6.57 51.06
N VAL A 724 -2.40 -5.86 50.20
CA VAL A 724 -0.96 -6.08 50.04
C VAL A 724 -0.22 -4.92 50.70
N THR A 725 0.84 -5.16 51.51
CA THR A 725 1.69 -4.02 51.98
C THR A 725 3.11 -4.50 51.79
N LYS A 726 4.12 -3.68 52.12
CA LYS A 726 5.47 -4.09 51.85
C LYS A 726 5.81 -5.41 52.59
N GLU A 727 5.28 -5.60 53.82
CA GLU A 727 5.78 -6.63 54.69
C GLU A 727 4.81 -7.81 54.78
N GLN A 728 3.60 -7.67 54.29
CA GLN A 728 2.62 -8.75 54.43
C GLN A 728 1.52 -8.76 53.37
N ILE A 729 0.73 -9.86 53.30
CA ILE A 729 -0.48 -9.90 52.50
C ILE A 729 -1.52 -10.54 53.34
N THR A 730 -2.73 -9.98 53.32
CA THR A 730 -3.91 -10.58 53.98
C THR A 730 -4.92 -10.89 52.97
N ILE A 731 -5.55 -12.03 53.13
CA ILE A 731 -6.69 -12.35 52.27
C ILE A 731 -7.87 -12.75 53.17
N THR A 732 -9.02 -12.11 52.99
CA THR A 732 -10.23 -12.53 53.67
C THR A 732 -11.27 -13.05 52.73
N ASN A 733 -12.08 -13.95 53.25
CA ASN A 733 -13.19 -14.43 52.49
C ASN A 733 -14.42 -13.92 53.25
N LYS A 734 -15.20 -13.04 52.62
CA LYS A 734 -16.18 -12.26 53.36
C LYS A 734 -17.58 -12.61 52.91
N SER A 735 -17.83 -13.88 52.61
CA SER A 735 -19.09 -14.24 51.92
C SER A 735 -20.00 -15.17 52.72
N GLU A 736 -20.77 -16.02 52.00
CA GLU A 736 -21.60 -17.15 52.52
C GLU A 736 -20.78 -18.35 53.05
N ASP A 737 -19.58 -18.53 52.48
CA ASP A 737 -18.39 -19.21 53.07
C ASP A 737 -18.23 -20.73 52.92
N ARG A 738 -18.00 -21.14 51.69
CA ARG A 738 -17.71 -22.53 51.39
C ARG A 738 -16.20 -22.74 51.51
N LYS A 739 -15.85 -23.78 52.27
CA LYS A 739 -14.46 -23.98 52.69
C LYS A 739 -13.47 -24.33 51.54
N PRO A 740 -13.97 -24.75 50.34
CA PRO A 740 -13.05 -25.40 49.41
C PRO A 740 -11.91 -24.55 48.81
N LEU A 741 -11.78 -23.26 49.21
CA LEU A 741 -10.79 -22.35 48.53
C LEU A 741 -9.24 -22.53 48.67
N THR A 742 -8.61 -22.90 47.54
CA THR A 742 -7.13 -23.09 47.37
C THR A 742 -6.39 -21.90 46.72
N LEU A 743 -5.38 -21.40 47.44
CA LEU A 743 -4.62 -20.19 47.08
C LEU A 743 -3.20 -20.54 46.95
N HIS A 744 -2.54 -19.97 45.95
CA HIS A 744 -1.09 -20.08 45.89
C HIS A 744 -0.61 -18.67 45.94
N ILE A 745 0.23 -18.35 46.90
CA ILE A 745 0.75 -17.01 47.02
C ILE A 745 2.24 -17.15 46.75
N PHE A 746 2.70 -16.58 45.61
CA PHE A 746 3.97 -16.97 45.06
C PHE A 746 3.98 -18.52 45.01
N GLY A 747 5.02 -19.15 45.54
CA GLY A 747 4.94 -20.67 45.51
C GLY A 747 4.14 -21.41 46.57
N GLU A 748 3.64 -20.70 47.54
CA GLU A 748 3.13 -21.37 48.74
C GLU A 748 1.62 -21.56 48.73
N LYS A 749 1.18 -22.80 48.95
CA LYS A 749 -0.23 -23.12 49.02
C LYS A 749 -0.87 -22.71 50.35
N SER A 750 -2.07 -22.17 50.32
CA SER A 750 -2.91 -22.04 51.57
C SER A 750 -4.31 -22.52 51.22
N VAL A 751 -5.03 -23.09 52.20
CA VAL A 751 -6.40 -23.43 51.91
C VAL A 751 -7.08 -22.28 52.63
N LEU A 752 -7.96 -21.55 51.95
CA LEU A 752 -8.64 -20.47 52.65
C LEU A 752 -9.96 -21.08 53.16
N ASP A 753 -9.94 -21.55 54.40
CA ASP A 753 -11.14 -22.13 55.03
C ASP A 753 -11.61 -21.36 56.26
N SER A 754 -10.72 -20.55 56.87
CA SER A 754 -11.17 -19.50 57.82
C SER A 754 -11.54 -18.16 57.10
N GLU A 755 -11.79 -17.12 57.89
CA GLU A 755 -12.27 -15.85 57.30
C GLU A 755 -11.08 -14.96 56.94
N ARG A 756 -9.87 -15.25 57.48
CA ARG A 756 -8.68 -14.36 57.16
C ARG A 756 -7.38 -15.12 57.19
N ILE A 757 -6.58 -15.02 56.14
CA ILE A 757 -5.22 -15.54 56.22
C ILE A 757 -4.25 -14.39 56.03
N THR A 758 -3.18 -14.40 56.81
CA THR A 758 -2.12 -13.34 56.76
C THR A 758 -0.73 -13.97 56.59
N LYS A 759 0.02 -13.56 55.58
CA LYS A 759 1.35 -14.19 55.34
C LYS A 759 2.31 -13.08 55.22
N SER A 760 3.51 -13.34 55.62
CA SER A 760 4.49 -12.30 55.37
C SER A 760 4.87 -12.28 53.85
N ARG A 761 5.33 -11.13 53.36
CA ARG A 761 5.58 -10.93 51.93
C ARG A 761 6.99 -10.37 51.84
N LEU A 762 7.79 -10.87 50.92
CA LEU A 762 9.12 -10.34 50.67
C LEU A 762 9.03 -9.54 49.38
N GLU A 763 9.99 -8.62 49.24
CA GLU A 763 10.18 -7.72 48.07
C GLU A 763 10.42 -8.56 46.84
N HIS A 764 9.76 -8.27 45.72
CA HIS A 764 9.95 -9.10 44.53
C HIS A 764 10.35 -8.13 43.39
N HIS A 765 11.19 -7.09 43.69
CA HIS A 765 11.87 -6.38 42.61
C HIS A 765 12.92 -7.31 42.04
N HIS A 766 12.99 -7.45 40.72
CA HIS A 766 13.93 -8.38 40.16
C HIS A 766 15.37 -7.89 40.32
N HIS A 767 16.33 -8.74 40.73
CA HIS A 767 17.75 -8.26 40.91
C HIS A 767 18.62 -8.58 39.71
N MET B 1 6.50 9.54 -51.37
CA MET B 1 5.79 10.80 -51.59
C MET B 1 6.16 11.90 -50.54
N HIS B 2 5.84 11.71 -49.26
CA HIS B 2 5.45 12.93 -48.57
C HIS B 2 5.64 13.12 -47.12
N GLU B 3 4.63 13.77 -46.57
CA GLU B 3 4.56 14.31 -45.24
C GLU B 3 4.22 13.25 -44.17
N ILE B 4 5.19 12.96 -43.30
CA ILE B 4 4.97 12.11 -42.16
C ILE B 4 4.28 12.87 -41.04
N GLY B 5 4.70 14.09 -40.73
CA GLY B 5 4.17 14.73 -39.50
C GLY B 5 4.87 16.04 -39.30
N GLU B 6 5.23 16.39 -38.07
CA GLU B 6 5.66 17.77 -37.85
C GLU B 6 6.11 18.43 -39.15
N HIS B 7 7.42 18.43 -39.34
CA HIS B 7 8.03 18.93 -40.56
C HIS B 7 8.89 17.75 -41.08
N LEU B 8 8.37 16.52 -40.98
CA LEU B 8 9.10 15.31 -41.42
C LEU B 8 8.55 14.74 -42.70
N THR B 9 9.44 14.35 -43.61
CA THR B 9 9.10 13.66 -44.82
C THR B 9 9.99 12.48 -45.14
N THR B 10 9.58 11.67 -46.10
CA THR B 10 10.44 10.67 -46.69
C THR B 10 10.45 10.94 -48.25
N ASN B 11 11.58 10.73 -48.92
CA ASN B 11 11.61 10.79 -50.37
C ASN B 11 11.71 9.43 -50.95
N THR B 12 12.22 8.47 -50.18
CA THR B 12 12.46 7.15 -50.78
C THR B 12 11.74 5.99 -50.07
N GLY B 13 11.16 6.24 -48.90
CA GLY B 13 10.72 5.07 -48.12
C GLY B 13 11.82 4.56 -47.19
N TRP B 14 13.05 5.06 -47.33
CA TRP B 14 14.19 4.59 -46.50
C TRP B 14 14.82 5.69 -45.72
N ASP B 15 14.32 6.90 -45.82
CA ASP B 15 14.95 8.05 -45.19
C ASP B 15 13.94 8.87 -44.43
N ILE B 16 14.34 9.47 -43.29
CA ILE B 16 13.45 10.43 -42.63
C ILE B 16 14.15 11.77 -42.63
N ILE B 17 13.44 12.80 -43.12
CA ILE B 17 14.07 14.11 -43.28
C ILE B 17 13.27 15.11 -42.45
N LYS B 18 13.96 15.91 -41.64
CA LYS B 18 13.39 17.05 -40.90
C LYS B 18 13.94 18.32 -41.55
N ASN B 19 13.09 19.20 -42.10
CA ASN B 19 13.57 20.39 -42.83
C ASN B 19 13.41 21.75 -42.16
N ARG B 20 13.18 21.77 -40.86
CA ARG B 20 13.18 22.99 -40.12
C ARG B 20 13.86 22.61 -38.85
N TYR B 21 14.74 23.45 -38.31
CA TYR B 21 15.39 23.21 -37.01
C TYR B 21 14.56 23.94 -36.03
N GLU B 22 14.20 23.31 -34.94
CA GLU B 22 13.56 24.02 -33.84
C GLU B 22 14.18 23.41 -32.65
N ALA B 23 14.68 24.25 -31.73
CA ALA B 23 15.50 23.81 -30.57
C ALA B 23 14.66 23.04 -29.56
N ALA B 24 13.36 23.37 -29.51
CA ALA B 24 12.39 22.68 -28.67
C ALA B 24 12.42 21.17 -29.04
N GLN B 25 12.34 20.86 -30.34
CA GLN B 25 12.33 19.47 -30.85
C GLN B 25 13.75 18.85 -31.00
N ALA B 26 14.81 19.67 -31.02
CA ALA B 26 16.14 19.09 -30.92
C ALA B 26 16.11 18.34 -29.55
N ILE B 27 16.90 17.28 -29.46
CA ILE B 27 16.87 16.32 -28.34
C ILE B 27 15.93 15.15 -28.62
N THR B 28 14.62 15.40 -28.89
CA THR B 28 13.71 14.24 -29.22
C THR B 28 14.36 13.79 -30.51
N GLU B 29 14.87 14.76 -31.27
CA GLU B 29 15.55 14.43 -32.46
C GLU B 29 16.83 13.62 -32.17
N GLY B 30 17.51 13.88 -31.05
CA GLY B 30 18.78 13.17 -30.74
C GLY B 30 18.46 11.69 -30.60
N SER B 31 17.27 11.34 -30.10
CA SER B 31 16.96 9.92 -29.96
C SER B 31 16.60 9.42 -31.35
N ASN B 32 15.68 10.11 -32.01
CA ASN B 32 15.05 9.54 -33.22
C ASN B 32 16.07 9.39 -34.31
N PHE B 33 16.98 10.33 -34.42
CA PHE B 33 17.97 10.28 -35.52
C PHE B 33 19.31 9.67 -35.04
N MET B 34 19.29 8.93 -33.98
CA MET B 34 20.55 8.27 -33.46
C MET B 34 21.06 7.20 -34.45
N ILE B 35 22.33 6.74 -34.18
CA ILE B 35 23.00 5.67 -34.95
C ILE B 35 23.53 4.67 -33.88
N GLY B 36 23.84 3.46 -34.31
CA GLY B 36 24.28 2.50 -33.33
C GLY B 36 24.39 1.19 -34.03
N ASN B 37 24.81 0.19 -33.26
CA ASN B 37 25.18 -1.09 -33.86
C ASN B 37 25.10 -2.26 -32.84
N GLY B 38 24.35 -2.08 -31.78
CA GLY B 38 24.19 -3.08 -30.76
C GLY B 38 25.31 -3.07 -29.72
N PHE B 39 26.48 -2.48 -30.05
CA PHE B 39 27.51 -2.21 -29.08
C PHE B 39 27.44 -0.85 -28.47
N MET B 40 27.09 0.17 -29.27
CA MET B 40 26.92 1.44 -28.71
C MET B 40 25.78 2.15 -29.36
N GLY B 41 25.31 3.24 -28.71
CA GLY B 41 24.33 4.15 -29.38
C GLY B 41 24.97 5.49 -29.37
N TYR B 42 24.78 6.31 -30.41
CA TYR B 42 25.41 7.60 -30.44
C TYR B 42 24.25 8.51 -30.81
N ARG B 43 23.86 9.40 -29.90
CA ARG B 43 22.69 10.22 -30.16
C ARG B 43 22.86 11.12 -31.41
N GLY B 44 21.73 11.42 -32.09
CA GLY B 44 21.73 12.16 -33.36
C GLY B 44 22.04 13.63 -33.20
N THR B 45 23.02 13.99 -32.38
CA THR B 45 23.31 15.45 -32.17
C THR B 45 24.22 15.93 -33.32
N PHE B 46 24.60 17.21 -33.30
CA PHE B 46 25.47 17.74 -34.34
C PHE B 46 26.83 17.91 -33.74
N ALA B 47 27.83 18.04 -34.59
CA ALA B 47 29.23 17.92 -34.12
C ALA B 47 29.58 18.95 -33.05
N GLU B 48 28.91 20.13 -33.03
CA GLU B 48 29.19 21.10 -31.95
C GLU B 48 28.56 20.86 -30.58
N ASP B 49 27.62 19.88 -30.47
CA ASP B 49 26.84 19.64 -29.33
C ASP B 49 27.60 18.93 -28.19
N GLY B 50 27.26 19.31 -26.99
CA GLY B 50 27.75 18.61 -25.77
C GLY B 50 26.61 18.49 -24.78
N LYS B 51 26.98 18.69 -23.53
CA LYS B 51 26.09 18.28 -22.51
C LYS B 51 24.78 19.06 -22.52
N ASP B 52 24.87 20.35 -22.87
CA ASP B 52 23.58 21.12 -22.91
C ASP B 52 22.57 20.67 -24.00
N ALA B 53 23.02 19.99 -25.07
CA ALA B 53 22.16 19.45 -26.12
C ALA B 53 21.95 17.94 -25.93
N TYR B 54 22.30 17.43 -24.75
CA TYR B 54 22.13 15.98 -24.43
C TYR B 54 22.82 15.08 -25.41
N ALA B 55 24.01 15.46 -25.85
CA ALA B 55 24.80 14.53 -26.67
C ALA B 55 25.15 13.30 -25.76
N ALA B 56 25.30 12.12 -26.39
CA ALA B 56 25.74 10.97 -25.64
C ALA B 56 26.15 9.88 -26.56
N CYS B 57 27.14 9.12 -26.07
CA CYS B 57 27.56 7.84 -26.68
C CYS B 57 27.44 6.87 -25.49
N ILE B 58 26.49 5.95 -25.59
CA ILE B 58 26.20 5.00 -24.49
C ILE B 58 26.77 3.69 -24.94
N VAL B 59 27.51 3.03 -24.06
CA VAL B 59 28.28 1.84 -24.49
C VAL B 59 27.91 0.63 -23.65
N THR B 60 27.64 -0.49 -24.31
CA THR B 60 27.17 -1.69 -23.66
C THR B 60 28.22 -2.23 -22.69
N ASP B 61 27.76 -2.89 -21.64
CA ASP B 61 28.68 -3.55 -20.66
C ASP B 61 29.63 -2.55 -19.97
N THR B 62 29.11 -1.35 -19.61
CA THR B 62 29.86 -0.36 -18.83
C THR B 62 28.92 -0.01 -17.64
N TRP B 63 28.11 -0.93 -17.20
CA TRP B 63 27.29 -0.68 -15.99
C TRP B 63 28.09 -0.15 -14.78
N ASP B 64 27.47 0.83 -14.15
CA ASP B 64 28.04 1.50 -13.00
C ASP B 64 26.96 2.04 -12.12
N LYS B 65 27.18 2.05 -10.80
CA LYS B 65 26.16 2.50 -9.84
C LYS B 65 26.79 3.62 -8.94
N ALA B 66 27.21 4.72 -9.55
CA ALA B 66 27.96 5.78 -8.85
C ALA B 66 27.08 6.44 -7.80
N ASP B 67 25.78 6.65 -8.07
CA ASP B 67 24.92 7.30 -7.11
C ASP B 67 24.38 6.36 -5.99
N GLY B 68 24.78 5.12 -5.98
CA GLY B 68 24.42 4.19 -4.89
C GLY B 68 23.02 3.55 -5.11
N LYS B 69 22.31 3.93 -6.17
CA LYS B 69 20.96 3.37 -6.39
C LYS B 69 20.75 2.79 -7.82
N TRP B 70 20.98 3.62 -8.83
CA TRP B 70 20.65 3.32 -10.27
C TRP B 70 21.90 2.74 -10.98
N GLU B 71 21.93 1.43 -11.26
CA GLU B 71 23.02 0.85 -12.04
C GLU B 71 22.64 1.02 -13.52
N GLU B 72 23.42 1.78 -14.29
CA GLU B 72 23.03 2.05 -15.72
C GLU B 72 24.37 2.08 -16.51
N LEU B 73 24.26 2.12 -17.83
CA LEU B 73 25.41 2.10 -18.73
C LEU B 73 26.08 3.48 -18.62
N SER B 74 27.36 3.54 -18.95
CA SER B 74 28.14 4.77 -18.79
C SER B 74 27.94 5.53 -20.13
N THR B 75 27.98 6.85 -20.06
CA THR B 75 28.18 7.67 -21.26
C THR B 75 29.69 7.99 -21.26
N VAL B 76 30.30 8.00 -22.43
CA VAL B 76 31.76 8.02 -22.54
C VAL B 76 32.22 9.33 -23.21
N PRO B 77 33.52 9.61 -23.10
CA PRO B 77 33.95 10.87 -23.75
C PRO B 77 33.63 10.93 -25.30
N ASN B 78 33.29 12.12 -25.80
CA ASN B 78 32.85 12.27 -27.20
C ASN B 78 34.00 12.77 -28.05
N ALA B 79 34.53 11.89 -28.89
CA ALA B 79 35.69 12.18 -29.73
C ALA B 79 35.24 12.79 -31.07
N LEU B 80 33.95 13.12 -31.22
CA LEU B 80 33.59 13.73 -32.50
C LEU B 80 33.37 15.23 -32.38
N LEU B 81 33.57 15.77 -31.17
CA LEU B 81 33.30 17.21 -30.91
C LEU B 81 34.05 18.10 -31.93
N THR B 82 33.35 19.02 -32.59
CA THR B 82 33.99 19.80 -33.63
C THR B 82 33.23 21.17 -33.62
N LEU B 83 33.97 22.28 -33.48
CA LEU B 83 33.44 23.63 -33.29
C LEU B 83 34.04 24.55 -34.38
N LEU B 84 33.21 25.41 -34.95
CA LEU B 84 33.63 26.29 -36.02
C LEU B 84 33.47 27.70 -35.50
N HIS B 85 34.47 28.58 -35.79
CA HIS B 85 34.30 30.02 -35.67
C HIS B 85 34.58 30.59 -37.02
N VAL B 86 33.91 31.70 -37.39
CA VAL B 86 34.08 32.26 -38.73
C VAL B 86 34.31 33.72 -38.48
N ASP B 87 35.54 34.13 -38.77
CA ASP B 87 35.97 35.47 -38.41
C ASP B 87 35.63 35.80 -36.96
N GLY B 88 35.86 34.87 -36.03
CA GLY B 88 35.62 35.16 -34.57
C GLY B 88 34.27 34.72 -33.99
N GLU B 89 33.30 34.52 -34.88
CA GLU B 89 31.92 34.28 -34.41
C GLU B 89 31.67 32.74 -34.33
N PRO B 90 31.21 32.21 -33.20
CA PRO B 90 30.91 30.76 -33.22
C PRO B 90 29.76 30.41 -34.16
N PHE B 91 29.83 29.28 -34.85
CA PHE B 91 28.65 28.75 -35.58
C PHE B 91 27.61 28.09 -34.61
N ILE B 92 26.46 28.73 -34.44
CA ILE B 92 25.43 28.23 -33.52
C ILE B 92 24.16 28.04 -34.35
N MET B 93 23.53 26.88 -34.27
CA MET B 93 22.26 26.63 -34.96
C MET B 93 21.20 27.71 -34.63
N SER B 94 20.58 28.29 -35.65
CA SER B 94 19.41 29.16 -35.37
C SER B 94 18.18 28.63 -36.14
N GLU B 95 17.00 28.93 -35.63
CA GLU B 95 15.73 28.46 -36.25
C GLU B 95 15.49 29.22 -37.55
N GLU B 96 16.19 30.34 -37.72
CA GLU B 96 16.17 31.12 -38.96
C GLU B 96 17.33 30.83 -39.93
N ALA B 97 17.90 29.62 -39.88
CA ALA B 97 19.01 29.33 -40.77
C ALA B 97 18.50 29.48 -42.18
N ALA B 98 19.24 30.15 -43.07
CA ALA B 98 18.95 30.11 -44.51
C ALA B 98 18.50 28.73 -45.02
N SER B 99 19.04 27.65 -44.45
CA SER B 99 18.65 26.35 -44.99
C SER B 99 19.00 25.26 -43.96
N PHE B 100 18.09 24.34 -43.62
CA PHE B 100 18.43 23.25 -42.63
C PHE B 100 17.69 21.99 -43.02
N GLU B 101 18.38 20.87 -42.97
CA GLU B 101 17.70 19.55 -43.17
C GLU B 101 18.51 18.64 -42.21
N ARG B 102 17.89 17.72 -41.50
CA ARG B 102 18.65 16.59 -40.94
C ARG B 102 17.98 15.35 -41.53
N THR B 103 18.76 14.28 -41.83
CA THR B 103 18.27 13.11 -42.48
C THR B 103 18.80 11.88 -41.70
N LEU B 104 17.93 10.91 -41.48
CA LEU B 104 18.39 9.58 -41.07
C LEU B 104 18.12 8.67 -42.22
N ASP B 105 19.16 8.02 -42.71
CA ASP B 105 19.02 7.09 -43.79
C ASP B 105 18.98 5.65 -43.23
N LEU B 106 17.76 5.08 -43.16
CA LEU B 106 17.56 3.86 -42.47
C LEU B 106 18.18 2.71 -43.23
N SER B 107 18.46 2.87 -44.55
CA SER B 107 19.01 1.73 -45.31
C SER B 107 20.47 1.39 -44.82
N GLN B 108 21.12 2.33 -44.13
CA GLN B 108 22.50 2.10 -43.69
C GLN B 108 22.86 2.76 -42.37
N GLY B 109 21.90 3.29 -41.60
CA GLY B 109 22.27 3.81 -40.26
C GLY B 109 23.20 5.01 -40.35
N VAL B 110 22.96 5.86 -41.38
CA VAL B 110 23.75 7.10 -41.56
C VAL B 110 22.85 8.31 -41.22
N THR B 111 23.31 9.12 -40.30
CA THR B 111 22.57 10.30 -39.83
C THR B 111 23.32 11.54 -40.25
N SER B 112 22.63 12.59 -40.68
CA SER B 112 23.42 13.72 -41.24
C SER B 112 22.65 15.02 -41.09
N ARG B 113 23.35 16.10 -41.36
CA ARG B 113 22.74 17.46 -41.31
C ARG B 113 23.38 18.24 -42.50
N LYS B 114 22.59 19.10 -43.18
CA LYS B 114 23.14 20.08 -44.14
C LYS B 114 22.52 21.35 -43.68
N VAL B 115 23.35 22.33 -43.38
CA VAL B 115 22.87 23.61 -42.84
C VAL B 115 23.66 24.75 -43.52
N SER B 116 22.97 25.85 -43.86
CA SER B 116 23.60 27.09 -44.41
C SER B 116 23.07 28.26 -43.55
N GLN B 117 24.02 29.06 -43.03
CA GLN B 117 23.69 30.13 -42.11
C GLN B 117 24.61 31.28 -42.50
N ARG B 118 24.05 32.48 -42.65
CA ARG B 118 24.89 33.65 -42.96
C ARG B 118 25.56 34.19 -41.71
N MET B 119 26.88 34.45 -41.75
CA MET B 119 27.58 34.87 -40.55
C MET B 119 27.59 36.40 -40.48
N LYS B 120 27.89 36.96 -39.30
CA LYS B 120 28.00 38.45 -39.14
C LYS B 120 28.87 39.14 -40.22
N ASN B 121 29.92 38.49 -40.70
CA ASN B 121 30.71 39.07 -41.79
C ASN B 121 30.14 38.93 -43.22
N GLY B 122 28.91 38.45 -43.34
CA GLY B 122 28.31 38.34 -44.65
C GLY B 122 28.46 37.02 -45.35
N ALA B 123 29.46 36.23 -44.91
CA ALA B 123 29.77 34.93 -45.56
C ALA B 123 28.63 33.97 -45.24
N THR B 124 28.12 33.31 -46.24
CA THR B 124 27.18 32.22 -45.96
C THR B 124 27.95 30.90 -45.85
N ILE B 125 27.86 30.32 -44.63
CA ILE B 125 28.60 29.05 -44.33
C ILE B 125 27.67 27.82 -44.45
N THR B 126 28.12 26.81 -45.16
CA THR B 126 27.34 25.60 -45.27
C THR B 126 28.18 24.48 -44.61
N ILE B 127 27.55 23.75 -43.70
CA ILE B 127 28.23 22.57 -43.10
C ILE B 127 27.40 21.33 -43.53
N HIS B 128 28.04 20.28 -44.04
CA HIS B 128 27.34 18.99 -44.28
C HIS B 128 28.07 18.05 -43.34
N GLU B 129 27.35 17.29 -42.52
CA GLU B 129 28.03 16.36 -41.63
C GLU B 129 27.29 15.05 -41.69
N GLU B 130 27.95 13.90 -41.57
CA GLU B 130 27.19 12.64 -41.56
C GLU B 130 28.01 11.72 -40.66
N LYS B 131 27.32 10.81 -40.02
CA LYS B 131 27.99 9.94 -39.07
C LYS B 131 27.30 8.57 -39.13
N PHE B 132 28.01 7.49 -38.78
CA PHE B 132 27.33 6.21 -38.67
C PHE B 132 28.20 5.42 -37.68
N ALA B 133 27.58 4.46 -37.01
CA ALA B 133 28.36 3.54 -36.09
C ALA B 133 28.55 2.30 -36.94
N SER B 134 29.78 1.88 -37.15
CA SER B 134 30.02 0.78 -38.07
C SER B 134 29.39 -0.56 -37.64
N TYR B 135 28.58 -1.17 -38.49
CA TYR B 135 28.10 -2.55 -38.09
C TYR B 135 29.19 -3.61 -38.38
N ARG B 136 30.21 -3.23 -39.15
CA ARG B 136 31.34 -4.11 -39.53
C ARG B 136 32.37 -4.05 -38.40
N LYS B 137 32.77 -2.87 -38.00
CA LYS B 137 33.74 -2.75 -36.85
C LYS B 137 32.94 -2.10 -35.68
N LYS B 138 32.41 -2.93 -34.78
CA LYS B 138 31.34 -2.40 -33.94
C LYS B 138 31.87 -1.42 -32.91
N HIS B 139 33.18 -1.43 -32.71
CA HIS B 139 33.81 -0.45 -31.73
C HIS B 139 34.03 0.96 -32.25
N ALA B 140 33.61 1.28 -33.48
CA ALA B 140 33.98 2.52 -34.12
C ALA B 140 32.69 3.30 -34.56
N VAL B 141 32.68 4.57 -34.34
CA VAL B 141 31.62 5.50 -34.94
C VAL B 141 32.40 6.57 -35.74
N LEU B 142 31.96 6.87 -36.99
CA LEU B 142 32.81 7.64 -37.92
C LEU B 142 32.01 8.87 -38.34
N MET B 143 32.71 9.91 -38.74
CA MET B 143 32.01 11.16 -39.13
C MET B 143 32.78 11.77 -40.29
N LYS B 144 32.05 12.39 -41.24
CA LYS B 144 32.66 13.20 -42.23
C LYS B 144 32.03 14.55 -42.10
N TYR B 145 32.81 15.60 -41.94
CA TYR B 145 32.26 16.94 -41.70
C TYR B 145 32.89 17.86 -42.73
N THR B 146 32.08 18.65 -43.47
CA THR B 146 32.61 19.43 -44.59
C THR B 146 32.12 20.88 -44.39
N VAL B 147 33.00 21.88 -44.53
CA VAL B 147 32.55 23.26 -44.35
C VAL B 147 32.89 23.99 -45.65
N GLU B 148 32.02 24.92 -46.02
CA GLU B 148 32.20 25.63 -47.32
C GLU B 148 31.67 27.05 -47.08
N SER B 149 32.33 28.02 -47.69
CA SER B 149 31.84 29.35 -47.59
C SER B 149 31.54 29.80 -49.05
N ASP B 150 30.59 30.74 -49.19
CA ASP B 150 30.33 31.27 -50.56
C ASP B 150 31.26 32.47 -50.81
N GLN B 151 32.07 32.84 -49.82
CA GLN B 151 32.83 34.10 -49.83
C GLN B 151 34.14 33.85 -49.10
N ASP B 152 35.24 34.35 -49.66
CA ASP B 152 36.57 34.22 -48.99
C ASP B 152 36.45 34.68 -47.57
N THR B 153 36.88 33.85 -46.62
CA THR B 153 36.80 34.25 -45.22
C THR B 153 37.82 33.41 -44.40
N ASP B 154 38.31 33.98 -43.32
CA ASP B 154 39.08 33.17 -42.35
C ASP B 154 38.13 32.45 -41.39
N ALA B 155 38.57 31.32 -40.78
CA ALA B 155 37.68 30.58 -39.88
C ALA B 155 38.64 29.75 -38.97
N VAL B 156 38.12 29.12 -37.93
CA VAL B 156 39.01 28.29 -37.09
C VAL B 156 38.13 27.03 -36.88
N LEU B 157 38.70 25.84 -37.06
CA LEU B 157 37.98 24.60 -36.66
C LEU B 157 38.74 23.97 -35.44
N ASP B 158 38.05 23.73 -34.33
CA ASP B 158 38.57 23.02 -33.16
C ASP B 158 37.96 21.64 -33.22
N THR B 159 38.75 20.60 -32.93
CA THR B 159 38.08 19.29 -32.90
C THR B 159 38.81 18.47 -31.84
N GLY B 160 38.15 17.54 -31.18
CA GLY B 160 38.87 16.79 -30.16
C GLY B 160 37.91 15.90 -29.42
N ILE B 161 38.17 15.72 -28.12
CA ILE B 161 37.45 14.75 -27.34
C ILE B 161 36.90 15.59 -26.19
N ASP B 162 35.61 15.52 -25.95
CA ASP B 162 34.97 16.21 -24.85
C ASP B 162 34.77 15.24 -23.70
N TYR B 163 35.38 15.47 -22.54
CA TYR B 163 35.16 14.56 -21.38
C TYR B 163 33.89 14.93 -20.60
N ASP B 164 33.44 16.15 -20.79
CA ASP B 164 32.44 16.69 -19.85
C ASP B 164 31.01 16.38 -20.39
N VAL B 165 30.69 15.06 -20.42
CA VAL B 165 29.41 14.53 -21.05
C VAL B 165 28.23 14.40 -20.09
N TRP B 166 27.05 14.50 -20.66
CA TRP B 166 25.80 14.25 -19.95
C TRP B 166 25.75 12.84 -19.40
N SER B 167 25.36 12.70 -18.13
CA SER B 167 25.06 11.41 -17.55
C SER B 167 23.86 11.62 -16.62
N ILE B 168 22.88 10.72 -16.71
CA ILE B 168 21.64 10.95 -15.88
C ILE B 168 21.87 10.79 -14.35
N ASN B 169 22.37 9.65 -13.89
CA ASN B 169 22.41 9.34 -12.47
C ASN B 169 23.85 9.37 -11.94
N GLY B 170 24.58 10.46 -12.24
CA GLY B 170 25.93 10.64 -11.65
C GLY B 170 26.91 10.38 -12.76
N ASP B 171 28.09 10.96 -12.64
CA ASP B 171 29.16 10.65 -13.56
C ASP B 171 29.72 9.29 -13.27
N HIS B 172 29.92 8.53 -14.33
CA HIS B 172 30.26 7.09 -14.16
C HIS B 172 31.71 6.85 -14.33
N LEU B 173 32.42 7.83 -14.86
CA LEU B 173 33.86 7.63 -15.20
C LEU B 173 34.72 8.60 -14.44
N GLN B 174 35.87 8.18 -13.94
CA GLN B 174 36.74 9.14 -13.21
C GLN B 174 38.20 8.86 -13.60
N GLY B 175 39.14 9.72 -13.23
CA GLY B 175 40.51 9.30 -13.42
C GLY B 175 40.95 9.48 -14.87
N HIS B 176 40.32 10.36 -15.65
CA HIS B 176 40.64 10.51 -17.08
C HIS B 176 42.12 10.81 -17.30
N HIS B 177 42.75 10.02 -18.18
CA HIS B 177 44.20 10.12 -18.50
C HIS B 177 44.31 10.33 -19.99
N TYR B 178 44.86 11.46 -20.36
CA TYR B 178 45.13 11.86 -21.74
C TYR B 178 46.29 11.05 -22.33
N PHE B 179 46.24 10.72 -23.63
CA PHE B 179 47.39 10.20 -24.38
C PHE B 179 47.23 10.58 -25.85
N SER B 180 48.32 10.50 -26.62
CA SER B 180 48.29 10.83 -28.06
C SER B 180 48.76 9.64 -28.82
N HIS B 181 48.40 9.61 -30.09
CA HIS B 181 48.85 8.58 -31.03
C HIS B 181 48.97 9.25 -32.40
N PRO B 182 49.48 8.53 -33.44
CA PRO B 182 49.85 9.25 -34.67
C PRO B 182 48.69 10.01 -35.35
N THR B 183 47.43 9.65 -35.13
CA THR B 183 46.36 10.29 -35.88
C THR B 183 45.40 11.10 -34.98
N GLY B 184 45.78 11.32 -33.72
CA GLY B 184 44.91 12.06 -32.79
C GLY B 184 45.15 11.75 -31.34
N ASP B 185 44.11 11.90 -30.53
CA ASP B 185 44.19 11.80 -29.09
C ASP B 185 43.44 10.58 -28.58
N GLY B 186 43.58 10.34 -27.28
CA GLY B 186 42.87 9.23 -26.63
C GLY B 186 42.63 9.64 -25.19
N VAL B 187 41.70 8.95 -24.49
CA VAL B 187 41.52 9.20 -23.04
C VAL B 187 41.17 7.86 -22.46
N THR B 188 41.80 7.49 -21.35
CA THR B 188 41.37 6.28 -20.69
C THR B 188 40.85 6.71 -19.31
N ALA B 189 39.79 6.05 -18.84
CA ALA B 189 39.26 6.39 -17.52
C ALA B 189 38.75 5.11 -16.90
N LYS B 190 38.29 5.17 -15.62
CA LYS B 190 37.81 3.99 -14.92
C LYS B 190 36.40 4.21 -14.40
N THR B 191 35.59 3.14 -14.34
CA THR B 191 34.26 3.33 -13.86
C THR B 191 34.33 3.46 -12.29
N VAL B 192 33.31 4.09 -11.73
CA VAL B 192 33.22 4.38 -10.27
C VAL B 192 32.98 3.13 -9.45
N SER B 193 31.97 2.28 -9.77
CA SER B 193 31.63 1.13 -8.88
C SER B 193 32.56 -0.06 -9.04
N TYR B 194 32.71 -0.56 -10.27
CA TYR B 194 33.50 -1.78 -10.51
C TYR B 194 34.89 -1.51 -11.00
N GLU B 195 35.23 -0.26 -11.24
CA GLU B 195 36.64 0.13 -11.67
C GLU B 195 37.07 -0.59 -12.96
N ASP B 196 36.13 -0.63 -13.90
CA ASP B 196 36.40 -1.12 -15.19
C ASP B 196 37.09 -0.04 -16.03
N THR B 197 37.94 -0.44 -16.97
CA THR B 197 38.68 0.59 -17.75
C THR B 197 37.93 0.85 -18.99
N VAL B 198 37.72 2.12 -19.33
CA VAL B 198 37.08 2.53 -20.60
C VAL B 198 38.05 3.46 -21.38
N THR B 199 38.33 3.14 -22.65
CA THR B 199 39.23 3.95 -23.44
C THR B 199 38.44 4.45 -24.67
N VAL B 200 38.64 5.74 -24.98
CA VAL B 200 38.07 6.35 -26.21
C VAL B 200 39.29 6.84 -27.01
N VAL B 201 39.42 6.40 -28.26
CA VAL B 201 40.49 6.89 -29.10
C VAL B 201 39.88 7.67 -30.28
N GLU B 202 40.49 8.81 -30.61
CA GLU B 202 39.96 9.68 -31.67
C GLU B 202 40.96 9.63 -32.80
N THR B 203 40.45 9.51 -34.05
CA THR B 203 41.39 9.74 -35.17
C THR B 203 40.83 10.97 -35.93
N CYS B 204 41.72 11.69 -36.58
CA CYS B 204 41.31 13.02 -37.15
C CYS B 204 42.14 13.22 -38.44
N SER B 205 41.48 13.56 -39.55
CA SER B 205 42.23 13.77 -40.81
C SER B 205 41.61 14.99 -41.47
N LEU B 206 42.41 16.00 -41.80
CA LEU B 206 41.82 17.21 -42.37
C LEU B 206 42.46 17.53 -43.72
N ASP B 207 41.67 17.88 -44.74
CA ASP B 207 42.22 17.81 -46.11
C ASP B 207 42.92 19.09 -46.58
N ALA B 208 42.88 20.10 -45.72
CA ALA B 208 43.42 21.39 -46.00
C ALA B 208 44.66 21.42 -45.13
N ASP B 209 45.67 22.18 -45.55
CA ASP B 209 46.92 22.33 -44.82
C ASP B 209 46.81 23.62 -44.09
N ALA B 210 47.15 23.58 -42.81
CA ALA B 210 47.00 24.71 -41.89
C ALA B 210 47.90 24.37 -40.69
N SER B 211 48.64 25.36 -40.17
CA SER B 211 49.20 25.37 -38.80
C SER B 211 48.13 24.82 -37.85
N GLU B 212 48.56 24.03 -36.89
CA GLU B 212 47.60 23.33 -36.04
C GLU B 212 48.21 23.38 -34.66
N GLU B 213 47.43 23.54 -33.62
CA GLU B 213 48.01 23.57 -32.29
C GLU B 213 47.11 22.71 -31.37
N ASP B 214 47.74 21.89 -30.50
CA ASP B 214 46.92 21.01 -29.56
C ASP B 214 46.65 21.63 -28.22
N TYR B 215 45.63 21.14 -27.50
CA TYR B 215 45.36 21.65 -26.20
C TYR B 215 44.92 20.40 -25.38
N GLN B 216 45.19 20.43 -24.10
CA GLN B 216 44.77 19.34 -23.15
C GLN B 216 44.39 20.06 -21.91
N ASN B 217 43.18 19.80 -21.40
CA ASN B 217 42.78 20.36 -20.11
C ASN B 217 41.88 19.32 -19.37
N PRO B 218 41.42 19.63 -18.14
CA PRO B 218 40.72 18.55 -17.38
C PRO B 218 39.36 18.12 -18.02
N ASP B 219 38.81 18.91 -18.92
CA ASP B 219 37.51 18.69 -19.53
C ASP B 219 37.60 18.14 -20.98
N GLY B 220 38.79 17.97 -21.53
CA GLY B 220 38.87 17.40 -22.88
C GLY B 220 40.24 17.70 -23.52
N SER B 221 40.45 17.26 -24.74
CA SER B 221 41.69 17.60 -25.40
C SER B 221 41.34 17.78 -26.85
N GLY B 222 42.28 18.31 -27.63
CA GLY B 222 42.02 18.40 -29.08
C GLY B 222 43.03 19.29 -29.74
N ARG B 223 42.64 19.86 -30.89
CA ARG B 223 43.60 20.72 -31.64
C ARG B 223 42.75 21.68 -32.45
N THR B 224 43.36 22.77 -32.87
CA THR B 224 42.71 23.85 -33.63
C THR B 224 43.41 24.12 -34.93
N PHE B 225 42.60 24.29 -35.99
CA PHE B 225 43.15 24.50 -37.33
C PHE B 225 42.57 25.84 -37.81
N PRO B 226 43.44 26.87 -38.05
CA PRO B 226 42.99 28.12 -38.68
C PRO B 226 42.83 27.74 -40.15
N LEU B 227 41.75 28.23 -40.77
CA LEU B 227 41.45 27.88 -42.16
C LEU B 227 41.33 29.17 -42.96
N SER B 228 41.78 29.18 -44.20
CA SER B 228 41.42 30.26 -45.15
C SER B 228 40.49 29.63 -46.15
N LEU B 229 39.20 29.82 -45.96
CA LEU B 229 38.19 29.22 -46.81
C LEU B 229 38.17 30.11 -48.10
N GLU B 230 38.20 29.47 -49.26
CA GLU B 230 38.01 30.14 -50.57
C GLU B 230 36.55 29.91 -51.02
N ALA B 231 35.93 30.96 -51.57
CA ALA B 231 34.57 30.82 -52.17
C ALA B 231 34.32 29.49 -52.90
N GLY B 232 33.31 28.75 -52.44
CA GLY B 232 32.92 27.51 -53.08
C GLY B 232 33.88 26.30 -52.99
N LYS B 233 34.94 26.36 -52.18
CA LYS B 233 35.93 25.28 -52.06
C LYS B 233 35.73 24.63 -50.67
N PRO B 234 35.17 23.41 -50.62
CA PRO B 234 34.90 22.85 -49.28
C PRO B 234 36.15 22.22 -48.65
N VAL B 235 36.20 22.24 -47.32
CA VAL B 235 37.29 21.64 -46.54
C VAL B 235 36.60 20.48 -45.76
N THR B 236 37.16 19.27 -45.80
CA THR B 236 36.58 18.07 -45.18
C THR B 236 37.47 17.53 -44.07
N LEU B 237 36.84 17.20 -42.94
CA LEU B 237 37.42 16.61 -41.76
C LEU B 237 36.81 15.18 -41.69
N GLU B 238 37.63 14.14 -41.41
CA GLU B 238 37.03 12.79 -41.25
C GLU B 238 37.56 12.36 -39.90
N LYS B 239 36.67 11.77 -39.08
CA LYS B 239 37.10 11.39 -37.68
C LYS B 239 36.58 10.00 -37.44
N ALA B 240 37.26 9.22 -36.61
CA ALA B 240 36.63 8.00 -36.12
C ALA B 240 36.73 8.14 -34.58
N MET B 241 35.79 7.53 -33.88
CA MET B 241 35.82 7.51 -32.41
C MET B 241 35.73 6.01 -32.10
N ILE B 242 36.67 5.48 -31.35
CA ILE B 242 36.79 4.03 -31.13
C ILE B 242 36.70 3.84 -29.61
N ILE B 243 35.90 2.84 -29.21
CA ILE B 243 35.69 2.70 -27.77
C ILE B 243 35.88 1.24 -27.40
N TYR B 244 36.67 0.99 -26.36
CA TYR B 244 36.79 -0.37 -25.83
C TYR B 244 36.75 -0.30 -24.29
N SER B 245 36.18 -1.34 -23.63
CA SER B 245 36.27 -1.33 -22.16
C SER B 245 36.96 -2.61 -21.76
N SER B 246 37.39 -2.69 -20.51
CA SER B 246 38.05 -3.93 -20.05
C SER B 246 37.02 -5.08 -19.96
N ASN B 247 35.74 -4.80 -20.14
CA ASN B 247 34.76 -5.88 -20.18
C ASN B 247 34.68 -6.49 -21.57
N ASP B 248 35.17 -5.78 -22.58
CA ASP B 248 35.17 -6.32 -23.96
C ASP B 248 36.46 -7.11 -24.21
N VAL B 249 37.56 -6.69 -23.61
CA VAL B 249 38.88 -7.27 -24.00
C VAL B 249 39.91 -7.01 -22.91
N ASP B 250 40.96 -7.81 -22.88
CA ASP B 250 41.96 -7.66 -21.84
C ASP B 250 42.68 -6.31 -21.83
N ASN B 251 43.16 -5.83 -22.90
CA ASN B 251 43.99 -4.59 -22.44
C ASN B 251 43.35 -3.50 -23.33
N PRO B 252 42.22 -2.93 -22.92
CA PRO B 252 41.46 -2.11 -23.90
C PRO B 252 42.23 -0.97 -24.53
N GLN B 253 43.09 -0.33 -23.77
CA GLN B 253 43.80 0.82 -24.41
C GLN B 253 44.63 0.36 -25.62
N ASP B 254 45.42 -0.68 -25.40
CA ASP B 254 46.13 -1.29 -26.49
C ASP B 254 45.26 -1.64 -27.66
N GLU B 255 44.14 -2.30 -27.37
CA GLU B 255 43.21 -2.71 -28.45
C GLU B 255 42.59 -1.52 -29.22
N ALA B 256 42.21 -0.51 -28.47
CA ALA B 256 41.62 0.72 -29.08
C ALA B 256 42.69 1.36 -29.99
N LEU B 257 43.95 1.37 -29.54
CA LEU B 257 45.05 1.89 -30.39
C LEU B 257 45.24 1.11 -31.68
N LEU B 258 45.17 -0.25 -31.62
CA LEU B 258 45.26 -1.00 -32.83
C LEU B 258 44.09 -0.76 -33.77
N GLU B 259 42.89 -0.75 -33.23
CA GLU B 259 41.68 -0.53 -34.07
C GLU B 259 41.89 0.84 -34.72
N ALA B 260 42.38 1.83 -33.97
CA ALA B 260 42.58 3.17 -34.54
C ALA B 260 43.57 3.19 -35.65
N LYS B 261 44.71 2.55 -35.40
CA LYS B 261 45.80 2.50 -36.38
C LYS B 261 45.39 1.88 -37.71
N HIS B 262 44.44 0.93 -37.68
CA HIS B 262 44.07 0.18 -38.93
C HIS B 262 42.76 0.62 -39.46
N MET B 263 42.19 1.69 -38.96
CA MET B 263 40.90 2.16 -39.48
C MET B 263 41.12 2.62 -40.90
N GLN B 264 40.22 2.32 -41.83
CA GLN B 264 40.34 2.84 -43.22
C GLN B 264 39.69 4.21 -43.32
N SER B 265 39.65 4.82 -44.51
CA SER B 265 39.07 6.12 -44.62
C SER B 265 37.55 6.07 -44.30
N TYR B 266 36.97 7.25 -44.07
CA TYR B 266 35.49 7.36 -43.89
C TYR B 266 34.78 6.56 -44.99
N GLU B 267 35.10 6.82 -46.28
CA GLU B 267 34.31 6.18 -47.34
C GLU B 267 34.45 4.73 -47.43
N GLU B 268 35.68 4.22 -47.21
CA GLU B 268 35.88 2.79 -47.27
C GLU B 268 35.10 2.17 -46.10
N GLU B 269 35.18 2.80 -44.91
CA GLU B 269 34.40 2.13 -43.79
C GLU B 269 32.87 2.24 -44.06
N LYS B 270 32.44 3.40 -44.63
CA LYS B 270 31.00 3.53 -45.00
C LYS B 270 30.55 2.44 -45.96
N ALA B 271 31.38 2.10 -46.98
CA ALA B 271 30.92 1.03 -47.93
C ALA B 271 30.80 -0.32 -47.22
N ALA B 272 31.74 -0.62 -46.34
CA ALA B 272 31.63 -1.91 -45.63
C ALA B 272 30.39 -1.94 -44.71
N ASN B 273 30.10 -0.84 -44.02
CA ASN B 273 28.87 -0.80 -43.19
C ASN B 273 27.63 -0.97 -44.09
N ARG B 274 27.63 -0.36 -45.28
CA ARG B 274 26.43 -0.47 -46.19
C ARG B 274 26.21 -1.92 -46.53
N LEU B 275 27.28 -2.67 -46.84
CA LEU B 275 27.12 -4.12 -47.12
C LEU B 275 26.54 -4.91 -45.94
N GLU B 276 26.96 -4.56 -44.72
CA GLU B 276 26.32 -5.25 -43.56
C GLU B 276 24.79 -4.92 -43.43
N TRP B 277 24.43 -3.65 -43.68
CA TRP B 277 23.06 -3.22 -43.59
C TRP B 277 22.22 -3.78 -44.72
N ASP B 278 22.78 -3.93 -45.93
CA ASP B 278 22.03 -4.69 -46.99
C ASP B 278 21.64 -6.08 -46.51
N ASN B 279 22.60 -6.77 -45.85
CA ASN B 279 22.34 -8.04 -45.29
C ASN B 279 21.27 -7.97 -44.15
N LEU B 280 21.41 -7.00 -43.26
CA LEU B 280 20.34 -6.91 -42.17
C LEU B 280 18.95 -6.75 -42.81
N TRP B 281 18.83 -5.80 -43.76
CA TRP B 281 17.51 -5.59 -44.34
C TRP B 281 16.98 -6.75 -45.16
N SER B 282 17.86 -7.52 -45.77
CA SER B 282 17.42 -8.79 -46.39
C SER B 282 16.69 -9.72 -45.42
N HIS B 283 17.11 -9.76 -44.13
CA HIS B 283 16.34 -10.51 -43.09
C HIS B 283 15.03 -9.90 -42.64
N TYR B 284 14.99 -8.59 -42.42
CA TYR B 284 13.94 -8.02 -41.58
C TYR B 284 12.98 -7.09 -42.33
N ASP B 285 13.28 -6.71 -43.59
CA ASP B 285 12.37 -5.71 -44.24
C ASP B 285 10.99 -6.35 -44.45
N VAL B 286 9.95 -5.54 -44.22
CA VAL B 286 8.53 -5.91 -44.44
C VAL B 286 8.00 -4.86 -45.36
N THR B 287 7.42 -5.28 -46.49
CA THR B 287 7.00 -4.22 -47.43
C THR B 287 5.56 -3.84 -47.26
N ILE B 288 5.24 -2.58 -47.54
CA ILE B 288 3.85 -2.14 -47.48
C ILE B 288 3.65 -1.47 -48.85
N GLN B 289 2.62 -1.91 -49.53
CA GLN B 289 2.39 -1.38 -50.92
C GLN B 289 1.51 -0.17 -50.91
N ASN B 290 1.98 0.91 -51.52
CA ASN B 290 1.28 2.19 -51.70
C ASN B 290 0.85 2.87 -50.38
N ASN B 291 1.69 2.79 -49.33
CA ASN B 291 1.55 3.70 -48.26
C ASN B 291 2.95 4.01 -47.76
N ILE B 292 3.61 5.00 -48.40
CA ILE B 292 5.07 5.17 -48.10
C ILE B 292 5.30 5.69 -46.68
N ILE B 293 4.30 6.37 -46.05
CA ILE B 293 4.44 6.89 -44.72
C ILE B 293 4.48 5.68 -43.80
N ASP B 294 3.56 4.73 -43.98
CA ASP B 294 3.58 3.59 -43.10
C ASP B 294 4.80 2.75 -43.35
N GLN B 295 5.20 2.67 -44.64
CA GLN B 295 6.39 1.92 -45.00
C GLN B 295 7.65 2.44 -44.27
N VAL B 296 7.81 3.75 -44.21
CA VAL B 296 9.04 4.32 -43.63
C VAL B 296 8.91 4.24 -42.11
N ALA B 297 7.68 4.33 -41.57
CA ALA B 297 7.54 4.32 -40.09
C ALA B 297 7.88 2.91 -39.60
N LEU B 298 7.50 1.90 -40.40
CA LEU B 298 7.80 0.53 -40.00
C LEU B 298 9.33 0.32 -40.03
N ARG B 299 9.96 0.77 -41.11
CA ARG B 299 11.49 0.72 -41.20
C ARG B 299 12.18 1.48 -40.11
N PHE B 300 11.67 2.63 -39.73
CA PHE B 300 12.22 3.36 -38.58
C PHE B 300 12.22 2.54 -37.31
N ASN B 301 11.10 1.85 -37.06
CA ASN B 301 11.05 1.02 -35.86
C ASN B 301 11.94 -0.15 -35.92
N ILE B 302 11.99 -0.82 -37.08
CA ILE B 302 12.82 -2.05 -37.17
C ILE B 302 14.33 -1.60 -37.05
N TYR B 303 14.63 -0.48 -37.68
CA TYR B 303 16.03 0.11 -37.62
C TYR B 303 16.39 0.28 -36.13
N HIS B 304 15.48 0.93 -35.40
CA HIS B 304 15.75 1.14 -33.91
C HIS B 304 15.89 -0.13 -33.14
N ALA B 305 15.05 -1.14 -33.40
CA ALA B 305 15.29 -2.45 -32.80
C ALA B 305 16.64 -3.07 -33.07
N ILE B 306 17.04 -3.08 -34.34
CA ILE B 306 18.33 -3.66 -34.75
C ILE B 306 19.47 -2.90 -33.99
N ILE B 307 19.48 -1.56 -34.01
CA ILE B 307 20.67 -0.86 -33.43
C ILE B 307 20.64 -1.02 -31.87
N ALA B 308 19.48 -1.41 -31.28
CA ALA B 308 19.44 -1.65 -29.82
C ALA B 308 19.91 -3.06 -29.44
N THR B 309 20.11 -3.92 -30.45
CA THR B 309 20.31 -5.36 -30.15
C THR B 309 21.79 -5.77 -30.17
N PRO B 310 22.34 -6.16 -29.01
CA PRO B 310 23.77 -6.56 -28.96
C PRO B 310 23.89 -7.87 -29.69
N VAL B 311 24.78 -7.98 -30.66
CA VAL B 311 25.01 -9.33 -31.22
C VAL B 311 26.51 -9.72 -31.09
N HIS B 312 27.31 -8.88 -30.45
CA HIS B 312 28.77 -9.06 -30.38
C HIS B 312 29.12 -9.84 -29.09
N LYS B 313 28.16 -10.02 -28.15
CA LYS B 313 28.44 -10.59 -26.84
C LYS B 313 27.07 -10.87 -26.22
N SER B 314 27.04 -11.77 -25.22
CA SER B 314 25.72 -12.18 -24.58
C SER B 314 25.24 -11.13 -23.63
N LEU B 315 24.41 -10.22 -24.10
CA LEU B 315 24.05 -9.02 -23.35
C LEU B 315 22.55 -8.74 -23.63
N PRO B 316 21.92 -7.96 -22.72
CA PRO B 316 20.47 -7.72 -22.90
C PRO B 316 20.18 -6.64 -23.97
N ILE B 317 18.99 -6.72 -24.58
CA ILE B 317 18.43 -5.53 -25.30
C ILE B 317 17.76 -4.61 -24.27
N GLY B 318 18.18 -3.33 -24.19
CA GLY B 318 17.64 -2.40 -23.18
C GLY B 318 16.23 -2.05 -23.56
N ALA B 319 15.44 -1.63 -22.59
CA ALA B 319 14.08 -1.20 -22.88
C ALA B 319 13.99 0.20 -23.47
N ARG B 320 15.09 0.98 -23.36
CA ARG B 320 15.27 2.19 -24.18
C ARG B 320 16.52 2.05 -25.05
N GLY B 321 16.87 0.80 -25.29
CA GLY B 321 18.04 0.51 -26.15
C GLY B 321 19.29 1.21 -25.59
N LEU B 322 20.03 1.87 -26.49
CA LEU B 322 21.23 2.61 -26.13
C LEU B 322 20.98 4.06 -26.47
N SER B 323 19.71 4.48 -26.46
CA SER B 323 19.38 5.87 -26.88
C SER B 323 19.69 6.88 -25.81
N CYS B 324 19.85 6.37 -24.58
CA CYS B 324 20.09 7.22 -23.37
C CYS B 324 20.22 6.26 -22.21
N GLN B 325 20.49 6.77 -21.00
CA GLN B 325 20.69 5.81 -19.89
C GLN B 325 19.36 5.32 -19.24
N ALA B 326 18.22 5.99 -19.54
CA ALA B 326 16.91 5.53 -18.94
C ALA B 326 16.65 4.07 -19.17
N TYR B 327 16.15 3.39 -18.13
CA TYR B 327 15.82 1.95 -18.09
C TYR B 327 17.05 1.11 -18.15
N GLN B 328 18.19 1.77 -17.97
CA GLN B 328 19.40 1.03 -17.48
C GLN B 328 20.07 0.10 -18.49
N GLY B 329 19.75 0.26 -19.79
CA GLY B 329 20.32 -0.54 -20.88
C GLY B 329 20.05 -2.02 -20.63
N ALA B 330 18.96 -2.33 -19.94
CA ALA B 330 18.82 -3.65 -19.34
C ALA B 330 17.58 -4.31 -19.93
N ALA B 331 17.53 -5.63 -19.80
CA ALA B 331 16.40 -6.38 -20.32
C ALA B 331 15.22 -6.40 -19.38
N PHE B 332 14.01 -6.23 -19.94
CA PHE B 332 12.77 -6.39 -19.24
C PHE B 332 12.04 -7.55 -19.95
N TRP B 333 10.81 -7.86 -19.48
CA TRP B 333 10.05 -8.87 -20.23
C TRP B 333 9.78 -8.39 -21.70
N ASP B 334 10.00 -7.09 -21.98
CA ASP B 334 9.88 -6.51 -23.38
C ASP B 334 10.81 -7.34 -24.31
N GLN B 335 11.94 -7.82 -23.76
CA GLN B 335 12.97 -8.41 -24.62
C GLN B 335 12.43 -9.66 -25.27
N GLU B 336 11.85 -10.55 -24.48
CA GLU B 336 11.27 -11.79 -25.08
C GLU B 336 9.92 -11.62 -25.73
N ILE B 337 9.09 -10.75 -25.13
CA ILE B 337 7.65 -10.72 -25.57
C ILE B 337 7.50 -9.70 -26.74
N TYR B 338 8.25 -8.62 -26.74
CA TYR B 338 8.07 -7.59 -27.79
C TYR B 338 9.22 -7.65 -28.86
N ASN B 339 10.46 -7.89 -28.44
CA ASN B 339 11.60 -7.81 -29.39
C ASN B 339 11.91 -9.14 -30.02
N MET B 340 11.80 -10.22 -29.29
CA MET B 340 12.27 -11.50 -29.85
C MET B 340 11.49 -11.99 -31.12
N PRO B 341 10.14 -11.73 -31.24
CA PRO B 341 9.47 -12.41 -32.40
C PRO B 341 10.01 -12.04 -33.77
N MET B 342 10.37 -10.78 -34.01
CA MET B 342 10.94 -10.49 -35.34
C MET B 342 12.13 -11.42 -35.60
N TYR B 343 13.04 -11.52 -34.58
CA TYR B 343 14.17 -12.40 -34.74
C TYR B 343 13.83 -13.85 -34.86
N LEU B 344 12.88 -14.32 -34.03
CA LEU B 344 12.47 -15.72 -34.13
C LEU B 344 12.08 -16.09 -35.58
N TYR B 345 11.31 -15.25 -36.25
CA TYR B 345 10.79 -15.61 -37.56
C TYR B 345 11.66 -15.17 -38.73
N SER B 346 12.66 -14.32 -38.48
CA SER B 346 13.47 -13.71 -39.57
C SER B 346 14.94 -14.11 -39.53
N ASN B 347 15.47 -14.44 -38.32
CA ASN B 347 16.91 -14.74 -38.13
C ASN B 347 17.04 -15.45 -36.76
N PRO B 348 16.55 -16.70 -36.70
CA PRO B 348 16.27 -17.40 -35.43
C PRO B 348 17.52 -17.54 -34.57
N GLU B 349 18.71 -17.43 -35.16
CA GLU B 349 19.93 -17.61 -34.32
C GLU B 349 19.98 -16.41 -33.30
N ILE B 350 19.42 -15.28 -33.72
CA ILE B 350 19.39 -14.10 -32.81
C ILE B 350 18.43 -14.38 -31.66
N ALA B 351 17.26 -14.96 -31.98
CA ALA B 351 16.35 -15.36 -30.89
C ALA B 351 16.98 -16.38 -29.98
N ARG B 352 17.69 -17.33 -30.55
CA ARG B 352 18.34 -18.32 -29.69
C ARG B 352 19.29 -17.64 -28.74
N ASN B 353 20.03 -16.64 -29.23
CA ASN B 353 20.98 -16.02 -28.34
C ASN B 353 20.38 -15.11 -27.24
N ILE B 354 19.22 -14.54 -27.56
CA ILE B 354 18.41 -13.97 -26.49
C ILE B 354 18.07 -14.93 -25.38
N LEU B 355 17.56 -16.09 -25.74
CA LEU B 355 17.23 -17.11 -24.78
C LEU B 355 18.45 -17.60 -24.10
N LYS B 356 19.57 -17.73 -24.84
CA LYS B 356 20.81 -18.13 -24.15
C LYS B 356 21.32 -17.09 -23.15
N TYR B 357 21.13 -15.81 -23.43
CA TYR B 357 21.33 -14.79 -22.43
C TYR B 357 20.51 -15.06 -21.11
N ARG B 358 19.21 -15.43 -21.20
CA ARG B 358 18.47 -15.82 -20.03
C ARG B 358 18.99 -17.13 -19.40
N HIS B 359 19.50 -18.06 -20.20
CA HIS B 359 20.12 -19.17 -19.56
C HIS B 359 21.36 -18.81 -18.79
N ARG B 360 22.26 -18.07 -19.44
CA ARG B 360 23.47 -17.58 -18.79
C ARG B 360 23.16 -16.82 -17.53
N THR B 361 22.03 -16.11 -17.46
CA THR B 361 21.76 -15.38 -16.23
C THR B 361 20.79 -16.10 -15.30
N LEU B 362 20.58 -17.40 -15.53
CA LEU B 362 19.70 -18.17 -14.63
C LEU B 362 20.19 -18.19 -13.21
N ASP B 363 21.50 -18.14 -12.99
CA ASP B 363 21.91 -18.05 -11.56
C ASP B 363 21.43 -16.74 -10.86
N GLY B 364 21.38 -15.61 -11.57
CA GLY B 364 20.88 -14.36 -10.99
C GLY B 364 19.43 -14.58 -10.59
N ALA B 365 18.67 -15.29 -11.42
CA ALA B 365 17.22 -15.57 -11.12
C ALA B 365 17.06 -16.54 -9.94
N ARG B 366 18.01 -17.50 -9.80
CA ARG B 366 17.98 -18.45 -8.69
C ARG B 366 18.30 -17.62 -7.43
N ARG B 367 19.26 -16.69 -7.50
CA ARG B 367 19.59 -15.99 -6.28
C ARG B 367 18.44 -15.04 -5.88
N LYS B 368 17.79 -14.46 -6.89
CA LYS B 368 16.67 -13.55 -6.57
C LYS B 368 15.54 -14.35 -5.89
N ALA B 369 15.21 -15.50 -6.45
CA ALA B 369 14.16 -16.29 -5.86
C ALA B 369 14.49 -16.64 -4.39
N LYS B 370 15.69 -17.15 -4.17
CA LYS B 370 16.10 -17.53 -2.81
C LYS B 370 16.08 -16.35 -1.84
N ARG B 371 16.59 -15.18 -2.25
CA ARG B 371 16.57 -13.97 -1.43
C ARG B 371 15.22 -13.60 -1.05
N LEU B 372 14.24 -13.85 -1.92
CA LEU B 372 12.87 -13.43 -1.60
C LEU B 372 12.05 -14.55 -0.89
N GLY B 373 12.67 -15.67 -0.50
CA GLY B 373 12.00 -16.83 0.21
C GLY B 373 11.45 -17.87 -0.71
N TYR B 374 11.77 -17.83 -2.01
CA TYR B 374 11.22 -18.82 -2.94
C TYR B 374 12.29 -19.81 -3.37
N GLU B 375 11.98 -20.65 -4.36
CA GLU B 375 12.94 -21.57 -4.97
C GLU B 375 12.90 -21.42 -6.49
N GLY B 376 13.78 -22.13 -7.22
CA GLY B 376 13.70 -21.98 -8.66
C GLY B 376 14.27 -20.67 -9.18
N ALA B 377 13.72 -20.21 -10.31
CA ALA B 377 14.20 -19.02 -11.00
C ALA B 377 13.09 -17.94 -11.00
N TYR B 378 13.29 -16.87 -10.23
CA TYR B 378 12.44 -15.70 -10.37
C TYR B 378 13.38 -14.68 -11.08
N TYR B 379 13.21 -14.53 -12.38
CA TYR B 379 14.07 -13.62 -13.14
C TYR B 379 13.93 -12.19 -12.65
N ALA B 380 15.04 -11.47 -12.79
CA ALA B 380 15.07 -10.08 -12.52
C ALA B 380 14.06 -9.35 -13.38
N TRP B 381 13.44 -8.33 -12.80
CA TRP B 381 12.53 -7.44 -13.58
C TRP B 381 13.43 -6.67 -14.53
N ILE B 382 14.59 -6.22 -14.01
CA ILE B 382 15.53 -5.34 -14.86
C ILE B 382 16.88 -6.06 -14.80
N SER B 383 17.28 -6.70 -15.90
CA SER B 383 18.40 -7.63 -15.92
C SER B 383 19.58 -7.02 -16.72
N GLY B 384 20.75 -7.03 -16.12
CA GLY B 384 21.87 -6.43 -16.86
C GLY B 384 22.91 -7.55 -17.15
N LYS B 385 24.09 -7.41 -16.59
CA LYS B 385 25.16 -8.43 -16.87
C LYS B 385 24.96 -9.82 -16.24
N THR B 386 24.58 -9.92 -14.96
CA THR B 386 24.64 -11.27 -14.29
C THR B 386 23.20 -11.84 -14.09
N GLY B 387 22.16 -11.03 -14.28
CA GLY B 387 20.81 -11.53 -13.94
C GLY B 387 20.39 -11.18 -12.53
N ASP B 388 21.26 -10.53 -11.78
CA ASP B 388 20.84 -10.03 -10.43
C ASP B 388 19.87 -8.84 -10.68
N GLU B 389 18.88 -8.67 -9.78
CA GLU B 389 17.92 -7.57 -9.94
C GLU B 389 18.55 -6.20 -9.96
N LEU B 390 18.29 -5.34 -10.99
CA LEU B 390 18.84 -4.00 -11.00
C LEU B 390 17.74 -3.00 -10.67
N CYS B 391 16.52 -3.45 -10.63
CA CYS B 391 15.37 -2.52 -10.41
C CYS B 391 15.37 -2.14 -8.92
N PRO B 392 15.49 -0.78 -8.58
CA PRO B 392 15.47 -0.37 -7.13
C PRO B 392 14.11 -0.66 -6.56
N ASP B 393 14.08 -0.74 -5.23
CA ASP B 393 12.84 -0.75 -4.50
C ASP B 393 12.11 0.54 -4.66
N PHE B 394 12.81 1.67 -4.66
CA PHE B 394 12.13 2.95 -4.79
C PHE B 394 12.43 3.52 -6.15
N PHE B 395 11.57 3.22 -7.07
CA PHE B 395 11.76 3.59 -8.46
C PHE B 395 11.24 5.00 -8.58
N PHE B 396 10.14 5.30 -7.88
CA PHE B 396 9.46 6.59 -8.03
C PHE B 396 9.39 7.36 -6.69
N LYS B 397 8.95 8.60 -6.77
CA LYS B 397 8.66 9.45 -5.63
C LYS B 397 7.16 9.83 -5.68
N ASP B 398 6.60 10.11 -4.50
CA ASP B 398 5.29 10.70 -4.40
C ASP B 398 5.59 12.20 -4.52
N VAL B 399 5.18 12.78 -5.66
CA VAL B 399 5.66 14.16 -5.96
C VAL B 399 4.86 15.13 -5.08
N LEU B 400 3.94 14.61 -4.29
CA LEU B 400 3.19 15.52 -3.44
C LEU B 400 3.76 15.67 -2.07
N SER B 401 4.68 14.80 -1.66
CA SER B 401 5.31 14.83 -0.31
C SER B 401 6.79 14.86 -0.48
N GLY B 402 7.25 14.50 -1.68
CA GLY B 402 8.69 14.37 -1.92
C GLY B 402 9.23 13.06 -1.37
N ARG B 403 8.37 12.14 -0.92
CA ARG B 403 8.92 10.92 -0.25
C ARG B 403 9.09 9.79 -1.27
N ASP B 404 10.04 8.89 -1.06
CA ASP B 404 10.08 7.69 -1.96
C ASP B 404 8.82 6.89 -1.80
N ILE B 405 8.38 6.26 -2.89
CA ILE B 405 7.27 5.31 -2.74
C ILE B 405 7.85 3.94 -3.04
N ARG B 406 7.30 2.91 -2.40
CA ARG B 406 7.81 1.49 -2.65
C ARG B 406 6.86 0.86 -3.73
N ASN B 407 7.32 0.72 -4.96
CA ASN B 407 6.55 -0.01 -5.98
C ASN B 407 7.20 -1.38 -6.10
N HIS B 408 6.36 -2.39 -6.27
CA HIS B 408 6.90 -3.76 -6.20
C HIS B 408 7.19 -4.34 -7.57
N PHE B 409 7.67 -3.50 -8.53
CA PHE B 409 8.06 -4.05 -9.80
C PHE B 409 9.03 -5.25 -9.61
N ASN B 410 9.97 -5.06 -8.69
CA ASN B 410 11.06 -6.03 -8.54
C ASN B 410 10.74 -7.27 -7.76
N ASP B 411 9.56 -7.35 -7.15
CA ASP B 411 9.29 -8.56 -6.36
C ASP B 411 7.85 -9.05 -6.30
N TRP B 412 6.88 -8.31 -6.81
CA TRP B 412 5.56 -8.89 -6.97
C TRP B 412 5.21 -9.13 -8.41
N GLN B 413 5.99 -8.55 -9.34
CA GLN B 413 5.60 -8.68 -10.79
C GLN B 413 6.20 -9.99 -11.30
N ILE B 414 5.57 -11.16 -10.98
CA ILE B 414 6.26 -12.40 -11.14
C ILE B 414 6.15 -12.93 -12.55
N HIS B 415 5.29 -12.30 -13.36
CA HIS B 415 5.02 -12.90 -14.70
C HIS B 415 6.26 -12.94 -15.55
N ILE B 416 7.29 -12.13 -15.25
CA ILE B 416 8.60 -12.19 -15.99
C ILE B 416 9.04 -13.62 -16.15
N SER B 417 8.96 -14.39 -15.07
CA SER B 417 9.44 -15.78 -15.18
C SER B 417 8.67 -16.66 -16.17
N PRO B 418 7.34 -16.80 -15.98
CA PRO B 418 6.65 -17.66 -16.98
C PRO B 418 6.66 -17.02 -18.42
N ASP B 419 6.86 -15.73 -18.54
CA ASP B 419 6.98 -15.05 -19.88
C ASP B 419 8.25 -15.65 -20.58
N ILE B 420 9.33 -15.76 -19.83
CA ILE B 420 10.59 -16.44 -20.30
C ILE B 420 10.40 -17.92 -20.69
N ALA B 421 9.63 -18.69 -19.90
CA ALA B 421 9.34 -20.05 -20.24
C ALA B 421 8.47 -20.08 -21.50
N TYR B 422 7.56 -19.11 -21.56
CA TYR B 422 6.71 -19.06 -22.77
C TYR B 422 7.57 -18.86 -24.02
N ALA B 423 8.52 -17.92 -23.93
CA ALA B 423 9.39 -17.59 -25.06
C ALA B 423 10.24 -18.81 -25.45
N VAL B 424 10.69 -19.57 -24.45
CA VAL B 424 11.43 -20.83 -24.70
C VAL B 424 10.57 -21.76 -25.50
N LYS B 425 9.35 -21.96 -25.04
CA LYS B 425 8.48 -22.90 -25.76
C LYS B 425 8.16 -22.39 -27.18
N LYS B 426 7.86 -21.08 -27.34
CA LYS B 426 7.61 -20.57 -28.65
C LYS B 426 8.76 -20.76 -29.60
N TYR B 427 9.99 -20.50 -29.11
CA TYR B 427 11.19 -20.64 -29.90
C TYR B 427 11.33 -22.12 -30.39
N HIS B 428 11.12 -23.03 -29.47
CA HIS B 428 11.08 -24.50 -29.82
C HIS B 428 10.00 -24.85 -30.85
N GLN B 429 8.76 -24.37 -30.67
CA GLN B 429 7.70 -24.65 -31.67
C GLN B 429 7.98 -24.11 -33.02
N VAL B 430 8.50 -22.90 -33.09
CA VAL B 430 8.77 -22.29 -34.42
C VAL B 430 9.96 -22.89 -35.11
N THR B 431 11.03 -23.18 -34.37
CA THR B 431 12.27 -23.59 -35.05
C THR B 431 12.42 -25.13 -35.12
N GLY B 432 11.76 -25.88 -34.25
CA GLY B 432 12.09 -27.30 -34.08
C GLY B 432 13.49 -27.59 -33.50
N ASP B 433 14.15 -26.60 -32.87
CA ASP B 433 15.50 -26.72 -32.31
C ASP B 433 15.45 -27.53 -30.99
N ASP B 434 15.41 -28.84 -31.15
CA ASP B 434 15.49 -29.75 -30.01
C ASP B 434 16.75 -29.61 -29.16
N ALA B 435 17.92 -29.31 -29.77
CA ALA B 435 19.14 -29.31 -29.02
C ALA B 435 19.12 -28.13 -28.01
N PHE B 436 18.57 -27.01 -28.41
CA PHE B 436 18.40 -25.89 -27.46
C PHE B 436 17.61 -26.32 -26.20
N ILE B 437 16.48 -27.05 -26.36
CA ILE B 437 15.69 -27.53 -25.23
C ILE B 437 16.53 -28.52 -24.40
N ARG B 438 17.24 -29.40 -25.11
CA ARG B 438 18.09 -30.35 -24.31
C ARG B 438 19.17 -29.69 -23.48
N ASP B 439 19.94 -28.81 -24.08
CA ASP B 439 21.08 -28.23 -23.44
C ASP B 439 20.78 -27.05 -22.55
N TYR B 440 19.68 -26.34 -22.80
CA TYR B 440 19.42 -25.04 -22.04
C TYR B 440 17.94 -24.87 -21.62
N GLY B 441 17.04 -25.13 -22.57
CA GLY B 441 15.61 -24.63 -22.44
C GLY B 441 14.89 -25.52 -21.41
N ALA B 442 15.25 -26.81 -21.36
CA ALA B 442 14.45 -27.65 -20.39
C ALA B 442 14.79 -27.19 -18.96
N GLU B 443 16.08 -26.97 -18.68
CA GLU B 443 16.50 -26.55 -17.31
C GLU B 443 15.77 -25.26 -16.94
N MET B 444 15.73 -24.31 -17.89
CA MET B 444 14.98 -23.03 -17.70
C MET B 444 13.52 -23.21 -17.37
N ILE B 445 12.84 -23.99 -18.17
CA ILE B 445 11.40 -24.24 -17.91
C ILE B 445 11.23 -24.93 -16.56
N PHE B 446 12.08 -25.90 -16.24
CA PHE B 446 11.80 -26.54 -14.95
C PHE B 446 12.10 -25.60 -13.75
N GLU B 447 13.18 -24.79 -13.83
CA GLU B 447 13.44 -23.87 -12.68
C GLU B 447 12.31 -22.80 -12.57
N ILE B 448 11.75 -22.42 -13.72
CA ILE B 448 10.65 -21.48 -13.63
C ILE B 448 9.39 -22.16 -13.06
N ALA B 449 9.12 -23.42 -13.46
CA ALA B 449 7.98 -24.16 -12.86
C ALA B 449 8.25 -24.31 -11.34
N ARG B 450 9.49 -24.53 -10.93
CA ARG B 450 9.74 -24.73 -9.50
C ARG B 450 9.45 -23.41 -8.76
N PHE B 451 9.84 -22.31 -9.37
CA PHE B 451 9.57 -20.98 -8.75
C PHE B 451 8.09 -20.79 -8.59
N LEU B 452 7.34 -20.95 -9.70
CA LEU B 452 5.84 -20.81 -9.60
C LEU B 452 5.22 -21.75 -8.51
N ALA B 453 5.76 -22.98 -8.44
CA ALA B 453 5.27 -23.88 -7.35
C ALA B 453 5.61 -23.36 -5.96
N SER B 454 6.73 -22.63 -5.82
CA SER B 454 7.10 -22.07 -4.55
C SER B 454 6.38 -20.75 -4.21
N HIS B 455 5.91 -20.00 -5.22
CA HIS B 455 5.15 -18.78 -4.97
C HIS B 455 3.71 -19.07 -4.65
N ALA B 456 3.12 -19.98 -5.40
CA ALA B 456 1.68 -20.31 -5.22
C ALA B 456 1.30 -20.63 -3.74
N VAL B 457 -0.01 -20.43 -3.42
CA VAL B 457 -0.53 -20.85 -2.13
C VAL B 457 -1.58 -21.86 -2.42
N TYR B 458 -1.76 -22.78 -1.49
CA TYR B 458 -2.85 -23.73 -1.61
C TYR B 458 -3.89 -23.28 -0.58
N LYS B 459 -5.14 -23.27 -1.00
CA LYS B 459 -6.30 -22.87 -0.14
C LYS B 459 -7.16 -24.15 0.06
N PRO B 460 -6.95 -24.90 1.18
CA PRO B 460 -7.60 -26.20 1.31
C PRO B 460 -9.11 -26.16 1.37
N MET B 461 -9.68 -25.09 1.97
CA MET B 461 -11.10 -24.98 1.92
C MET B 461 -11.70 -24.64 0.58
N ARG B 462 -10.89 -24.16 -0.37
CA ARG B 462 -11.44 -23.85 -1.70
C ARG B 462 -10.98 -24.98 -2.64
N GLY B 463 -10.15 -25.87 -2.13
CA GLY B 463 -9.57 -26.98 -2.90
C GLY B 463 -8.71 -26.53 -4.07
N ARG B 464 -8.05 -25.38 -3.99
CA ARG B 464 -7.36 -24.93 -5.22
C ARG B 464 -6.07 -24.18 -4.90
N TYR B 465 -5.16 -24.07 -5.86
CA TYR B 465 -3.99 -23.16 -5.69
C TYR B 465 -4.35 -21.79 -6.23
N GLU B 466 -3.65 -20.75 -5.74
CA GLU B 466 -3.92 -19.34 -6.16
C GLU B 466 -2.51 -18.66 -6.19
N PHE B 467 -2.42 -17.57 -6.93
CA PHE B 467 -1.20 -16.73 -6.95
C PHE B 467 -1.63 -15.42 -6.36
N MET B 468 -1.29 -15.21 -5.09
CA MET B 468 -1.68 -14.02 -4.39
C MET B 468 -0.56 -12.97 -4.36
N ARG B 469 -1.01 -11.72 -4.22
CA ARG B 469 -0.12 -10.57 -3.91
C ARG B 469 0.86 -10.41 -5.07
N VAL B 470 0.32 -10.12 -6.26
CA VAL B 470 1.18 -9.94 -7.44
C VAL B 470 0.89 -8.59 -8.07
N GLN B 471 1.64 -8.28 -9.15
CA GLN B 471 1.40 -7.08 -9.94
C GLN B 471 1.40 -7.68 -11.37
N GLY B 472 0.39 -7.36 -12.17
CA GLY B 472 0.34 -7.95 -13.50
C GLY B 472 0.88 -6.93 -14.49
N PRO B 473 0.81 -7.20 -15.81
CA PRO B 473 1.28 -6.23 -16.80
C PRO B 473 0.75 -4.81 -16.58
N ASP B 474 -0.53 -4.66 -16.20
CA ASP B 474 -1.03 -3.38 -15.74
C ASP B 474 -0.40 -3.05 -14.39
N GLU B 475 0.73 -2.36 -14.44
CA GLU B 475 1.50 -2.05 -13.24
C GLU B 475 0.84 -1.16 -12.23
N TYR B 476 -0.20 -0.38 -12.61
CA TYR B 476 -0.80 0.53 -11.64
C TYR B 476 -1.53 -0.23 -10.48
N HIS B 477 -1.91 -1.50 -10.66
CA HIS B 477 -2.56 -2.25 -9.57
C HIS B 477 -1.66 -3.20 -8.94
N GLU B 478 -1.23 -2.90 -7.71
CA GLU B 478 -0.31 -3.79 -7.05
C GLU B 478 -1.04 -4.46 -5.89
N ASN B 479 -0.53 -5.62 -5.46
CA ASN B 479 -1.18 -6.36 -4.38
C ASN B 479 -2.45 -6.92 -4.86
N VAL B 480 -2.45 -7.54 -6.03
CA VAL B 480 -3.71 -8.16 -6.54
C VAL B 480 -3.57 -9.65 -6.52
N ASP B 481 -4.71 -10.36 -6.53
CA ASP B 481 -4.65 -11.81 -6.48
C ASP B 481 -5.26 -12.38 -7.79
N ASN B 482 -4.63 -13.48 -8.24
CA ASN B 482 -5.15 -14.21 -9.42
C ASN B 482 -5.35 -13.25 -10.58
N ASN B 483 -4.27 -12.52 -10.88
CA ASN B 483 -4.23 -11.76 -12.13
C ASN B 483 -4.36 -12.81 -13.23
N ALA B 484 -5.34 -12.63 -14.13
CA ALA B 484 -5.65 -13.61 -15.17
C ALA B 484 -4.43 -13.92 -16.07
N PHE B 485 -3.69 -12.86 -16.42
CA PHE B 485 -2.52 -13.05 -17.33
C PHE B 485 -1.54 -13.98 -16.62
N THR B 486 -1.21 -13.64 -15.40
CA THR B 486 -0.16 -14.38 -14.64
C THR B 486 -0.61 -15.79 -14.37
N ASN B 487 -1.86 -15.96 -13.88
CA ASN B 487 -2.37 -17.36 -13.71
C ASN B 487 -2.32 -18.20 -14.94
N HIS B 488 -2.84 -17.72 -16.06
CA HIS B 488 -2.70 -18.48 -17.32
C HIS B 488 -1.29 -18.76 -17.72
N GLN B 489 -0.39 -17.72 -17.68
CA GLN B 489 0.96 -17.96 -18.03
C GLN B 489 1.62 -19.02 -17.10
N ALA B 490 1.28 -18.99 -15.81
CA ALA B 490 1.83 -20.03 -14.89
C ALA B 490 1.39 -21.40 -15.28
N MET B 491 0.13 -21.54 -15.71
CA MET B 491 -0.39 -22.85 -16.17
C MET B 491 0.23 -23.29 -17.51
N PHE B 492 0.51 -22.32 -18.38
CA PHE B 492 1.25 -22.73 -19.61
C PHE B 492 2.66 -23.22 -19.31
N THR B 493 3.34 -22.59 -18.32
CA THR B 493 4.66 -23.17 -17.91
C THR B 493 4.57 -24.57 -17.33
N LEU B 494 3.63 -24.81 -16.42
CA LEU B 494 3.58 -26.08 -15.77
C LEU B 494 3.24 -27.12 -16.83
N GLN B 495 2.35 -26.75 -17.76
CA GLN B 495 2.01 -27.64 -18.85
C GLN B 495 3.27 -27.94 -19.72
N ALA B 496 4.08 -26.92 -20.04
CA ALA B 496 5.34 -27.17 -20.80
C ALA B 496 6.25 -28.09 -20.00
N ALA B 497 6.35 -27.88 -18.70
CA ALA B 497 7.21 -28.76 -17.88
C ALA B 497 6.70 -30.22 -17.91
N ASP B 498 5.43 -30.41 -17.66
CA ASP B 498 4.82 -31.72 -17.79
C ASP B 498 5.08 -32.36 -19.16
N GLU B 499 4.94 -31.60 -20.22
CA GLU B 499 5.25 -32.15 -21.53
C GLU B 499 6.71 -32.59 -21.64
N LEU B 500 7.67 -31.85 -21.05
CA LEU B 500 9.07 -32.23 -21.20
C LEU B 500 9.32 -33.48 -20.42
N LEU B 501 8.67 -33.65 -19.26
CA LEU B 501 8.94 -34.85 -18.45
C LEU B 501 8.47 -36.07 -19.25
N GLN B 502 7.45 -35.89 -20.07
CA GLN B 502 6.91 -37.04 -20.82
C GLN B 502 7.58 -37.25 -22.14
N THR B 503 8.35 -36.31 -22.62
CA THR B 503 8.82 -36.26 -23.99
C THR B 503 10.33 -36.30 -24.18
N LEU B 504 11.12 -35.72 -23.27
CA LEU B 504 12.57 -35.76 -23.39
C LEU B 504 13.10 -37.18 -23.35
N ASP B 505 14.23 -37.45 -23.99
CA ASP B 505 14.78 -38.80 -23.86
C ASP B 505 15.37 -39.05 -22.43
N GLU B 506 15.41 -40.32 -22.01
CA GLU B 506 15.69 -40.58 -20.59
C GLU B 506 17.06 -40.09 -20.12
N LYS B 507 18.04 -40.10 -21.00
CA LYS B 507 19.36 -39.60 -20.67
C LYS B 507 19.41 -38.09 -20.45
N THR B 508 18.75 -37.31 -21.32
CA THR B 508 18.70 -35.84 -21.15
C THR B 508 17.91 -35.52 -19.87
N LEU B 509 16.83 -36.23 -19.68
CA LEU B 509 15.95 -35.93 -18.56
C LEU B 509 16.66 -36.21 -17.25
N SER B 510 17.41 -37.36 -17.17
CA SER B 510 18.08 -37.69 -15.93
C SER B 510 19.13 -36.66 -15.60
N ALA B 511 19.82 -36.21 -16.63
CA ALA B 511 20.93 -35.23 -16.51
C ALA B 511 20.40 -33.85 -16.00
N VAL B 512 19.38 -33.33 -16.65
CA VAL B 512 18.73 -32.08 -16.19
C VAL B 512 18.19 -32.25 -14.77
N LYS B 513 17.45 -33.32 -14.50
CA LYS B 513 16.97 -33.47 -13.12
C LYS B 513 18.06 -33.52 -12.05
N GLU B 514 19.16 -34.24 -12.32
CA GLU B 514 20.23 -34.34 -11.35
C GLU B 514 20.90 -32.96 -11.25
N LYS B 515 20.99 -32.24 -12.37
CA LYS B 515 21.70 -30.92 -12.33
C LYS B 515 20.99 -29.97 -11.35
N ILE B 516 19.64 -29.90 -11.41
CA ILE B 516 18.84 -28.89 -10.61
C ILE B 516 18.16 -29.53 -9.38
N GLY B 517 18.52 -30.81 -9.13
CA GLY B 517 18.02 -31.58 -7.95
C GLY B 517 16.47 -31.73 -7.91
N LEU B 518 15.85 -31.98 -9.05
CA LEU B 518 14.38 -31.97 -9.17
C LEU B 518 13.81 -33.32 -8.64
N SER B 519 12.95 -33.29 -7.62
CA SER B 519 12.47 -34.52 -6.91
C SER B 519 11.16 -34.97 -7.40
N ASP B 520 10.81 -36.20 -7.07
CA ASP B 520 9.51 -36.69 -7.54
C ASP B 520 8.44 -35.98 -6.78
N ASP B 521 8.72 -35.64 -5.53
CA ASP B 521 7.72 -34.85 -4.82
C ASP B 521 7.39 -33.51 -5.51
N GLU B 522 8.39 -32.80 -6.01
CA GLU B 522 8.04 -31.54 -6.75
C GLU B 522 7.22 -31.81 -7.99
N ILE B 523 7.55 -32.92 -8.71
CA ILE B 523 6.90 -33.19 -10.01
C ILE B 523 5.46 -33.49 -9.65
N SER B 524 5.22 -34.16 -8.51
CA SER B 524 3.82 -34.46 -8.11
C SER B 524 3.07 -33.18 -7.76
N LEU B 525 3.78 -32.24 -7.16
CA LEU B 525 3.11 -30.96 -6.81
C LEU B 525 2.76 -30.22 -8.12
N TRP B 526 3.70 -30.13 -9.06
CA TRP B 526 3.35 -29.52 -10.37
C TRP B 526 2.10 -30.16 -10.99
N ARG B 527 2.02 -31.48 -11.00
CA ARG B 527 0.83 -32.11 -11.61
C ARG B 527 -0.43 -31.87 -10.79
N ASP B 528 -0.31 -31.83 -9.45
CA ASP B 528 -1.47 -31.39 -8.65
C ASP B 528 -1.90 -29.97 -8.99
N MET B 529 -0.94 -29.07 -9.24
CA MET B 529 -1.26 -27.66 -9.54
C MET B 529 -1.88 -27.58 -10.92
N LEU B 530 -1.43 -28.44 -11.85
CA LEU B 530 -2.05 -28.37 -13.16
C LEU B 530 -3.52 -28.78 -13.09
N ALA B 531 -3.83 -29.67 -12.19
CA ALA B 531 -5.19 -30.14 -12.08
C ALA B 531 -6.03 -29.19 -11.22
N ASN B 532 -5.47 -28.44 -10.25
CA ASN B 532 -6.31 -27.69 -9.31
C ASN B 532 -5.95 -26.20 -9.12
N THR B 533 -5.30 -25.53 -10.05
CA THR B 533 -4.95 -24.13 -9.77
C THR B 533 -6.11 -23.31 -10.30
N TYR B 534 -6.57 -22.29 -9.58
CA TYR B 534 -7.62 -21.41 -10.06
C TYR B 534 -7.13 -20.64 -11.29
N VAL B 535 -7.91 -20.65 -12.36
CA VAL B 535 -7.51 -19.81 -13.53
C VAL B 535 -8.77 -18.98 -13.83
N PRO B 536 -8.70 -17.62 -13.78
CA PRO B 536 -9.85 -16.74 -14.08
C PRO B 536 -10.46 -17.09 -15.43
N LYS B 537 -11.75 -17.36 -15.50
CA LYS B 537 -12.32 -17.59 -16.82
C LYS B 537 -13.50 -16.65 -17.18
N PRO B 538 -13.95 -16.69 -18.42
CA PRO B 538 -15.03 -15.77 -18.89
C PRO B 538 -16.30 -15.87 -17.98
N ASP B 539 -16.87 -14.76 -17.57
CA ASP B 539 -18.04 -14.87 -16.71
C ASP B 539 -19.26 -15.03 -17.66
N LYS B 540 -20.47 -14.88 -17.13
CA LYS B 540 -21.64 -15.14 -18.01
C LYS B 540 -21.75 -14.08 -19.13
N HIS B 541 -21.06 -12.95 -18.99
CA HIS B 541 -21.03 -11.99 -20.12
C HIS B 541 -19.78 -12.13 -20.96
N GLY B 542 -18.94 -13.18 -20.75
CA GLY B 542 -17.75 -13.43 -21.59
C GLY B 542 -16.46 -12.74 -21.08
N ILE B 543 -16.53 -11.99 -20.01
CA ILE B 543 -15.44 -11.08 -19.62
C ILE B 543 -14.56 -11.93 -18.63
N ILE B 544 -13.24 -11.81 -18.81
CA ILE B 544 -12.28 -12.48 -17.90
C ILE B 544 -11.90 -11.34 -16.94
N GLU B 545 -12.11 -11.54 -15.65
CA GLU B 545 -11.77 -10.54 -14.66
C GLU B 545 -10.27 -10.30 -14.57
N GLN B 546 -9.82 -9.04 -14.67
CA GLN B 546 -8.33 -8.82 -14.69
C GLN B 546 -7.57 -9.37 -13.47
N PHE B 547 -8.13 -9.22 -12.27
CA PHE B 547 -7.61 -9.85 -11.03
C PHE B 547 -8.80 -9.85 -10.02
N ASP B 548 -8.66 -10.53 -8.88
CA ASP B 548 -9.80 -10.74 -7.96
C ASP B 548 -10.30 -9.37 -7.48
N GLY B 549 -11.57 -9.08 -7.69
CA GLY B 549 -12.08 -7.82 -7.14
C GLY B 549 -11.93 -6.61 -8.06
N TYR B 550 -11.46 -6.86 -9.28
CA TYR B 550 -11.28 -5.73 -10.21
C TYR B 550 -12.71 -5.25 -10.54
N TYR B 551 -13.67 -6.13 -10.66
CA TYR B 551 -15.04 -5.65 -10.95
C TYR B 551 -15.69 -4.70 -9.93
N ASP B 552 -15.24 -4.71 -8.68
CA ASP B 552 -15.73 -3.80 -7.67
C ASP B 552 -14.94 -2.48 -7.63
N LEU B 553 -13.94 -2.24 -8.50
CA LEU B 553 -13.32 -0.94 -8.48
C LEU B 553 -14.15 0.03 -9.36
N GLU B 554 -13.84 1.29 -9.29
CA GLU B 554 -14.73 2.35 -9.91
C GLU B 554 -14.58 2.33 -11.44
N THR B 555 -15.71 2.25 -12.14
CA THR B 555 -15.68 2.23 -13.62
C THR B 555 -15.54 3.66 -14.15
N ILE B 556 -14.49 3.96 -14.91
CA ILE B 556 -14.28 5.24 -15.48
C ILE B 556 -14.04 4.99 -16.98
N ILE B 557 -14.97 5.48 -17.84
CA ILE B 557 -14.96 5.15 -19.26
C ILE B 557 -15.32 6.50 -19.95
N PRO B 558 -14.41 7.01 -20.82
CA PRO B 558 -13.07 6.36 -21.07
C PRO B 558 -12.08 6.63 -19.93
N ALA B 559 -11.01 5.83 -19.88
CA ALA B 559 -10.14 5.85 -18.74
C ALA B 559 -9.46 7.20 -18.53
N LYS B 560 -9.16 7.98 -19.61
CA LYS B 560 -8.48 9.25 -19.40
C LYS B 560 -9.30 10.27 -18.60
N LYS B 561 -10.58 10.00 -18.41
CA LYS B 561 -11.38 10.92 -17.49
C LYS B 561 -10.73 10.96 -16.09
N VAL B 562 -9.94 9.93 -15.73
CA VAL B 562 -9.27 9.88 -14.39
C VAL B 562 -8.20 10.93 -14.22
N THR B 563 -7.72 11.43 -15.33
CA THR B 563 -6.64 12.46 -15.29
C THR B 563 -7.15 13.76 -14.75
N GLU B 564 -8.48 13.96 -14.78
CA GLU B 564 -9.05 15.17 -14.11
C GLU B 564 -8.77 15.22 -12.58
N ARG B 565 -8.51 14.08 -11.94
CA ARG B 565 -8.24 14.00 -10.51
C ARG B 565 -6.80 14.29 -10.05
N LEU B 566 -5.88 14.45 -10.98
CA LEU B 566 -4.50 14.88 -10.71
C LEU B 566 -4.41 16.21 -9.97
N ILE B 567 -3.48 16.30 -9.04
CA ILE B 567 -3.21 17.54 -8.37
C ILE B 567 -1.97 18.13 -9.00
N LYS B 568 -0.97 17.31 -9.28
CA LYS B 568 0.19 17.81 -10.00
C LYS B 568 0.29 17.00 -11.24
N GLU B 569 0.71 17.62 -12.31
CA GLU B 569 0.71 17.01 -13.61
C GLU B 569 1.61 15.76 -13.68
N ASP B 570 2.69 15.73 -12.93
CA ASP B 570 3.62 14.61 -13.11
C ASP B 570 3.54 13.55 -11.96
N GLU B 571 2.42 13.51 -11.22
CA GLU B 571 2.16 12.43 -10.22
C GLU B 571 2.23 11.05 -10.85
N TYR B 572 2.83 10.09 -10.16
CA TYR B 572 2.72 8.71 -10.60
C TYR B 572 1.22 8.33 -10.50
N TYR B 573 0.69 7.65 -11.52
CA TYR B 573 -0.72 7.25 -11.49
C TYR B 573 -1.07 6.07 -10.61
N GLY B 574 -0.08 5.25 -10.24
CA GLY B 574 -0.46 3.93 -9.70
C GLY B 574 -0.23 3.87 -8.16
N TYR B 575 0.17 2.71 -7.71
CA TYR B 575 0.28 2.38 -6.25
C TYR B 575 1.27 3.26 -5.62
N PRO B 576 1.03 3.65 -4.35
CA PRO B 576 -0.04 3.16 -3.44
C PRO B 576 -1.31 4.01 -3.40
N ASN B 577 -1.23 5.29 -3.69
CA ASN B 577 -2.46 6.08 -3.59
C ASN B 577 -2.64 7.01 -4.79
N GLY B 578 -2.01 6.66 -5.94
CA GLY B 578 -2.31 7.39 -7.23
C GLY B 578 -3.78 7.34 -7.62
N VAL B 579 -4.16 8.20 -8.59
CA VAL B 579 -5.55 8.27 -9.01
C VAL B 579 -6.16 7.01 -9.57
N THR B 580 -5.37 6.04 -10.11
CA THR B 580 -6.02 4.92 -10.67
C THR B 580 -6.23 3.75 -9.72
N VAL B 581 -5.69 3.84 -8.51
CA VAL B 581 -5.58 2.66 -7.62
C VAL B 581 -6.96 2.02 -7.36
N ARG B 582 -7.95 2.81 -7.04
CA ARG B 582 -9.23 2.11 -6.78
C ARG B 582 -10.20 2.28 -7.93
N THR B 583 -9.66 2.34 -9.17
CA THR B 583 -10.51 2.42 -10.31
C THR B 583 -10.17 1.26 -11.27
N GLN B 584 -10.99 1.09 -12.30
CA GLN B 584 -10.71 0.12 -13.32
C GLN B 584 -9.75 0.61 -14.43
N CYS B 585 -9.19 1.81 -14.31
CA CYS B 585 -8.30 2.40 -15.33
C CYS B 585 -7.02 1.54 -15.30
N ILE B 586 -6.58 1.03 -16.47
CA ILE B 586 -5.36 0.23 -16.44
C ILE B 586 -4.27 0.93 -17.29
N LYS B 587 -3.02 0.65 -16.98
CA LYS B 587 -1.88 1.33 -17.64
C LYS B 587 -1.75 0.84 -19.09
N GLN B 588 -2.03 -0.47 -19.30
CA GLN B 588 -1.70 -1.15 -20.47
C GLN B 588 -2.43 -2.51 -20.59
N ALA B 589 -2.37 -3.13 -21.77
CA ALA B 589 -2.90 -4.51 -22.06
C ALA B 589 -2.50 -5.48 -20.94
N ASP B 590 -3.50 -6.18 -20.43
CA ASP B 590 -3.24 -7.13 -19.33
C ASP B 590 -4.03 -8.39 -19.75
N VAL B 591 -5.36 -8.40 -19.58
CA VAL B 591 -6.14 -9.54 -20.25
C VAL B 591 -5.93 -9.57 -21.77
N ILE B 592 -5.86 -8.42 -22.43
CA ILE B 592 -5.66 -8.40 -23.89
C ILE B 592 -4.28 -8.92 -24.23
N GLN B 593 -3.33 -8.68 -23.32
CA GLN B 593 -1.93 -9.26 -23.56
C GLN B 593 -1.99 -10.79 -23.64
N LEU B 594 -2.81 -11.41 -22.79
CA LEU B 594 -3.02 -12.85 -22.87
C LEU B 594 -3.39 -13.31 -24.26
N PHE B 595 -4.32 -12.58 -24.90
CA PHE B 595 -4.76 -13.03 -26.25
C PHE B 595 -3.65 -12.82 -27.28
N VAL B 596 -2.76 -11.81 -27.09
CA VAL B 596 -1.65 -11.64 -28.07
C VAL B 596 -0.75 -12.87 -27.95
N LEU B 597 -0.45 -13.29 -26.75
CA LEU B 597 0.48 -14.43 -26.59
C LEU B 597 -0.16 -15.76 -26.98
N HIS B 598 -1.47 -15.91 -26.81
CA HIS B 598 -2.19 -17.17 -27.04
C HIS B 598 -3.42 -16.83 -27.86
N PRO B 599 -3.28 -16.69 -29.19
CA PRO B 599 -4.36 -16.04 -30.00
C PRO B 599 -5.53 -16.97 -30.19
N HIS B 600 -5.30 -18.25 -30.02
CA HIS B 600 -6.47 -19.20 -30.16
C HIS B 600 -6.94 -19.83 -28.90
N LEU B 601 -6.48 -19.36 -27.75
CA LEU B 601 -6.92 -19.94 -26.51
C LEU B 601 -8.40 -19.68 -26.24
N TYR B 602 -8.87 -18.43 -26.48
CA TYR B 602 -10.29 -18.17 -26.38
C TYR B 602 -10.84 -17.92 -27.80
N ASP B 603 -12.15 -18.08 -27.96
CA ASP B 603 -12.76 -17.93 -29.32
C ASP B 603 -12.93 -16.48 -29.62
N ARG B 604 -13.15 -16.17 -30.89
CA ARG B 604 -13.15 -14.80 -31.36
C ARG B 604 -14.19 -13.90 -30.66
N LYS B 605 -15.29 -14.46 -30.21
CA LYS B 605 -16.35 -13.62 -29.65
C LYS B 605 -15.97 -13.27 -28.20
N THR B 606 -15.41 -14.23 -27.44
CA THR B 606 -14.89 -13.91 -26.08
C THR B 606 -13.81 -12.83 -26.18
N VAL B 607 -12.97 -12.94 -27.20
CA VAL B 607 -11.83 -11.95 -27.29
C VAL B 607 -12.44 -10.57 -27.64
N GLU B 608 -13.42 -10.54 -28.55
CA GLU B 608 -14.08 -9.30 -28.91
C GLU B 608 -14.76 -8.65 -27.71
N LEU B 609 -15.50 -9.45 -26.92
CA LEU B 609 -16.18 -8.90 -25.77
C LEU B 609 -15.15 -8.37 -24.76
N ASN B 610 -14.01 -9.09 -24.59
CA ASN B 610 -13.03 -8.57 -23.64
C ASN B 610 -12.34 -7.34 -24.24
N TYR B 611 -12.13 -7.30 -25.58
CA TYR B 611 -11.49 -6.13 -26.20
C TYR B 611 -12.43 -4.97 -25.88
N GLU B 612 -13.70 -5.16 -26.15
CA GLU B 612 -14.68 -3.99 -26.07
C GLU B 612 -14.90 -3.53 -24.60
N PHE B 613 -14.67 -4.45 -23.66
CA PHE B 613 -14.72 -4.10 -22.23
C PHE B 613 -13.46 -3.40 -21.78
N TYR B 614 -12.28 -3.94 -22.12
CA TYR B 614 -11.01 -3.34 -21.56
C TYR B 614 -10.45 -2.21 -22.39
N GLU B 615 -10.64 -2.17 -23.71
CA GLU B 615 -9.99 -1.07 -24.42
C GLU B 615 -10.36 0.31 -23.85
N PRO B 616 -11.66 0.58 -23.64
CA PRO B 616 -12.08 1.93 -23.13
C PRO B 616 -11.64 2.20 -21.71
N ARG B 617 -11.16 1.16 -21.01
CA ARG B 617 -10.64 1.32 -19.65
C ARG B 617 -9.08 1.32 -19.63
N THR B 618 -8.47 1.37 -20.80
CA THR B 618 -7.00 1.39 -20.82
C THR B 618 -6.50 2.78 -21.15
N LEU B 619 -5.60 3.26 -20.33
CA LEU B 619 -4.94 4.53 -20.51
C LEU B 619 -3.91 4.50 -21.65
N HIS B 620 -3.29 3.32 -21.88
CA HIS B 620 -2.12 3.19 -22.86
C HIS B 620 -1.04 4.13 -22.44
N PHE B 621 -0.71 4.12 -21.13
CA PHE B 621 0.38 4.95 -20.67
C PHE B 621 1.66 4.13 -20.64
N SER B 622 1.72 2.96 -21.27
CA SER B 622 3.02 2.36 -21.57
C SER B 622 2.98 2.27 -23.11
N SER B 623 4.09 2.57 -23.74
CA SER B 623 4.32 2.22 -25.14
C SER B 623 4.06 0.80 -25.55
N LEU B 624 4.05 -0.18 -24.59
CA LEU B 624 3.74 -1.58 -24.85
C LEU B 624 2.24 -1.76 -25.23
N SER B 625 1.36 -0.79 -24.88
CA SER B 625 -0.09 -1.09 -24.94
C SER B 625 -0.71 -1.04 -26.35
N PRO B 626 -0.51 0.04 -27.14
CA PRO B 626 -1.29 0.16 -28.41
C PRO B 626 -1.05 -1.01 -29.37
N SER B 627 0.20 -1.56 -29.45
CA SER B 627 0.41 -2.63 -30.36
C SER B 627 -0.37 -3.90 -29.92
N SER B 628 -0.53 -4.12 -28.59
CA SER B 628 -1.28 -5.35 -28.17
C SER B 628 -2.72 -5.24 -28.60
N TYR B 629 -3.29 -4.07 -28.41
CA TYR B 629 -4.67 -3.88 -28.85
C TYR B 629 -4.76 -3.91 -30.41
N ALA B 630 -3.75 -3.38 -31.09
CA ALA B 630 -3.72 -3.57 -32.63
C ALA B 630 -3.79 -5.00 -33.05
N ILE B 631 -2.97 -5.86 -32.42
CA ILE B 631 -2.86 -7.25 -32.83
C ILE B 631 -4.19 -7.95 -32.56
N VAL B 632 -4.75 -7.78 -31.34
CA VAL B 632 -6.07 -8.42 -31.04
C VAL B 632 -7.17 -7.82 -32.00
N ALA B 633 -7.23 -6.52 -32.14
CA ALA B 633 -8.26 -5.92 -33.06
C ALA B 633 -8.20 -6.53 -34.45
N ALA B 634 -6.98 -6.80 -34.93
CA ALA B 634 -6.82 -7.23 -36.36
C ALA B 634 -7.52 -8.59 -36.47
N GLN B 635 -7.47 -9.40 -35.42
CA GLN B 635 -8.06 -10.72 -35.60
C GLN B 635 -9.47 -11.00 -35.02
N ILE B 636 -10.14 -9.96 -34.62
CA ILE B 636 -11.58 -10.05 -34.42
C ILE B 636 -12.30 -9.11 -35.45
N ASP B 637 -11.64 -8.89 -36.59
CA ASP B 637 -12.13 -8.08 -37.69
C ASP B 637 -12.54 -6.71 -37.28
N LYS B 638 -11.70 -6.09 -36.48
CA LYS B 638 -11.86 -4.72 -36.23
C LYS B 638 -10.55 -4.16 -36.94
N VAL B 639 -10.46 -4.33 -38.24
CA VAL B 639 -9.22 -3.98 -38.97
C VAL B 639 -8.89 -2.53 -38.96
N GLU B 640 -9.92 -1.66 -39.10
CA GLU B 640 -9.62 -0.25 -39.14
C GLU B 640 -9.26 0.28 -37.78
N GLU B 641 -9.90 -0.25 -36.73
CA GLU B 641 -9.47 0.08 -35.37
C GLU B 641 -8.01 -0.44 -35.09
N ALA B 642 -7.73 -1.60 -35.63
CA ALA B 642 -6.35 -2.14 -35.49
C ALA B 642 -5.34 -1.22 -36.16
N TYR B 643 -5.71 -0.81 -37.39
CA TYR B 643 -4.89 0.17 -38.11
C TYR B 643 -4.61 1.42 -37.30
N ARG B 644 -5.63 2.00 -36.64
CA ARG B 644 -5.44 3.18 -35.82
C ARG B 644 -4.48 2.90 -34.65
N ASN B 645 -4.61 1.74 -34.03
CA ASN B 645 -3.71 1.44 -32.92
C ASN B 645 -2.26 1.17 -33.50
N PHE B 646 -2.18 0.54 -34.67
CA PHE B 646 -0.90 0.45 -35.40
C PHE B 646 -0.25 1.78 -35.57
N ARG B 647 -0.99 2.83 -36.04
CA ARG B 647 -0.40 4.12 -36.17
C ARG B 647 0.05 4.74 -34.83
N LYS B 648 -0.77 4.61 -33.81
CA LYS B 648 -0.40 5.07 -32.43
C LYS B 648 0.97 4.46 -32.10
N SER B 649 1.06 3.17 -32.26
CA SER B 649 2.25 2.45 -31.83
C SER B 649 3.50 2.85 -32.71
N VAL B 650 3.38 2.89 -34.07
CA VAL B 650 4.57 3.05 -34.93
C VAL B 650 5.04 4.46 -34.89
N MET B 651 4.17 5.39 -34.48
CA MET B 651 4.53 6.81 -34.45
C MET B 651 4.95 7.35 -33.05
N ILE B 652 4.99 6.52 -31.99
CA ILE B 652 5.23 6.93 -30.61
C ILE B 652 6.48 7.83 -30.54
N ASP B 653 7.61 7.37 -31.12
CA ASP B 653 8.84 8.26 -31.10
C ASP B 653 8.85 9.29 -32.24
N LEU B 654 8.66 8.84 -33.46
CA LEU B 654 8.68 9.79 -34.59
C LEU B 654 7.89 11.06 -34.41
N LEU B 655 6.70 10.95 -33.87
CA LEU B 655 5.88 12.17 -33.64
C LEU B 655 5.77 12.58 -32.19
N ASN B 656 6.69 12.08 -31.37
CA ASN B 656 6.86 12.39 -29.93
C ASN B 656 5.72 12.23 -28.80
N THR B 657 4.91 11.16 -28.77
CA THR B 657 3.61 11.26 -28.06
C THR B 657 3.51 10.76 -26.59
N ASN B 658 4.61 10.26 -26.01
CA ASN B 658 4.58 9.71 -24.64
C ASN B 658 5.40 10.52 -23.58
N GLU B 659 4.93 10.46 -22.32
CA GLU B 659 5.61 11.00 -21.09
C GLU B 659 7.14 10.74 -20.92
N ALA B 660 7.96 11.80 -20.96
CA ALA B 660 9.43 11.80 -20.64
C ALA B 660 9.69 11.54 -19.13
N VAL B 661 8.77 12.01 -18.26
CA VAL B 661 8.92 11.97 -16.76
C VAL B 661 7.62 11.52 -16.08
N SER B 662 7.81 10.75 -15.00
CA SER B 662 6.68 10.28 -14.17
C SER B 662 7.26 10.01 -12.78
N GLY B 663 6.49 10.34 -11.72
CA GLY B 663 6.94 10.24 -10.32
C GLY B 663 8.37 10.67 -10.06
N GLY B 664 8.80 11.76 -10.71
CA GLY B 664 10.19 12.28 -10.59
C GLY B 664 11.34 11.48 -11.26
N THR B 665 11.02 10.39 -11.97
CA THR B 665 12.05 9.63 -12.72
C THR B 665 11.90 9.90 -14.22
N PHE B 666 13.05 10.11 -14.91
CA PHE B 666 13.16 10.14 -16.42
C PHE B 666 12.82 8.75 -17.05
N ILE B 667 11.81 8.76 -17.93
CA ILE B 667 11.19 7.59 -18.62
C ILE B 667 11.37 7.63 -20.19
N GLY B 668 12.15 8.62 -20.68
CA GLY B 668 12.11 9.04 -22.12
C GLY B 668 13.24 8.39 -22.89
N GLY B 669 13.53 8.82 -24.12
CA GLY B 669 14.34 7.89 -25.02
C GLY B 669 13.52 7.09 -26.05
N ILE B 670 14.18 6.25 -26.82
CA ILE B 670 13.46 5.45 -27.86
C ILE B 670 12.73 4.26 -27.21
N HIS B 671 11.54 3.93 -27.68
CA HIS B 671 10.76 2.82 -27.00
C HIS B 671 11.00 1.50 -27.68
N THR B 672 11.97 0.75 -27.16
CA THR B 672 12.47 -0.41 -27.91
C THR B 672 11.39 -1.46 -28.04
N ALA B 673 10.56 -1.68 -27.00
CA ALA B 673 9.51 -2.75 -27.20
C ALA B 673 8.55 -2.40 -28.35
N ALA B 674 8.18 -1.14 -28.40
CA ALA B 674 7.30 -0.68 -29.50
C ALA B 674 7.98 -0.81 -30.85
N ASN B 675 9.30 -0.59 -30.91
CA ASN B 675 10.06 -0.91 -32.14
C ASN B 675 9.94 -2.38 -32.59
N GLY B 676 10.14 -3.29 -31.66
CA GLY B 676 9.88 -4.69 -31.96
C GLY B 676 8.42 -4.98 -32.32
N ALA B 677 7.47 -4.32 -31.66
CA ALA B 677 6.13 -4.76 -31.93
C ALA B 677 5.71 -4.30 -33.31
N SER B 678 6.39 -3.29 -33.91
CA SER B 678 5.99 -2.81 -35.27
C SER B 678 5.92 -3.96 -36.26
N TRP B 679 6.92 -4.83 -36.22
CA TRP B 679 6.99 -5.98 -37.11
C TRP B 679 5.90 -6.93 -36.73
N GLN B 680 5.64 -7.11 -35.41
CA GLN B 680 4.61 -8.10 -35.00
C GLN B 680 3.25 -7.68 -35.42
N MET B 681 2.94 -6.40 -35.37
CA MET B 681 1.62 -5.91 -35.75
C MET B 681 1.33 -6.24 -37.21
N VAL B 682 2.37 -6.16 -38.03
CA VAL B 682 2.13 -6.51 -39.50
C VAL B 682 2.02 -7.98 -39.68
N VAL B 683 2.95 -8.75 -39.11
CA VAL B 683 3.08 -10.19 -39.41
C VAL B 683 2.21 -11.03 -38.54
N ASN B 684 2.24 -10.85 -37.21
CA ASN B 684 1.33 -11.62 -36.32
C ASN B 684 -0.09 -11.03 -36.21
N GLY B 685 -0.19 -9.72 -36.36
CA GLY B 685 -1.46 -8.94 -36.24
C GLY B 685 -2.25 -9.04 -37.54
N PHE B 686 -1.94 -8.17 -38.47
CA PHE B 686 -2.61 -8.23 -39.81
C PHE B 686 -2.43 -9.54 -40.52
N GLY B 687 -1.22 -10.11 -40.57
CA GLY B 687 -0.95 -11.40 -41.21
C GLY B 687 -1.56 -12.60 -40.48
N GLY B 688 -1.70 -12.48 -39.17
CA GLY B 688 -2.28 -13.53 -38.38
C GLY B 688 -1.38 -14.71 -38.22
N LEU B 689 -0.07 -14.51 -38.39
CA LEU B 689 0.88 -15.63 -38.30
C LEU B 689 0.95 -16.15 -36.82
N SER B 690 0.66 -17.44 -36.59
CA SER B 690 0.98 -18.10 -35.27
C SER B 690 1.32 -19.53 -35.54
N VAL B 691 2.07 -20.18 -34.62
CA VAL B 691 2.46 -21.59 -34.78
C VAL B 691 2.00 -22.33 -33.51
N HIS B 692 1.16 -23.34 -33.64
CA HIS B 692 0.73 -24.09 -32.47
C HIS B 692 1.54 -25.36 -32.18
N GLY B 693 1.46 -26.40 -33.00
CA GLY B 693 2.40 -27.52 -32.81
C GLY B 693 3.19 -27.61 -34.08
N ASP B 694 2.80 -28.54 -34.94
CA ASP B 694 3.21 -28.54 -36.32
C ASP B 694 2.33 -27.59 -37.13
N ASP B 695 1.33 -27.00 -36.46
CA ASP B 695 0.31 -26.18 -37.15
C ASP B 695 0.75 -24.71 -37.38
N ILE B 696 0.87 -24.29 -38.64
CA ILE B 696 1.07 -22.87 -38.97
C ILE B 696 -0.28 -22.18 -39.34
N HIS B 697 -0.67 -21.12 -38.64
CA HIS B 697 -1.83 -20.31 -38.95
C HIS B 697 -1.45 -19.06 -39.64
N LEU B 698 -2.23 -18.71 -40.67
CA LEU B 698 -2.16 -17.36 -41.28
C LEU B 698 -3.57 -16.92 -41.44
N SER B 699 -3.83 -15.61 -41.31
CA SER B 699 -5.19 -15.12 -41.47
C SER B 699 -5.10 -13.68 -42.02
N PRO B 700 -4.64 -13.51 -43.26
CA PRO B 700 -4.18 -12.14 -43.56
C PRO B 700 -5.34 -11.17 -43.83
N ARG B 701 -5.37 -10.07 -43.12
CA ARG B 701 -6.30 -8.99 -43.29
C ARG B 701 -5.50 -7.81 -43.84
N LEU B 702 -6.23 -6.85 -44.37
CA LEU B 702 -5.62 -5.73 -45.11
C LEU B 702 -6.31 -4.41 -44.74
N PRO B 703 -5.58 -3.47 -44.11
CA PRO B 703 -6.13 -2.17 -43.73
C PRO B 703 -6.47 -1.50 -45.04
N ASP B 704 -7.52 -0.67 -45.02
CA ASP B 704 -7.90 0.10 -46.21
C ASP B 704 -6.80 1.04 -46.63
N ALA B 705 -5.98 1.50 -45.72
CA ALA B 705 -4.90 2.39 -46.12
C ALA B 705 -3.77 1.74 -46.98
N TRP B 706 -3.69 0.43 -47.11
CA TRP B 706 -2.64 -0.23 -47.90
C TRP B 706 -3.20 -1.01 -49.04
N ASP B 707 -2.39 -1.23 -50.09
CA ASP B 707 -2.79 -2.16 -51.18
C ASP B 707 -2.24 -3.51 -51.07
N GLY B 708 -1.37 -3.77 -50.10
CA GLY B 708 -0.84 -5.10 -49.93
C GLY B 708 0.33 -5.00 -48.98
N TYR B 709 0.92 -6.13 -48.64
CA TYR B 709 2.17 -6.11 -47.89
C TYR B 709 2.79 -7.47 -48.08
N THR B 710 4.08 -7.59 -47.77
CA THR B 710 4.75 -8.83 -47.96
C THR B 710 5.73 -8.98 -46.84
N PHE B 711 5.91 -10.23 -46.40
CA PHE B 711 6.88 -10.51 -45.36
C PHE B 711 7.38 -11.90 -45.50
N LYS B 712 8.56 -12.16 -44.90
CA LYS B 712 9.16 -13.50 -44.81
C LYS B 712 8.97 -14.04 -43.42
N ALA B 713 8.79 -15.36 -43.33
CA ALA B 713 8.73 -16.02 -42.05
C ALA B 713 9.36 -17.36 -42.18
N ILE B 714 10.21 -17.69 -41.23
CA ILE B 714 10.99 -18.92 -41.26
C ILE B 714 10.33 -19.78 -40.21
N VAL B 715 9.79 -20.93 -40.63
CA VAL B 715 9.12 -21.85 -39.71
C VAL B 715 9.70 -23.22 -39.97
N LYS B 716 10.25 -23.79 -38.88
CA LYS B 716 10.96 -25.05 -38.90
C LYS B 716 12.05 -25.07 -39.98
N GLY B 717 12.88 -24.04 -39.98
CA GLY B 717 13.90 -23.87 -41.00
C GLY B 717 13.38 -23.62 -42.44
N GLN B 718 12.08 -23.57 -42.70
CA GLN B 718 11.61 -23.26 -44.06
C GLN B 718 11.38 -21.76 -44.20
N THR B 719 12.02 -21.09 -45.14
CA THR B 719 11.75 -19.65 -45.37
C THR B 719 10.59 -19.48 -46.26
N LEU B 720 9.48 -19.00 -45.70
CA LEU B 720 8.29 -18.70 -46.39
C LEU B 720 8.16 -17.22 -46.69
N GLU B 721 7.59 -16.91 -47.83
CA GLU B 721 7.28 -15.53 -48.15
C GLU B 721 5.80 -15.38 -48.34
N VAL B 722 5.20 -14.45 -47.59
CA VAL B 722 3.77 -14.27 -47.59
C VAL B 722 3.43 -12.94 -48.28
N ASP B 723 2.64 -12.99 -49.34
CA ASP B 723 2.34 -11.77 -50.02
C ASP B 723 0.87 -11.63 -50.13
N VAL B 724 0.37 -10.42 -49.78
CA VAL B 724 -1.02 -10.19 -49.53
C VAL B 724 -1.34 -9.04 -50.42
N THR B 725 -2.36 -9.17 -51.30
CA THR B 725 -2.83 -8.09 -52.17
C THR B 725 -4.30 -7.96 -51.85
N LYS B 726 -4.99 -7.02 -52.49
CA LYS B 726 -6.44 -6.93 -52.40
C LYS B 726 -7.10 -8.28 -52.68
N GLU B 727 -6.86 -8.82 -53.87
CA GLU B 727 -7.50 -10.07 -54.28
C GLU B 727 -6.96 -11.33 -53.58
N GLN B 728 -5.64 -11.43 -53.39
CA GLN B 728 -5.07 -12.71 -52.93
C GLN B 728 -3.96 -12.80 -51.90
N ILE B 729 -3.70 -14.05 -51.49
CA ILE B 729 -2.61 -14.43 -50.62
C ILE B 729 -1.79 -15.50 -51.33
N THR B 730 -0.50 -15.19 -51.46
CA THR B 730 0.48 -16.07 -52.04
C THR B 730 1.50 -16.49 -50.98
N ILE B 731 1.71 -17.81 -50.82
CA ILE B 731 2.76 -18.35 -49.99
C ILE B 731 3.82 -19.13 -50.80
N THR B 732 5.06 -18.67 -50.76
CA THR B 732 6.16 -19.27 -51.50
C THR B 732 7.15 -19.87 -50.52
N ASN B 733 7.40 -21.16 -50.68
CA ASN B 733 8.50 -21.76 -49.98
C ASN B 733 9.79 -21.57 -50.75
N LYS B 734 10.59 -20.61 -50.32
CA LYS B 734 11.95 -20.51 -50.84
C LYS B 734 12.77 -21.58 -50.11
N SER B 735 13.92 -21.98 -50.63
CA SER B 735 14.87 -22.80 -49.81
C SER B 735 15.35 -24.17 -50.32
N GLU B 736 16.66 -24.33 -50.43
CA GLU B 736 17.31 -25.63 -50.66
C GLU B 736 16.58 -26.88 -50.09
N ASP B 737 16.77 -27.16 -48.80
CA ASP B 737 16.25 -28.41 -48.25
C ASP B 737 14.79 -28.24 -47.79
N ARG B 738 13.92 -28.07 -48.80
CA ARG B 738 12.52 -27.76 -48.60
C ARG B 738 11.69 -29.00 -48.19
N LYS B 739 10.92 -28.93 -47.09
CA LYS B 739 10.00 -30.00 -46.64
C LYS B 739 8.53 -29.56 -46.76
N PRO B 740 7.57 -30.52 -46.75
CA PRO B 740 6.12 -30.19 -46.66
C PRO B 740 5.66 -29.56 -45.32
N LEU B 741 4.75 -28.58 -45.35
CA LEU B 741 4.36 -27.94 -44.07
C LEU B 741 2.96 -28.16 -43.54
N THR B 742 1.92 -27.87 -44.31
CA THR B 742 0.50 -27.80 -43.75
C THR B 742 0.11 -26.52 -42.97
N LEU B 743 -0.75 -25.75 -43.64
CA LEU B 743 -1.20 -24.45 -43.18
C LEU B 743 -2.55 -24.52 -42.49
N HIS B 744 -3.10 -23.34 -42.24
CA HIS B 744 -4.46 -23.16 -41.75
C HIS B 744 -4.59 -21.73 -42.13
N ILE B 745 -5.24 -21.50 -43.27
CA ILE B 745 -5.52 -20.16 -43.72
C ILE B 745 -6.98 -19.84 -43.45
N PHE B 746 -7.20 -18.87 -42.55
CA PHE B 746 -8.55 -18.52 -42.10
C PHE B 746 -9.27 -19.80 -41.60
N GLY B 747 -8.57 -20.67 -40.89
CA GLY B 747 -9.21 -21.88 -40.42
C GLY B 747 -9.36 -23.01 -41.41
N GLU B 748 -8.87 -22.93 -42.65
CA GLU B 748 -8.77 -24.18 -43.47
C GLU B 748 -7.39 -24.76 -43.77
N LYS B 749 -7.25 -26.08 -43.50
CA LYS B 749 -6.02 -26.86 -43.70
C LYS B 749 -5.61 -27.04 -45.17
N SER B 750 -4.34 -26.90 -45.51
CA SER B 750 -3.93 -26.88 -46.92
C SER B 750 -2.46 -27.20 -47.19
N VAL B 751 -1.97 -28.23 -46.51
CA VAL B 751 -0.63 -28.82 -46.76
C VAL B 751 0.24 -28.14 -47.85
N LEU B 752 1.23 -27.32 -47.46
CA LEU B 752 2.03 -26.66 -48.50
C LEU B 752 3.14 -27.56 -49.04
N ASP B 753 3.07 -27.78 -50.36
CA ASP B 753 4.20 -28.28 -51.13
C ASP B 753 4.65 -27.40 -52.31
N SER B 754 5.85 -26.87 -52.09
CA SER B 754 6.72 -26.32 -53.13
C SER B 754 6.10 -25.20 -53.96
N GLU B 755 6.17 -23.99 -53.40
CA GLU B 755 6.01 -22.66 -54.07
C GLU B 755 4.63 -22.20 -54.61
N ARG B 756 3.77 -23.14 -54.95
CA ARG B 756 2.40 -22.78 -55.27
C ARG B 756 1.66 -22.66 -53.96
N ILE B 757 0.76 -21.70 -53.90
CA ILE B 757 -0.46 -21.68 -53.08
C ILE B 757 -0.95 -20.24 -53.02
N THR B 758 -1.85 -19.93 -53.94
CA THR B 758 -2.52 -18.66 -54.01
C THR B 758 -3.92 -18.97 -53.54
N LYS B 759 -4.51 -18.15 -52.67
CA LYS B 759 -5.92 -18.30 -52.29
C LYS B 759 -6.53 -16.87 -52.32
N SER B 760 -7.79 -16.65 -51.94
CA SER B 760 -8.37 -15.30 -52.11
C SER B 760 -8.83 -14.62 -50.81
N ARG B 761 -9.71 -13.61 -50.93
CA ARG B 761 -10.20 -12.89 -49.73
C ARG B 761 -10.50 -13.87 -48.61
#